data_3EL1
# 
_entry.id   3EL1 
# 
_audit_conform.dict_name       mmcif_pdbx.dic 
_audit_conform.dict_version    5.387 
_audit_conform.dict_location   http://mmcif.pdb.org/dictionaries/ascii/mmcif_pdbx.dic 
# 
loop_
_database_2.database_id 
_database_2.database_code 
_database_2.pdbx_database_accession 
_database_2.pdbx_DOI 
PDB   3EL1         pdb_00003el1 10.2210/pdb3el1/pdb 
RCSB  RCSB049455   ?            ?                   
WWPDB D_1000049455 ?            ?                   
# 
loop_
_pdbx_audit_revision_history.ordinal 
_pdbx_audit_revision_history.data_content_type 
_pdbx_audit_revision_history.major_revision 
_pdbx_audit_revision_history.minor_revision 
_pdbx_audit_revision_history.revision_date 
1 'Structure model' 1 0 2009-09-01 
2 'Structure model' 1 1 2011-07-13 
3 'Structure model' 1 2 2012-10-17 
4 'Structure model' 1 3 2017-10-25 
5 'Structure model' 1 4 2021-10-20 
6 'Structure model' 1 5 2023-08-30 
7 'Structure model' 1 6 2024-03-13 
# 
_pdbx_audit_revision_details.ordinal             1 
_pdbx_audit_revision_details.revision_ordinal    1 
_pdbx_audit_revision_details.data_content_type   'Structure model' 
_pdbx_audit_revision_details.provider            repository 
_pdbx_audit_revision_details.type                'Initial release' 
_pdbx_audit_revision_details.description         ? 
_pdbx_audit_revision_details.details             ? 
# 
loop_
_pdbx_audit_revision_group.ordinal 
_pdbx_audit_revision_group.revision_ordinal 
_pdbx_audit_revision_group.data_content_type 
_pdbx_audit_revision_group.group 
1  2 'Structure model' 'Version format compliance' 
2  3 'Structure model' 'Database references'       
3  4 'Structure model' 'Refinement description'    
4  5 'Structure model' 'Database references'       
5  5 'Structure model' 'Derived calculations'      
6  5 'Structure model' 'Structure summary'         
7  6 'Structure model' 'Data collection'           
8  6 'Structure model' 'Refinement description'    
9  7 'Structure model' 'Source and taxonomy'       
10 7 'Structure model' 'Structure summary'         
# 
loop_
_pdbx_audit_revision_category.ordinal 
_pdbx_audit_revision_category.revision_ordinal 
_pdbx_audit_revision_category.data_content_type 
_pdbx_audit_revision_category.category 
1  4 'Structure model' software                      
2  5 'Structure model' chem_comp                     
3  5 'Structure model' database_2                    
4  5 'Structure model' entity                        
5  5 'Structure model' pdbx_entity_nonpoly           
6  5 'Structure model' struct_ref_seq_dif            
7  5 'Structure model' struct_site                   
8  6 'Structure model' chem_comp_atom                
9  6 'Structure model' chem_comp_bond                
10 6 'Structure model' pdbx_initial_refinement_model 
11 7 'Structure model' entity                        
12 7 'Structure model' pdbx_entity_src_syn           
# 
loop_
_pdbx_audit_revision_item.ordinal 
_pdbx_audit_revision_item.revision_ordinal 
_pdbx_audit_revision_item.data_content_type 
_pdbx_audit_revision_item.item 
1  5 'Structure model' '_chem_comp.name'                     
2  5 'Structure model' '_chem_comp.pdbx_synonyms'            
3  5 'Structure model' '_database_2.pdbx_DOI'                
4  5 'Structure model' '_database_2.pdbx_database_accession' 
5  5 'Structure model' '_entity.pdbx_description'            
6  5 'Structure model' '_pdbx_entity_nonpoly.name'           
7  5 'Structure model' '_struct_ref_seq_dif.details'         
8  5 'Structure model' '_struct_site.pdbx_auth_asym_id'      
9  5 'Structure model' '_struct_site.pdbx_auth_comp_id'      
10 5 'Structure model' '_struct_site.pdbx_auth_seq_id'       
11 7 'Structure model' '_entity.details'                     
# 
_pdbx_database_status.status_code                     REL 
_pdbx_database_status.entry_id                        3EL1 
_pdbx_database_status.recvd_initial_deposition_date   2008-09-19 
_pdbx_database_status.deposit_site                    RCSB 
_pdbx_database_status.process_site                    RCSB 
_pdbx_database_status.status_code_sf                  REL 
_pdbx_database_status.status_code_mr                  ? 
_pdbx_database_status.SG_entry                        ? 
_pdbx_database_status.status_code_cs                  ? 
_pdbx_database_status.pdb_format_compatible           Y 
_pdbx_database_status.methods_development_category    ? 
_pdbx_database_status.status_code_nmr_data            ? 
# 
loop_
_pdbx_database_related.db_name 
_pdbx_database_related.db_id 
_pdbx_database_related.details 
_pdbx_database_related.content_type 
PDB 3EKP . unspecified 
PDB 3EKQ . unspecified 
PDB 3EKT . unspecified 
PDB 3EKV . unspecified 
PDB 3EKW . unspecified 
PDB 3EKX . unspecified 
PDB 3EKY . unspecified 
PDB 3EL0 . unspecified 
PDB 3EL4 . unspecified 
PDB 3EL5 . unspecified 
PDB 3EM3 . unspecified 
PDB 3EM4 . unspecified 
PDB 3EM6 . unspecified 
# 
loop_
_audit_author.name 
_audit_author.pdbx_ordinal 
'Schiffer, C.A.' 1 
'Nalam, M.N.L.'  2 
# 
_citation.id                        primary 
_citation.title                     'Extreme Entropy-Enthalpy Compensation in a Drug-Resistant Variant of HIV-1 Protease.' 
_citation.journal_abbrev            'Acs Chem.Biol.' 
_citation.journal_volume            7 
_citation.page_first                1536 
_citation.page_last                 1546 
_citation.year                      2012 
_citation.journal_id_ASTM           ? 
_citation.country                   US 
_citation.journal_id_ISSN           1554-8929 
_citation.journal_id_CSD            ? 
_citation.book_publisher            ? 
_citation.pdbx_database_id_PubMed   22712830 
_citation.pdbx_database_id_DOI      10.1021/cb300191k 
# 
loop_
_citation_author.citation_id 
_citation_author.name 
_citation_author.ordinal 
_citation_author.identifier_ORCID 
primary 'King, N.M.'          1 ? 
primary 'Prabu-Jeyabalan, M.' 2 ? 
primary 'Bandaranayake, R.M.' 3 ? 
primary 'Nalam, M.N.'         4 ? 
primary 'Nalivaika, E.A.'     5 ? 
primary 'Ozen, A.'            6 ? 
primary 'Yilmaz, N.K.'        7 ? 
primary 'Schiffer, C.A.'      8 ? 
# 
loop_
_entity.id 
_entity.type 
_entity.src_method 
_entity.pdbx_description 
_entity.formula_weight 
_entity.pdbx_number_of_molecules 
_entity.pdbx_ec 
_entity.pdbx_mutation 
_entity.pdbx_fragment 
_entity.details 
1 polymer     man Protease 10801.763 2  3.4.23.16 Q7K 'UNP residues 491-589' ?                        
2 non-polymer syn 
;(3S,8S,9S,12S)-3,12-BIS(1,1-DIMETHYLETHYL)-8-HYDROXY-4,11-DIOXO-9-(PHENYLMETHYL)-6-[[4-(2-PYRIDINYL)PHENYL]METHYL]-2,5, 6,10,13-PENTAAZATETRADECANEDIOIC ACID DIMETHYL ESTER
;
704.855   1  ?         ?   ?                      'chemically synthesized' 
3 non-polymer syn 'ACETATE ION' 59.044    3  ?         ?   ?                      ?                        
4 water       nat water 18.015    74 ?         ?   ?                      ?                        
# 
_entity_name_com.entity_id   1 
_entity_name_com.name        'Retropepsin, PR' 
# 
_entity_poly.entity_id                      1 
_entity_poly.type                           'polypeptide(L)' 
_entity_poly.nstd_linkage                   no 
_entity_poly.nstd_monomer                   no 
_entity_poly.pdbx_seq_one_letter_code       
;PQITLWKRPLVTIRIGGQLKEALLDTGADDTVLEEMNLPGKWKPKMIGGIGGFIKVRQYDQIPVEICGHKAIGTVLVGPT
PVNIIGRNLLTQIGCTLNF
;
_entity_poly.pdbx_seq_one_letter_code_can   
;PQITLWKRPLVTIRIGGQLKEALLDTGADDTVLEEMNLPGKWKPKMIGGIGGFIKVRQYDQIPVEICGHKAIGTVLVGPT
PVNIIGRNLLTQIGCTLNF
;
_entity_poly.pdbx_strand_id                 A,B 
_entity_poly.pdbx_target_identifier         ? 
# 
loop_
_pdbx_entity_nonpoly.entity_id 
_pdbx_entity_nonpoly.name 
_pdbx_entity_nonpoly.comp_id 
2 
;(3S,8S,9S,12S)-3,12-BIS(1,1-DIMETHYLETHYL)-8-HYDROXY-4,11-DIOXO-9-(PHENYLMETHYL)-6-[[4-(2-PYRIDINYL)PHENYL]METHYL]-2,5, 6,10,13-PENTAAZATETRADECANEDIOIC ACID DIMETHYL ESTER
;
DR7 
3 'ACETATE ION' ACT 
4 water HOH 
# 
loop_
_entity_poly_seq.entity_id 
_entity_poly_seq.num 
_entity_poly_seq.mon_id 
_entity_poly_seq.hetero 
1 1  PRO n 
1 2  GLN n 
1 3  ILE n 
1 4  THR n 
1 5  LEU n 
1 6  TRP n 
1 7  LYS n 
1 8  ARG n 
1 9  PRO n 
1 10 LEU n 
1 11 VAL n 
1 12 THR n 
1 13 ILE n 
1 14 ARG n 
1 15 ILE n 
1 16 GLY n 
1 17 GLY n 
1 18 GLN n 
1 19 LEU n 
1 20 LYS n 
1 21 GLU n 
1 22 ALA n 
1 23 LEU n 
1 24 LEU n 
1 25 ASP n 
1 26 THR n 
1 27 GLY n 
1 28 ALA n 
1 29 ASP n 
1 30 ASP n 
1 31 THR n 
1 32 VAL n 
1 33 LEU n 
1 34 GLU n 
1 35 GLU n 
1 36 MET n 
1 37 ASN n 
1 38 LEU n 
1 39 PRO n 
1 40 GLY n 
1 41 LYS n 
1 42 TRP n 
1 43 LYS n 
1 44 PRO n 
1 45 LYS n 
1 46 MET n 
1 47 ILE n 
1 48 GLY n 
1 49 GLY n 
1 50 ILE n 
1 51 GLY n 
1 52 GLY n 
1 53 PHE n 
1 54 ILE n 
1 55 LYS n 
1 56 VAL n 
1 57 ARG n 
1 58 GLN n 
1 59 TYR n 
1 60 ASP n 
1 61 GLN n 
1 62 ILE n 
1 63 PRO n 
1 64 VAL n 
1 65 GLU n 
1 66 ILE n 
1 67 CYS n 
1 68 GLY n 
1 69 HIS n 
1 70 LYS n 
1 71 ALA n 
1 72 ILE n 
1 73 GLY n 
1 74 THR n 
1 75 VAL n 
1 76 LEU n 
1 77 VAL n 
1 78 GLY n 
1 79 PRO n 
1 80 THR n 
1 81 PRO n 
1 82 VAL n 
1 83 ASN n 
1 84 ILE n 
1 85 ILE n 
1 86 GLY n 
1 87 ARG n 
1 88 ASN n 
1 89 LEU n 
1 90 LEU n 
1 91 THR n 
1 92 GLN n 
1 93 ILE n 
1 94 GLY n 
1 95 CYS n 
1 96 THR n 
1 97 LEU n 
1 98 ASN n 
1 99 PHE n 
# 
_entity_src_gen.entity_id                          1 
_entity_src_gen.pdbx_src_id                        1 
_entity_src_gen.pdbx_alt_source_flag               sample 
_entity_src_gen.pdbx_seq_type                      ? 
_entity_src_gen.pdbx_beg_seq_num                   ? 
_entity_src_gen.pdbx_end_seq_num                   ? 
_entity_src_gen.gene_src_common_name               HIV-1 
_entity_src_gen.gene_src_genus                     ? 
_entity_src_gen.pdbx_gene_src_gene                 gag-pol 
_entity_src_gen.gene_src_species                   ? 
_entity_src_gen.gene_src_strain                    HXB2 
_entity_src_gen.gene_src_tissue                    ? 
_entity_src_gen.gene_src_tissue_fraction           ? 
_entity_src_gen.gene_src_details                   ? 
_entity_src_gen.pdbx_gene_src_fragment             ? 
_entity_src_gen.pdbx_gene_src_scientific_name      'HIV-1 M:B_ARV2/SF2' 
_entity_src_gen.pdbx_gene_src_ncbi_taxonomy_id     11685 
_entity_src_gen.pdbx_gene_src_variant              ? 
_entity_src_gen.pdbx_gene_src_cell_line            ? 
_entity_src_gen.pdbx_gene_src_atcc                 ? 
_entity_src_gen.pdbx_gene_src_organ                ? 
_entity_src_gen.pdbx_gene_src_organelle            ? 
_entity_src_gen.pdbx_gene_src_cell                 ? 
_entity_src_gen.pdbx_gene_src_cellular_location    ? 
_entity_src_gen.host_org_common_name               ? 
_entity_src_gen.pdbx_host_org_scientific_name      'Escherichia coli' 
_entity_src_gen.pdbx_host_org_ncbi_taxonomy_id     562 
_entity_src_gen.host_org_genus                     ? 
_entity_src_gen.pdbx_host_org_gene                 ? 
_entity_src_gen.pdbx_host_org_organ                ? 
_entity_src_gen.host_org_species                   ? 
_entity_src_gen.pdbx_host_org_tissue               ? 
_entity_src_gen.pdbx_host_org_tissue_fraction      ? 
_entity_src_gen.pdbx_host_org_strain               TAP106 
_entity_src_gen.pdbx_host_org_variant              ? 
_entity_src_gen.pdbx_host_org_cell_line            ? 
_entity_src_gen.pdbx_host_org_atcc                 ? 
_entity_src_gen.pdbx_host_org_culture_collection   ? 
_entity_src_gen.pdbx_host_org_cell                 ? 
_entity_src_gen.pdbx_host_org_organelle            ? 
_entity_src_gen.pdbx_host_org_cellular_location    ? 
_entity_src_gen.pdbx_host_org_vector_type          PXC35 
_entity_src_gen.pdbx_host_org_vector               ? 
_entity_src_gen.host_org_details                   ? 
_entity_src_gen.expression_system_id               ? 
_entity_src_gen.plasmid_name                       pEN 
_entity_src_gen.plasmid_details                    ? 
_entity_src_gen.pdbx_description                   ? 
# 
loop_
_chem_comp.id 
_chem_comp.type 
_chem_comp.mon_nstd_flag 
_chem_comp.name 
_chem_comp.pdbx_synonyms 
_chem_comp.formula 
_chem_comp.formula_weight 
ACT non-polymer         . 'ACETATE ION' ? 'C2 H3 O2 -1'    59.044  
ALA 'L-peptide linking' y ALANINE ? 'C3 H7 N O2'     89.093  
ARG 'L-peptide linking' y ARGININE ? 'C6 H15 N4 O2 1' 175.209 
ASN 'L-peptide linking' y ASPARAGINE ? 'C4 H8 N2 O3'    132.118 
ASP 'L-peptide linking' y 'ASPARTIC ACID' ? 'C4 H7 N O4'     133.103 
CYS 'L-peptide linking' y CYSTEINE ? 'C3 H7 N O2 S'   121.158 
DR7 non-polymer         . 
;(3S,8S,9S,12S)-3,12-BIS(1,1-DIMETHYLETHYL)-8-HYDROXY-4,11-DIOXO-9-(PHENYLMETHYL)-6-[[4-(2-PYRIDINYL)PHENYL]METHYL]-2,5, 6,10,13-PENTAAZATETRADECANEDIOIC ACID DIMETHYL ESTER
;
;ATAZANAVIR; METHYL [(1S,4S,5S,10S)-4-BENZYL-1,10-DI-TERT-BUTYL-5-HYDROXY-2,9,12-TRIOXO-7-(4-PYRIDIN-2-YLBENZYL)-13-OXA-3,7,8,11-TETRAAZATET RADEC-1-YL]CARBAMATE
;
'C38 H52 N6 O7'  704.855 
GLN 'L-peptide linking' y GLUTAMINE ? 'C5 H10 N2 O3'   146.144 
GLU 'L-peptide linking' y 'GLUTAMIC ACID' ? 'C5 H9 N O4'     147.129 
GLY 'peptide linking'   y GLYCINE ? 'C2 H5 N O2'     75.067  
HIS 'L-peptide linking' y HISTIDINE ? 'C6 H10 N3 O2 1' 156.162 
HOH non-polymer         . WATER ? 'H2 O'           18.015  
ILE 'L-peptide linking' y ISOLEUCINE ? 'C6 H13 N O2'    131.173 
LEU 'L-peptide linking' y LEUCINE ? 'C6 H13 N O2'    131.173 
LYS 'L-peptide linking' y LYSINE ? 'C6 H15 N2 O2 1' 147.195 
MET 'L-peptide linking' y METHIONINE ? 'C5 H11 N O2 S'  149.211 
PHE 'L-peptide linking' y PHENYLALANINE ? 'C9 H11 N O2'    165.189 
PRO 'L-peptide linking' y PROLINE ? 'C5 H9 N O2'     115.130 
THR 'L-peptide linking' y THREONINE ? 'C4 H9 N O3'     119.119 
TRP 'L-peptide linking' y TRYPTOPHAN ? 'C11 H12 N2 O2'  204.225 
TYR 'L-peptide linking' y TYROSINE ? 'C9 H11 N O3'    181.189 
VAL 'L-peptide linking' y VALINE ? 'C5 H11 N O2'    117.146 
# 
loop_
_pdbx_poly_seq_scheme.asym_id 
_pdbx_poly_seq_scheme.entity_id 
_pdbx_poly_seq_scheme.seq_id 
_pdbx_poly_seq_scheme.mon_id 
_pdbx_poly_seq_scheme.ndb_seq_num 
_pdbx_poly_seq_scheme.pdb_seq_num 
_pdbx_poly_seq_scheme.auth_seq_num 
_pdbx_poly_seq_scheme.pdb_mon_id 
_pdbx_poly_seq_scheme.auth_mon_id 
_pdbx_poly_seq_scheme.pdb_strand_id 
_pdbx_poly_seq_scheme.pdb_ins_code 
_pdbx_poly_seq_scheme.hetero 
A 1 1  PRO 1  1  1  PRO PRO A . n 
A 1 2  GLN 2  2  2  GLN GLN A . n 
A 1 3  ILE 3  3  3  ILE ILE A . n 
A 1 4  THR 4  4  4  THR THR A . n 
A 1 5  LEU 5  5  5  LEU LEU A . n 
A 1 6  TRP 6  6  6  TRP TRP A . n 
A 1 7  LYS 7  7  7  LYS LYS A . n 
A 1 8  ARG 8  8  8  ARG ARG A . n 
A 1 9  PRO 9  9  9  PRO PRO A . n 
A 1 10 LEU 10 10 10 LEU LEU A . n 
A 1 11 VAL 11 11 11 VAL VAL A . n 
A 1 12 THR 12 12 12 THR THR A . n 
A 1 13 ILE 13 13 13 ILE ILE A . n 
A 1 14 ARG 14 14 14 ARG ARG A . n 
A 1 15 ILE 15 15 15 ILE ILE A . n 
A 1 16 GLY 16 16 16 GLY GLY A . n 
A 1 17 GLY 17 17 17 GLY GLY A . n 
A 1 18 GLN 18 18 18 GLN GLN A . n 
A 1 19 LEU 19 19 19 LEU LEU A . n 
A 1 20 LYS 20 20 20 LYS LYS A . n 
A 1 21 GLU 21 21 21 GLU GLU A . n 
A 1 22 ALA 22 22 22 ALA ALA A . n 
A 1 23 LEU 23 23 23 LEU LEU A . n 
A 1 24 LEU 24 24 24 LEU LEU A . n 
A 1 25 ASP 25 25 25 ASP ASP A . n 
A 1 26 THR 26 26 26 THR THR A . n 
A 1 27 GLY 27 27 27 GLY GLY A . n 
A 1 28 ALA 28 28 28 ALA ALA A . n 
A 1 29 ASP 29 29 29 ASP ASP A . n 
A 1 30 ASP 30 30 30 ASP ASP A . n 
A 1 31 THR 31 31 31 THR THR A . n 
A 1 32 VAL 32 32 32 VAL VAL A . n 
A 1 33 LEU 33 33 33 LEU LEU A . n 
A 1 34 GLU 34 34 34 GLU GLU A . n 
A 1 35 GLU 35 35 35 GLU GLU A . n 
A 1 36 MET 36 36 36 MET MET A . n 
A 1 37 ASN 37 37 37 ASN ASN A . n 
A 1 38 LEU 38 38 38 LEU LEU A . n 
A 1 39 PRO 39 39 39 PRO PRO A . n 
A 1 40 GLY 40 40 40 GLY GLY A . n 
A 1 41 LYS 41 41 41 LYS LYS A . n 
A 1 42 TRP 42 42 42 TRP TRP A . n 
A 1 43 LYS 43 43 43 LYS LYS A . n 
A 1 44 PRO 44 44 44 PRO PRO A . n 
A 1 45 LYS 45 45 45 LYS LYS A . n 
A 1 46 MET 46 46 46 MET MET A . n 
A 1 47 ILE 47 47 47 ILE ILE A . n 
A 1 48 GLY 48 48 48 GLY GLY A . n 
A 1 49 GLY 49 49 49 GLY GLY A . n 
A 1 50 ILE 50 50 50 ILE ILE A . n 
A 1 51 GLY 51 51 51 GLY GLY A . n 
A 1 52 GLY 52 52 52 GLY GLY A . n 
A 1 53 PHE 53 53 53 PHE PHE A . n 
A 1 54 ILE 54 54 54 ILE ILE A . n 
A 1 55 LYS 55 55 55 LYS LYS A . n 
A 1 56 VAL 56 56 56 VAL VAL A . n 
A 1 57 ARG 57 57 57 ARG ARG A . n 
A 1 58 GLN 58 58 58 GLN GLN A . n 
A 1 59 TYR 59 59 59 TYR TYR A . n 
A 1 60 ASP 60 60 60 ASP ASP A . n 
A 1 61 GLN 61 61 61 GLN GLN A . n 
A 1 62 ILE 62 62 62 ILE ILE A . n 
A 1 63 PRO 63 63 63 PRO PRO A . n 
A 1 64 VAL 64 64 64 VAL VAL A . n 
A 1 65 GLU 65 65 65 GLU GLU A . n 
A 1 66 ILE 66 66 66 ILE ILE A . n 
A 1 67 CYS 67 67 67 CYS CYS A . n 
A 1 68 GLY 68 68 68 GLY GLY A . n 
A 1 69 HIS 69 69 69 HIS HIS A . n 
A 1 70 LYS 70 70 70 LYS LYS A . n 
A 1 71 ALA 71 71 71 ALA ALA A . n 
A 1 72 ILE 72 72 72 ILE ILE A . n 
A 1 73 GLY 73 73 73 GLY GLY A . n 
A 1 74 THR 74 74 74 THR THR A . n 
A 1 75 VAL 75 75 75 VAL VAL A . n 
A 1 76 LEU 76 76 76 LEU LEU A . n 
A 1 77 VAL 77 77 77 VAL VAL A . n 
A 1 78 GLY 78 78 78 GLY GLY A . n 
A 1 79 PRO 79 79 79 PRO PRO A . n 
A 1 80 THR 80 80 80 THR THR A . n 
A 1 81 PRO 81 81 81 PRO PRO A . n 
A 1 82 VAL 82 82 82 VAL VAL A . n 
A 1 83 ASN 83 83 83 ASN ASN A . n 
A 1 84 ILE 84 84 84 ILE ILE A . n 
A 1 85 ILE 85 85 85 ILE ILE A . n 
A 1 86 GLY 86 86 86 GLY GLY A . n 
A 1 87 ARG 87 87 87 ARG ARG A . n 
A 1 88 ASN 88 88 88 ASN ASN A . n 
A 1 89 LEU 89 89 89 LEU LEU A . n 
A 1 90 LEU 90 90 90 LEU LEU A . n 
A 1 91 THR 91 91 91 THR THR A . n 
A 1 92 GLN 92 92 92 GLN GLN A . n 
A 1 93 ILE 93 93 93 ILE ILE A . n 
A 1 94 GLY 94 94 94 GLY GLY A . n 
A 1 95 CYS 95 95 95 CYS CYS A . n 
A 1 96 THR 96 96 96 THR THR A . n 
A 1 97 LEU 97 97 97 LEU LEU A . n 
A 1 98 ASN 98 98 98 ASN ASN A . n 
A 1 99 PHE 99 99 99 PHE PHE A . n 
B 1 1  PRO 1  1  1  PRO PRO B . n 
B 1 2  GLN 2  2  2  GLN GLN B . n 
B 1 3  ILE 3  3  3  ILE ILE B . n 
B 1 4  THR 4  4  4  THR THR B . n 
B 1 5  LEU 5  5  5  LEU LEU B . n 
B 1 6  TRP 6  6  6  TRP TRP B . n 
B 1 7  LYS 7  7  7  LYS LYS B . n 
B 1 8  ARG 8  8  8  ARG ARG B . n 
B 1 9  PRO 9  9  9  PRO PRO B . n 
B 1 10 LEU 10 10 10 LEU LEU B . n 
B 1 11 VAL 11 11 11 VAL VAL B . n 
B 1 12 THR 12 12 12 THR THR B . n 
B 1 13 ILE 13 13 13 ILE ILE B . n 
B 1 14 ARG 14 14 14 ARG ARG B . n 
B 1 15 ILE 15 15 15 ILE ILE B . n 
B 1 16 GLY 16 16 16 GLY GLY B . n 
B 1 17 GLY 17 17 17 GLY GLY B . n 
B 1 18 GLN 18 18 18 GLN GLN B . n 
B 1 19 LEU 19 19 19 LEU LEU B . n 
B 1 20 LYS 20 20 20 LYS LYS B . n 
B 1 21 GLU 21 21 21 GLU GLU B . n 
B 1 22 ALA 22 22 22 ALA ALA B . n 
B 1 23 LEU 23 23 23 LEU LEU B . n 
B 1 24 LEU 24 24 24 LEU LEU B . n 
B 1 25 ASP 25 25 25 ASP ASP B . n 
B 1 26 THR 26 26 26 THR THR B . n 
B 1 27 GLY 27 27 27 GLY GLY B . n 
B 1 28 ALA 28 28 28 ALA ALA B . n 
B 1 29 ASP 29 29 29 ASP ASP B . n 
B 1 30 ASP 30 30 30 ASP ASP B . n 
B 1 31 THR 31 31 31 THR THR B . n 
B 1 32 VAL 32 32 32 VAL VAL B . n 
B 1 33 LEU 33 33 33 LEU LEU B . n 
B 1 34 GLU 34 34 34 GLU GLU B . n 
B 1 35 GLU 35 35 35 GLU GLU B . n 
B 1 36 MET 36 36 36 MET MET B . n 
B 1 37 ASN 37 37 37 ASN ASN B . n 
B 1 38 LEU 38 38 38 LEU LEU B . n 
B 1 39 PRO 39 39 39 PRO PRO B . n 
B 1 40 GLY 40 40 40 GLY GLY B . n 
B 1 41 LYS 41 41 41 LYS LYS B . n 
B 1 42 TRP 42 42 42 TRP TRP B . n 
B 1 43 LYS 43 43 43 LYS LYS B . n 
B 1 44 PRO 44 44 44 PRO PRO B . n 
B 1 45 LYS 45 45 45 LYS LYS B . n 
B 1 46 MET 46 46 46 MET MET B . n 
B 1 47 ILE 47 47 47 ILE ILE B . n 
B 1 48 GLY 48 48 48 GLY GLY B . n 
B 1 49 GLY 49 49 49 GLY GLY B . n 
B 1 50 ILE 50 50 50 ILE ILE B . n 
B 1 51 GLY 51 51 51 GLY GLY B . n 
B 1 52 GLY 52 52 52 GLY GLY B . n 
B 1 53 PHE 53 53 53 PHE PHE B . n 
B 1 54 ILE 54 54 54 ILE ILE B . n 
B 1 55 LYS 55 55 55 LYS LYS B . n 
B 1 56 VAL 56 56 56 VAL VAL B . n 
B 1 57 ARG 57 57 57 ARG ARG B . n 
B 1 58 GLN 58 58 58 GLN GLN B . n 
B 1 59 TYR 59 59 59 TYR TYR B . n 
B 1 60 ASP 60 60 60 ASP ASP B . n 
B 1 61 GLN 61 61 61 GLN GLN B . n 
B 1 62 ILE 62 62 62 ILE ILE B . n 
B 1 63 PRO 63 63 63 PRO PRO B . n 
B 1 64 VAL 64 64 64 VAL VAL B . n 
B 1 65 GLU 65 65 65 GLU GLU B . n 
B 1 66 ILE 66 66 66 ILE ILE B . n 
B 1 67 CYS 67 67 67 CYS CYS B . n 
B 1 68 GLY 68 68 68 GLY GLY B . n 
B 1 69 HIS 69 69 69 HIS HIS B . n 
B 1 70 LYS 70 70 70 LYS LYS B . n 
B 1 71 ALA 71 71 71 ALA ALA B . n 
B 1 72 ILE 72 72 72 ILE ILE B . n 
B 1 73 GLY 73 73 73 GLY GLY B . n 
B 1 74 THR 74 74 74 THR THR B . n 
B 1 75 VAL 75 75 75 VAL VAL B . n 
B 1 76 LEU 76 76 76 LEU LEU B . n 
B 1 77 VAL 77 77 77 VAL VAL B . n 
B 1 78 GLY 78 78 78 GLY GLY B . n 
B 1 79 PRO 79 79 79 PRO PRO B . n 
B 1 80 THR 80 80 80 THR THR B . n 
B 1 81 PRO 81 81 81 PRO PRO B . n 
B 1 82 VAL 82 82 82 VAL VAL B . n 
B 1 83 ASN 83 83 83 ASN ASN B . n 
B 1 84 ILE 84 84 84 ILE ILE B . n 
B 1 85 ILE 85 85 85 ILE ILE B . n 
B 1 86 GLY 86 86 86 GLY GLY B . n 
B 1 87 ARG 87 87 87 ARG ARG B . n 
B 1 88 ASN 88 88 88 ASN ASN B . n 
B 1 89 LEU 89 89 89 LEU LEU B . n 
B 1 90 LEU 90 90 90 LEU LEU B . n 
B 1 91 THR 91 91 91 THR THR B . n 
B 1 92 GLN 92 92 92 GLN GLN B . n 
B 1 93 ILE 93 93 93 ILE ILE B . n 
B 1 94 GLY 94 94 94 GLY GLY B . n 
B 1 95 CYS 95 95 95 CYS CYS B . n 
B 1 96 THR 96 96 96 THR THR B . n 
B 1 97 LEU 97 97 97 LEU LEU B . n 
B 1 98 ASN 98 98 98 ASN ASN B . n 
B 1 99 PHE 99 99 99 PHE PHE B . n 
# 
loop_
_pdbx_nonpoly_scheme.asym_id 
_pdbx_nonpoly_scheme.entity_id 
_pdbx_nonpoly_scheme.mon_id 
_pdbx_nonpoly_scheme.ndb_seq_num 
_pdbx_nonpoly_scheme.pdb_seq_num 
_pdbx_nonpoly_scheme.auth_seq_num 
_pdbx_nonpoly_scheme.pdb_mon_id 
_pdbx_nonpoly_scheme.auth_mon_id 
_pdbx_nonpoly_scheme.pdb_strand_id 
_pdbx_nonpoly_scheme.pdb_ins_code 
C 2 DR7 1  100 1   DR7 DR7 A . 
D 3 ACT 1  504 504 ACT ACT A . 
E 3 ACT 1  505 505 ACT ACT B . 
F 3 ACT 1  506 506 ACT ACT B . 
G 4 HOH 1  505 2   HOH HOH A . 
G 4 HOH 2  506 4   HOH HOH A . 
G 4 HOH 3  507 5   HOH HOH A . 
G 4 HOH 4  508 9   HOH HOH A . 
G 4 HOH 5  509 13  HOH HOH A . 
G 4 HOH 6  510 14  HOH HOH A . 
G 4 HOH 7  511 16  HOH HOH A . 
G 4 HOH 8  512 19  HOH HOH A . 
G 4 HOH 9  513 20  HOH HOH A . 
G 4 HOH 10 514 21  HOH HOH A . 
G 4 HOH 11 515 26  HOH HOH A . 
G 4 HOH 12 516 29  HOH HOH A . 
G 4 HOH 13 517 32  HOH HOH A . 
G 4 HOH 14 518 36  HOH HOH A . 
G 4 HOH 15 519 37  HOH HOH A . 
G 4 HOH 16 520 38  HOH HOH A . 
G 4 HOH 17 521 39  HOH HOH A . 
G 4 HOH 18 522 40  HOH HOH A . 
G 4 HOH 19 523 41  HOH HOH A . 
G 4 HOH 20 524 43  HOH HOH A . 
G 4 HOH 21 525 44  HOH HOH A . 
G 4 HOH 22 526 45  HOH HOH A . 
G 4 HOH 23 527 46  HOH HOH A . 
G 4 HOH 24 529 50  HOH HOH A . 
G 4 HOH 25 530 52  HOH HOH A . 
G 4 HOH 26 532 63  HOH HOH A . 
G 4 HOH 27 534 65  HOH HOH A . 
G 4 HOH 28 535 66  HOH HOH A . 
G 4 HOH 29 536 67  HOH HOH A . 
G 4 HOH 30 537 68  HOH HOH A . 
G 4 HOH 31 538 69  HOH HOH A . 
G 4 HOH 32 539 74  HOH HOH A . 
H 4 HOH 1  528 47  HOH HOH B . 
H 4 HOH 2  529 55  HOH HOH B . 
H 4 HOH 3  530 64  HOH HOH B . 
H 4 HOH 4  531 1   HOH HOH B . 
H 4 HOH 5  532 3   HOH HOH B . 
H 4 HOH 6  533 6   HOH HOH B . 
H 4 HOH 7  534 7   HOH HOH B . 
H 4 HOH 8  535 8   HOH HOH B . 
H 4 HOH 9  536 10  HOH HOH B . 
H 4 HOH 10 537 11  HOH HOH B . 
H 4 HOH 11 538 12  HOH HOH B . 
H 4 HOH 12 539 15  HOH HOH B . 
H 4 HOH 13 540 17  HOH HOH B . 
H 4 HOH 14 541 18  HOH HOH B . 
H 4 HOH 15 542 22  HOH HOH B . 
H 4 HOH 16 543 23  HOH HOH B . 
H 4 HOH 17 544 24  HOH HOH B . 
H 4 HOH 18 545 25  HOH HOH B . 
H 4 HOH 19 546 27  HOH HOH B . 
H 4 HOH 20 547 28  HOH HOH B . 
H 4 HOH 21 548 30  HOH HOH B . 
H 4 HOH 22 549 31  HOH HOH B . 
H 4 HOH 23 550 33  HOH HOH B . 
H 4 HOH 24 551 34  HOH HOH B . 
H 4 HOH 25 552 35  HOH HOH B . 
H 4 HOH 26 553 42  HOH HOH B . 
H 4 HOH 27 554 48  HOH HOH B . 
H 4 HOH 28 555 49  HOH HOH B . 
H 4 HOH 29 556 51  HOH HOH B . 
H 4 HOH 30 557 53  HOH HOH B . 
H 4 HOH 31 558 54  HOH HOH B . 
H 4 HOH 32 559 56  HOH HOH B . 
H 4 HOH 33 560 57  HOH HOH B . 
H 4 HOH 34 561 58  HOH HOH B . 
H 4 HOH 35 562 59  HOH HOH B . 
H 4 HOH 36 563 60  HOH HOH B . 
H 4 HOH 37 564 61  HOH HOH B . 
H 4 HOH 38 565 62  HOH HOH B . 
H 4 HOH 39 566 70  HOH HOH B . 
H 4 HOH 40 567 71  HOH HOH B . 
H 4 HOH 41 568 72  HOH HOH B . 
H 4 HOH 42 569 73  HOH HOH B . 
# 
loop_
_pdbx_unobs_or_zero_occ_atoms.id 
_pdbx_unobs_or_zero_occ_atoms.PDB_model_num 
_pdbx_unobs_or_zero_occ_atoms.polymer_flag 
_pdbx_unobs_or_zero_occ_atoms.occupancy_flag 
_pdbx_unobs_or_zero_occ_atoms.auth_asym_id 
_pdbx_unobs_or_zero_occ_atoms.auth_comp_id 
_pdbx_unobs_or_zero_occ_atoms.auth_seq_id 
_pdbx_unobs_or_zero_occ_atoms.PDB_ins_code 
_pdbx_unobs_or_zero_occ_atoms.auth_atom_id 
_pdbx_unobs_or_zero_occ_atoms.label_alt_id 
_pdbx_unobs_or_zero_occ_atoms.label_asym_id 
_pdbx_unobs_or_zero_occ_atoms.label_comp_id 
_pdbx_unobs_or_zero_occ_atoms.label_seq_id 
_pdbx_unobs_or_zero_occ_atoms.label_atom_id 
1  1 Y 1 A LYS 7  ? CG  ? A LYS 7  CG  
2  1 Y 1 A LYS 7  ? CD  ? A LYS 7  CD  
3  1 Y 1 A LYS 7  ? CE  ? A LYS 7  CE  
4  1 Y 1 A LYS 7  ? NZ  ? A LYS 7  NZ  
5  1 Y 1 A ARG 14 ? CG  ? A ARG 14 CG  
6  1 Y 1 A ARG 14 ? CD  ? A ARG 14 CD  
7  1 Y 1 A ARG 14 ? NE  ? A ARG 14 NE  
8  1 Y 1 A ARG 14 ? CZ  ? A ARG 14 CZ  
9  1 Y 1 A ARG 14 ? NH1 ? A ARG 14 NH1 
10 1 Y 1 A ARG 14 ? NH2 ? A ARG 14 NH2 
11 1 Y 1 A GLU 21 ? CG  ? A GLU 21 CG  
12 1 Y 1 A GLU 21 ? CD  ? A GLU 21 CD  
13 1 Y 1 A GLU 21 ? OE1 ? A GLU 21 OE1 
14 1 Y 1 A GLU 21 ? OE2 ? A GLU 21 OE2 
15 1 Y 1 A LYS 41 ? CG  ? A LYS 41 CG  
16 1 Y 1 A LYS 41 ? CD  ? A LYS 41 CD  
17 1 Y 1 A LYS 41 ? CE  ? A LYS 41 CE  
18 1 Y 1 A LYS 41 ? NZ  ? A LYS 41 NZ  
19 1 Y 1 A LYS 43 ? CG  ? A LYS 43 CG  
20 1 Y 1 A LYS 43 ? CD  ? A LYS 43 CD  
21 1 Y 1 A LYS 43 ? CE  ? A LYS 43 CE  
22 1 Y 1 A LYS 43 ? NZ  ? A LYS 43 NZ  
23 1 Y 1 A LYS 55 ? CG  ? A LYS 55 CG  
24 1 Y 1 A LYS 55 ? CD  ? A LYS 55 CD  
25 1 Y 1 A LYS 55 ? CE  ? A LYS 55 CE  
26 1 Y 1 A LYS 55 ? NZ  ? A LYS 55 NZ  
27 1 Y 1 A ARG 57 ? CG  ? A ARG 57 CG  
28 1 Y 1 A ARG 57 ? CD  ? A ARG 57 CD  
29 1 Y 1 A ARG 57 ? NE  ? A ARG 57 NE  
30 1 Y 1 A ARG 57 ? CZ  ? A ARG 57 CZ  
31 1 Y 1 A ARG 57 ? NH1 ? A ARG 57 NH1 
32 1 Y 1 A ARG 57 ? NH2 ? A ARG 57 NH2 
33 1 Y 1 B LYS 20 ? CG  ? B LYS 20 CG  
34 1 Y 1 B LYS 20 ? CD  ? B LYS 20 CD  
35 1 Y 1 B LYS 20 ? CE  ? B LYS 20 CE  
36 1 Y 1 B LYS 20 ? NZ  ? B LYS 20 NZ  
37 1 Y 1 B GLU 21 ? CG  ? B GLU 21 CG  
38 1 Y 1 B GLU 21 ? CD  ? B GLU 21 CD  
39 1 Y 1 B GLU 21 ? OE1 ? B GLU 21 OE1 
40 1 Y 1 B GLU 21 ? OE2 ? B GLU 21 OE2 
41 1 Y 1 B LYS 41 ? CG  ? B LYS 41 CG  
42 1 Y 1 B LYS 41 ? CD  ? B LYS 41 CD  
43 1 Y 1 B LYS 41 ? CE  ? B LYS 41 CE  
44 1 Y 1 B LYS 41 ? NZ  ? B LYS 41 NZ  
45 1 Y 1 B LYS 43 ? CG  ? B LYS 43 CG  
46 1 Y 1 B LYS 43 ? CD  ? B LYS 43 CD  
47 1 Y 1 B LYS 43 ? CE  ? B LYS 43 CE  
48 1 Y 1 B LYS 43 ? NZ  ? B LYS 43 NZ  
49 1 Y 1 B LYS 45 ? CG  ? B LYS 45 CG  
50 1 Y 1 B LYS 45 ? CD  ? B LYS 45 CD  
51 1 Y 1 B LYS 45 ? CE  ? B LYS 45 CE  
52 1 Y 1 B LYS 45 ? NZ  ? B LYS 45 NZ  
53 1 Y 1 B ARG 57 ? CG  ? B ARG 57 CG  
54 1 Y 1 B ARG 57 ? CD  ? B ARG 57 CD  
55 1 Y 1 B ARG 57 ? NE  ? B ARG 57 NE  
56 1 Y 1 B ARG 57 ? CZ  ? B ARG 57 CZ  
57 1 Y 1 B ARG 57 ? NH1 ? B ARG 57 NH1 
58 1 Y 1 B ARG 57 ? NH2 ? B ARG 57 NH2 
59 1 Y 1 B LYS 70 ? CG  ? B LYS 70 CG  
60 1 Y 1 B LYS 70 ? CD  ? B LYS 70 CD  
61 1 Y 1 B LYS 70 ? CE  ? B LYS 70 CE  
62 1 Y 1 B LYS 70 ? NZ  ? B LYS 70 NZ  
# 
loop_
_software.name 
_software.classification 
_software.version 
_software.citation_id 
_software.pdbx_ordinal 
AMoRE     phasing          . ? 1 
REFMAC    refinement       . ? 2 
HKL-2000  'data reduction' . ? 3 
SCALEPACK 'data scaling'   . ? 4 
# 
_cell.entry_id           3EL1 
_cell.length_a           50.97 
_cell.length_b           58.79 
_cell.length_c           61.35 
_cell.angle_alpha        90 
_cell.angle_beta         90 
_cell.angle_gamma        90 
_cell.Z_PDB              8 
_cell.pdbx_unique_axis   ? 
_cell.length_a_esd       ? 
_cell.length_b_esd       ? 
_cell.length_c_esd       ? 
_cell.angle_alpha_esd    ? 
_cell.angle_beta_esd     ? 
_cell.angle_gamma_esd    ? 
# 
_symmetry.entry_id                         3EL1 
_symmetry.space_group_name_H-M             'P 21 21 21' 
_symmetry.pdbx_full_space_group_name_H-M   ? 
_symmetry.cell_setting                     ? 
_symmetry.Int_Tables_number                19 
_symmetry.space_group_name_Hall            ? 
# 
_exptl.entry_id          3EL1 
_exptl.method            'X-RAY DIFFRACTION' 
_exptl.crystals_number   1 
# 
_exptl_crystal.id                    1 
_exptl_crystal.density_meas          ? 
_exptl_crystal.density_Matthews      2.13 
_exptl_crystal.density_percent_sol   42.18 
_exptl_crystal.description           ? 
_exptl_crystal.F_000                 ? 
_exptl_crystal.preparation           ? 
# 
_exptl_crystal_grow.crystal_id      1 
_exptl_crystal_grow.method          'VAPOR DIFFUSION, HANGING DROP' 
_exptl_crystal_grow.temp            300 
_exptl_crystal_grow.temp_details    ? 
_exptl_crystal_grow.pH              6.2 
_exptl_crystal_grow.pdbx_details    
;126mM Sodium Phosphate pH 6.2; 63mM sodium citrate; 24-29% ammonium sulphate 
, VAPOR DIFFUSION, HANGING DROP, temperature 300K
;
_exptl_crystal_grow.pdbx_pH_range   ? 
# 
_diffrn.id                     1 
_diffrn.ambient_temp           200 
_diffrn.ambient_temp_details   ? 
_diffrn.crystal_id             1 
# 
_diffrn_detector.diffrn_id              1 
_diffrn_detector.detector               'IMAGE PLATE' 
_diffrn_detector.type                   'RIGAKU RAXIS IV' 
_diffrn_detector.pdbx_collection_date   ? 
_diffrn_detector.details                'Yale mirrors' 
# 
_diffrn_radiation.diffrn_id                        1 
_diffrn_radiation.wavelength_id                    1 
_diffrn_radiation.pdbx_monochromatic_or_laue_m_l   M 
_diffrn_radiation.monochromator                    'yale mirrors' 
_diffrn_radiation.pdbx_diffrn_protocol             'SINGLE WAVELENGTH' 
_diffrn_radiation.pdbx_scattering_type             x-ray 
# 
_diffrn_radiation_wavelength.id           1 
_diffrn_radiation_wavelength.wavelength   1.5418 
_diffrn_radiation_wavelength.wt           1.0 
# 
_diffrn_source.diffrn_id                   1 
_diffrn_source.source                      'ROTATING ANODE' 
_diffrn_source.type                        RIGAKU 
_diffrn_source.pdbx_synchrotron_site       ? 
_diffrn_source.pdbx_synchrotron_beamline   ? 
_diffrn_source.pdbx_wavelength             ? 
_diffrn_source.pdbx_wavelength_list        1.5418 
# 
_reflns.entry_id                     3EL1 
_reflns.observed_criterion_sigma_I   0 
_reflns.observed_criterion_sigma_F   0 
_reflns.d_resolution_low             50 
_reflns.d_resolution_high            1.7 
_reflns.number_obs                   19646 
_reflns.number_all                   ? 
_reflns.percent_possible_obs         93.5 
_reflns.pdbx_Rmerge_I_obs            0.05 
_reflns.pdbx_Rsym_value              0.05 
_reflns.pdbx_netI_over_sigmaI        11.3 
_reflns.B_iso_Wilson_estimate        ? 
_reflns.pdbx_redundancy              5.4 
_reflns.R_free_details               ? 
_reflns.limit_h_max                  ? 
_reflns.limit_h_min                  ? 
_reflns.limit_k_max                  ? 
_reflns.limit_k_min                  ? 
_reflns.limit_l_max                  ? 
_reflns.limit_l_min                  ? 
_reflns.observed_criterion_F_max     ? 
_reflns.observed_criterion_F_min     ? 
_reflns.pdbx_chi_squared             ? 
_reflns.pdbx_scaling_rejects         ? 
_reflns.pdbx_ordinal                 1 
_reflns.pdbx_diffrn_id               1 
# 
_refine.entry_id                                 3EL1 
_refine.ls_number_reflns_obs                     19646 
_refine.ls_number_reflns_all                     ? 
_refine.pdbx_ls_sigma_I                          0 
_refine.pdbx_ls_sigma_F                          0 
_refine.pdbx_data_cutoff_high_absF               ? 
_refine.pdbx_data_cutoff_low_absF                ? 
_refine.pdbx_data_cutoff_high_rms_absF           ? 
_refine.ls_d_res_low                             50 
_refine.ls_d_res_high                            1.7 
_refine.ls_percent_reflns_obs                    ? 
_refine.ls_R_factor_obs                          0.181 
_refine.ls_R_factor_all                          ? 
_refine.ls_R_factor_R_work                       ? 
_refine.ls_R_factor_R_free                       0.205 
_refine.ls_R_factor_R_free_error                 ? 
_refine.ls_R_factor_R_free_error_details         ? 
_refine.ls_percent_reflns_R_free                 ? 
_refine.ls_number_reflns_R_free                  5 
_refine.ls_number_parameters                     ? 
_refine.ls_number_restraints                     ? 
_refine.occupancy_min                            ? 
_refine.occupancy_max                            ? 
_refine.correlation_coeff_Fo_to_Fc               ? 
_refine.correlation_coeff_Fo_to_Fc_free          ? 
_refine.B_iso_mean                               ? 
_refine.aniso_B[1][1]                            ? 
_refine.aniso_B[2][2]                            ? 
_refine.aniso_B[3][3]                            ? 
_refine.aniso_B[1][2]                            ? 
_refine.aniso_B[1][3]                            ? 
_refine.aniso_B[2][3]                            ? 
_refine.solvent_model_details                    ? 
_refine.solvent_model_param_ksol                 ? 
_refine.solvent_model_param_bsol                 ? 
_refine.pdbx_solvent_vdw_probe_radii             ? 
_refine.pdbx_solvent_ion_probe_radii             ? 
_refine.pdbx_solvent_shrinkage_radii             ? 
_refine.pdbx_ls_cross_valid_method               THROUGHOUT 
_refine.details                                  ? 
_refine.pdbx_starting_model                      'PDB ENTRY 1F7A' 
_refine.pdbx_method_to_determine_struct          'MOLECULAR REPLACEMENT' 
_refine.pdbx_isotropic_thermal_model             ? 
_refine.pdbx_stereochemistry_target_values       'MAXIMUM LIKELIHOOD' 
_refine.pdbx_stereochem_target_val_spec_case     ? 
_refine.pdbx_R_Free_selection_details            random 
_refine.pdbx_overall_ESU_R                       ? 
_refine.pdbx_overall_ESU_R_Free                  ? 
_refine.overall_SU_ML                            ? 
_refine.overall_SU_B                             ? 
_refine.ls_redundancy_reflns_obs                 ? 
_refine.B_iso_min                                ? 
_refine.B_iso_max                                ? 
_refine.overall_SU_R_Cruickshank_DPI             ? 
_refine.overall_SU_R_free                        ? 
_refine.ls_wR_factor_R_free                      ? 
_refine.ls_wR_factor_R_work                      ? 
_refine.overall_FOM_free_R_set                   ? 
_refine.overall_FOM_work_R_set                   ? 
_refine.pdbx_overall_phase_error                 ? 
_refine.pdbx_refine_id                           'X-RAY DIFFRACTION' 
_refine.pdbx_diffrn_id                           1 
_refine.pdbx_TLS_residual_ADP_flag               ? 
_refine.pdbx_overall_SU_R_free_Cruickshank_DPI   ? 
_refine.pdbx_overall_SU_R_Blow_DPI               ? 
_refine.pdbx_overall_SU_R_free_Blow_DPI          ? 
# 
_refine_hist.pdbx_refine_id                   'X-RAY DIFFRACTION' 
_refine_hist.cycle_id                         LAST 
_refine_hist.pdbx_number_atoms_protein        1454 
_refine_hist.pdbx_number_atoms_nucleic_acid   0 
_refine_hist.pdbx_number_atoms_ligand         63 
_refine_hist.number_atoms_solvent             74 
_refine_hist.number_atoms_total               1591 
_refine_hist.d_res_high                       1.7 
_refine_hist.d_res_low                        50 
# 
_struct.entry_id                  3EL1 
_struct.title                     'Crystal Structure of wild-type HIV protease in complex with the inhibitor, Atazanavir' 
_struct.pdbx_model_details        ? 
_struct.pdbx_CASP_flag            ? 
_struct.pdbx_model_type_details   ? 
# 
_struct_keywords.entry_id        3EL1 
_struct_keywords.pdbx_keywords   HYDROLASE 
_struct_keywords.text            'HIV protease, protease inhibitors, drug resistance, Atazanavir, AIDS, Hydrolase, Protease' 
# 
loop_
_struct_asym.id 
_struct_asym.pdbx_blank_PDB_chainid_flag 
_struct_asym.pdbx_modified 
_struct_asym.entity_id 
_struct_asym.details 
A N N 1 ? 
B N N 1 ? 
C N N 2 ? 
D N N 3 ? 
E N N 3 ? 
F N N 3 ? 
G N N 4 ? 
H N N 4 ? 
# 
_struct_ref.id                         1 
_struct_ref.db_name                    UNP 
_struct_ref.db_code                    POL_HV1A2 
_struct_ref.pdbx_db_accession          P03369 
_struct_ref.entity_id                  1 
_struct_ref.pdbx_seq_one_letter_code   
;PQITLWQRPLVTIRIGGQLKEALLDTGADDTVLEEMNLPGKWKPKMIGGIGGFIKVRQYDQIPVEICGHKAIGTVLVGPT
PVNIIGRNLLTQIGCTLNF
;
_struct_ref.pdbx_align_begin           491 
_struct_ref.pdbx_db_isoform            ? 
# 
loop_
_struct_ref_seq.align_id 
_struct_ref_seq.ref_id 
_struct_ref_seq.pdbx_PDB_id_code 
_struct_ref_seq.pdbx_strand_id 
_struct_ref_seq.seq_align_beg 
_struct_ref_seq.pdbx_seq_align_beg_ins_code 
_struct_ref_seq.seq_align_end 
_struct_ref_seq.pdbx_seq_align_end_ins_code 
_struct_ref_seq.pdbx_db_accession 
_struct_ref_seq.db_align_beg 
_struct_ref_seq.pdbx_db_align_beg_ins_code 
_struct_ref_seq.db_align_end 
_struct_ref_seq.pdbx_db_align_end_ins_code 
_struct_ref_seq.pdbx_auth_seq_align_beg 
_struct_ref_seq.pdbx_auth_seq_align_end 
1 1 3EL1 A 1 ? 99 ? P03369 491 ? 589 ? 1 99 
2 1 3EL1 B 1 ? 99 ? P03369 491 ? 589 ? 1 99 
# 
loop_
_struct_ref_seq_dif.align_id 
_struct_ref_seq_dif.pdbx_pdb_id_code 
_struct_ref_seq_dif.mon_id 
_struct_ref_seq_dif.pdbx_pdb_strand_id 
_struct_ref_seq_dif.seq_num 
_struct_ref_seq_dif.pdbx_pdb_ins_code 
_struct_ref_seq_dif.pdbx_seq_db_name 
_struct_ref_seq_dif.pdbx_seq_db_accession_code 
_struct_ref_seq_dif.db_mon_id 
_struct_ref_seq_dif.pdbx_seq_db_seq_num 
_struct_ref_seq_dif.details 
_struct_ref_seq_dif.pdbx_auth_seq_num 
_struct_ref_seq_dif.pdbx_ordinal 
1 3EL1 LYS A 7 ? UNP P03369 GLN 497 'engineered mutation' 7 1 
2 3EL1 LYS B 7 ? UNP P03369 GLN 497 'engineered mutation' 7 2 
# 
_pdbx_struct_assembly.id                   1 
_pdbx_struct_assembly.details              author_and_software_defined_assembly 
_pdbx_struct_assembly.method_details       PISA 
_pdbx_struct_assembly.oligomeric_details   dimeric 
_pdbx_struct_assembly.oligomeric_count     2 
# 
loop_
_pdbx_struct_assembly_prop.biol_id 
_pdbx_struct_assembly_prop.type 
_pdbx_struct_assembly_prop.value 
_pdbx_struct_assembly_prop.details 
1 'ABSA (A^2)' 5600 ? 
1 MORE         -36  ? 
1 'SSA (A^2)'  9010 ? 
# 
_pdbx_struct_assembly_gen.assembly_id       1 
_pdbx_struct_assembly_gen.oper_expression   1 
_pdbx_struct_assembly_gen.asym_id_list      A,B,C,D,E,F,G,H 
# 
_pdbx_struct_oper_list.id                   1 
_pdbx_struct_oper_list.type                 'identity operation' 
_pdbx_struct_oper_list.name                 1_555 
_pdbx_struct_oper_list.symmetry_operation   x,y,z 
_pdbx_struct_oper_list.matrix[1][1]         1.0000000000 
_pdbx_struct_oper_list.matrix[1][2]         0.0000000000 
_pdbx_struct_oper_list.matrix[1][3]         0.0000000000 
_pdbx_struct_oper_list.vector[1]            0.0000000000 
_pdbx_struct_oper_list.matrix[2][1]         0.0000000000 
_pdbx_struct_oper_list.matrix[2][2]         1.0000000000 
_pdbx_struct_oper_list.matrix[2][3]         0.0000000000 
_pdbx_struct_oper_list.vector[2]            0.0000000000 
_pdbx_struct_oper_list.matrix[3][1]         0.0000000000 
_pdbx_struct_oper_list.matrix[3][2]         0.0000000000 
_pdbx_struct_oper_list.matrix[3][3]         1.0000000000 
_pdbx_struct_oper_list.vector[3]            0.0000000000 
# 
_struct_biol.id        1 
_struct_biol.details   ? 
# 
loop_
_struct_conf.conf_type_id 
_struct_conf.id 
_struct_conf.pdbx_PDB_helix_id 
_struct_conf.beg_label_comp_id 
_struct_conf.beg_label_asym_id 
_struct_conf.beg_label_seq_id 
_struct_conf.pdbx_beg_PDB_ins_code 
_struct_conf.end_label_comp_id 
_struct_conf.end_label_asym_id 
_struct_conf.end_label_seq_id 
_struct_conf.pdbx_end_PDB_ins_code 
_struct_conf.beg_auth_comp_id 
_struct_conf.beg_auth_asym_id 
_struct_conf.beg_auth_seq_id 
_struct_conf.end_auth_comp_id 
_struct_conf.end_auth_asym_id 
_struct_conf.end_auth_seq_id 
_struct_conf.pdbx_PDB_helix_class 
_struct_conf.details 
_struct_conf.pdbx_PDB_helix_length 
HELX_P HELX_P1 1 GLY A 86 ? THR A 91 ? GLY A 86 THR A 91 1 ? 6 
HELX_P HELX_P2 2 GLN A 92 ? GLY A 94 ? GLN A 92 GLY A 94 5 ? 3 
HELX_P HELX_P3 3 GLY B 86 ? THR B 91 ? GLY B 86 THR B 91 1 ? 6 
# 
_struct_conf_type.id          HELX_P 
_struct_conf_type.criteria    ? 
_struct_conf_type.reference   ? 
# 
loop_
_struct_sheet.id 
_struct_sheet.type 
_struct_sheet.number_strands 
_struct_sheet.details 
A ? 4 ? 
B ? 8 ? 
C ? 8 ? 
# 
loop_
_struct_sheet_order.sheet_id 
_struct_sheet_order.range_id_1 
_struct_sheet_order.range_id_2 
_struct_sheet_order.offset 
_struct_sheet_order.sense 
A 1 2 ? anti-parallel 
A 2 3 ? anti-parallel 
A 3 4 ? anti-parallel 
B 1 2 ? anti-parallel 
B 2 3 ? anti-parallel 
B 3 4 ? parallel      
B 4 5 ? anti-parallel 
B 5 6 ? parallel      
B 6 7 ? anti-parallel 
B 7 8 ? anti-parallel 
C 1 2 ? anti-parallel 
C 2 3 ? anti-parallel 
C 3 4 ? parallel      
C 4 5 ? anti-parallel 
C 5 6 ? parallel      
C 6 7 ? anti-parallel 
C 7 8 ? anti-parallel 
# 
loop_
_struct_sheet_range.sheet_id 
_struct_sheet_range.id 
_struct_sheet_range.beg_label_comp_id 
_struct_sheet_range.beg_label_asym_id 
_struct_sheet_range.beg_label_seq_id 
_struct_sheet_range.pdbx_beg_PDB_ins_code 
_struct_sheet_range.end_label_comp_id 
_struct_sheet_range.end_label_asym_id 
_struct_sheet_range.end_label_seq_id 
_struct_sheet_range.pdbx_end_PDB_ins_code 
_struct_sheet_range.beg_auth_comp_id 
_struct_sheet_range.beg_auth_asym_id 
_struct_sheet_range.beg_auth_seq_id 
_struct_sheet_range.end_auth_comp_id 
_struct_sheet_range.end_auth_asym_id 
_struct_sheet_range.end_auth_seq_id 
A 1 GLN A 2  ? ILE A 3  ? GLN A 2  ILE A 3  
A 2 THR B 96 ? ASN B 98 ? THR B 96 ASN B 98 
A 3 THR A 96 ? ASN A 98 ? THR A 96 ASN A 98 
A 4 GLN B 2  ? ILE B 3  ? GLN B 2  ILE B 3  
B 1 LYS A 43 ? GLY A 49 ? LYS A 43 GLY A 49 
B 2 GLY A 52 ? ILE A 66 ? GLY A 52 ILE A 66 
B 3 HIS A 69 ? GLY A 78 ? HIS A 69 GLY A 78 
B 4 VAL A 32 ? GLU A 34 ? VAL A 32 GLU A 34 
B 5 ILE A 84 ? ILE A 85 ? ILE A 84 ILE A 85 
B 6 GLN A 18 ? LEU A 24 ? GLN A 18 LEU A 24 
B 7 LEU A 10 ? ILE A 15 ? LEU A 10 ILE A 15 
B 8 GLY A 52 ? ILE A 66 ? GLY A 52 ILE A 66 
C 1 LYS B 43 ? GLY B 49 ? LYS B 43 GLY B 49 
C 2 GLY B 52 ? ILE B 66 ? GLY B 52 ILE B 66 
C 3 HIS B 69 ? VAL B 77 ? HIS B 69 VAL B 77 
C 4 VAL B 32 ? LEU B 33 ? VAL B 32 LEU B 33 
C 5 ILE B 84 ? ILE B 85 ? ILE B 84 ILE B 85 
C 6 GLN B 18 ? LEU B 24 ? GLN B 18 LEU B 24 
C 7 LEU B 10 ? ILE B 15 ? LEU B 10 ILE B 15 
C 8 GLY B 52 ? ILE B 66 ? GLY B 52 ILE B 66 
# 
loop_
_pdbx_struct_sheet_hbond.sheet_id 
_pdbx_struct_sheet_hbond.range_id_1 
_pdbx_struct_sheet_hbond.range_id_2 
_pdbx_struct_sheet_hbond.range_1_label_atom_id 
_pdbx_struct_sheet_hbond.range_1_label_comp_id 
_pdbx_struct_sheet_hbond.range_1_label_asym_id 
_pdbx_struct_sheet_hbond.range_1_label_seq_id 
_pdbx_struct_sheet_hbond.range_1_PDB_ins_code 
_pdbx_struct_sheet_hbond.range_1_auth_atom_id 
_pdbx_struct_sheet_hbond.range_1_auth_comp_id 
_pdbx_struct_sheet_hbond.range_1_auth_asym_id 
_pdbx_struct_sheet_hbond.range_1_auth_seq_id 
_pdbx_struct_sheet_hbond.range_2_label_atom_id 
_pdbx_struct_sheet_hbond.range_2_label_comp_id 
_pdbx_struct_sheet_hbond.range_2_label_asym_id 
_pdbx_struct_sheet_hbond.range_2_label_seq_id 
_pdbx_struct_sheet_hbond.range_2_PDB_ins_code 
_pdbx_struct_sheet_hbond.range_2_auth_atom_id 
_pdbx_struct_sheet_hbond.range_2_auth_comp_id 
_pdbx_struct_sheet_hbond.range_2_auth_asym_id 
_pdbx_struct_sheet_hbond.range_2_auth_seq_id 
A 1 2 N ILE A 3  ? N ILE A 3  O LEU B 97 ? O LEU B 97 
A 2 3 O ASN B 98 ? O ASN B 98 N THR A 96 ? N THR A 96 
A 3 4 N LEU A 97 ? N LEU A 97 O ILE B 3  ? O ILE B 3  
B 1 2 N LYS A 43 ? N LYS A 43 O GLN A 58 ? O GLN A 58 
B 2 3 N ILE A 66 ? N ILE A 66 O HIS A 69 ? O HIS A 69 
B 3 4 O LEU A 76 ? O LEU A 76 N LEU A 33 ? N LEU A 33 
B 4 5 N VAL A 32 ? N VAL A 32 O ILE A 84 ? O ILE A 84 
B 5 6 O ILE A 85 ? O ILE A 85 N LEU A 23 ? N LEU A 23 
B 6 7 O LYS A 20 ? O LYS A 20 N ILE A 13 ? N ILE A 13 
B 7 8 N ARG A 14 ? N ARG A 14 O GLU A 65 ? O GLU A 65 
C 1 2 N LYS B 43 ? N LYS B 43 O GLN B 58 ? O GLN B 58 
C 2 3 N ILE B 66 ? N ILE B 66 O HIS B 69 ? O HIS B 69 
C 3 4 O LEU B 76 ? O LEU B 76 N LEU B 33 ? N LEU B 33 
C 4 5 N VAL B 32 ? N VAL B 32 O ILE B 84 ? O ILE B 84 
C 5 6 O ILE B 85 ? O ILE B 85 N LEU B 23 ? N LEU B 23 
C 6 7 O LYS B 20 ? O LYS B 20 N ILE B 13 ? N ILE B 13 
C 7 8 N ARG B 14 ? N ARG B 14 O GLU B 65 ? O GLU B 65 
# 
loop_
_struct_site.id 
_struct_site.pdbx_evidence_code 
_struct_site.pdbx_auth_asym_id 
_struct_site.pdbx_auth_comp_id 
_struct_site.pdbx_auth_seq_id 
_struct_site.pdbx_auth_ins_code 
_struct_site.pdbx_num_residues 
_struct_site.details 
AC1 Software A DR7 100 ? 24 'BINDING SITE FOR RESIDUE DR7 A 100' 
AC2 Software A ACT 504 ? 4  'BINDING SITE FOR RESIDUE ACT A 504' 
AC3 Software B ACT 505 ? 4  'BINDING SITE FOR RESIDUE ACT B 505' 
AC4 Software B ACT 506 ? 3  'BINDING SITE FOR RESIDUE ACT B 506' 
# 
loop_
_struct_site_gen.id 
_struct_site_gen.site_id 
_struct_site_gen.pdbx_num_res 
_struct_site_gen.label_comp_id 
_struct_site_gen.label_asym_id 
_struct_site_gen.label_seq_id 
_struct_site_gen.pdbx_auth_ins_code 
_struct_site_gen.auth_comp_id 
_struct_site_gen.auth_asym_id 
_struct_site_gen.auth_seq_id 
_struct_site_gen.label_atom_id 
_struct_site_gen.label_alt_id 
_struct_site_gen.symmetry 
_struct_site_gen.details 
1  AC1 24 ARG A 8  ? ARG A 8   . ? 1_555 ? 
2  AC1 24 ASP A 25 ? ASP A 25  . ? 1_555 ? 
3  AC1 24 GLY A 27 ? GLY A 27  . ? 1_555 ? 
4  AC1 24 ALA A 28 ? ALA A 28  . ? 1_555 ? 
5  AC1 24 ASP A 29 ? ASP A 29  . ? 1_555 ? 
6  AC1 24 GLY A 48 ? GLY A 48  . ? 1_555 ? 
7  AC1 24 GLY A 49 ? GLY A 49  . ? 1_555 ? 
8  AC1 24 ILE A 50 ? ILE A 50  . ? 1_555 ? 
9  AC1 24 VAL A 82 ? VAL A 82  . ? 1_555 ? 
10 AC1 24 ILE A 84 ? ILE A 84  . ? 1_555 ? 
11 AC1 24 HOH G .  ? HOH A 506 . ? 1_555 ? 
12 AC1 24 HOH G .  ? HOH A 508 . ? 1_555 ? 
13 AC1 24 ARG B 8  ? ARG B 8   . ? 1_555 ? 
14 AC1 24 ASP B 25 ? ASP B 25  . ? 1_555 ? 
15 AC1 24 GLY B 27 ? GLY B 27  . ? 1_555 ? 
16 AC1 24 ALA B 28 ? ALA B 28  . ? 1_555 ? 
17 AC1 24 ASP B 29 ? ASP B 29  . ? 1_555 ? 
18 AC1 24 GLY B 48 ? GLY B 48  . ? 1_555 ? 
19 AC1 24 GLY B 49 ? GLY B 49  . ? 1_555 ? 
20 AC1 24 ILE B 50 ? ILE B 50  . ? 1_555 ? 
21 AC1 24 PRO B 81 ? PRO B 81  . ? 1_555 ? 
22 AC1 24 ILE B 84 ? ILE B 84  . ? 1_555 ? 
23 AC1 24 HOH H .  ? HOH B 532 . ? 1_555 ? 
24 AC1 24 HOH H .  ? HOH B 558 . ? 1_555 ? 
25 AC2 4  GLY A 73 ? GLY A 73  . ? 1_555 ? 
26 AC2 4  THR A 74 ? THR A 74  . ? 1_555 ? 
27 AC2 4  ASN A 88 ? ASN A 88  . ? 1_555 ? 
28 AC2 4  GLN A 92 ? GLN A 92  . ? 1_555 ? 
29 AC3 4  GLY B 73 ? GLY B 73  . ? 1_555 ? 
30 AC3 4  THR B 74 ? THR B 74  . ? 1_555 ? 
31 AC3 4  ASN B 88 ? ASN B 88  . ? 1_555 ? 
32 AC3 4  HOH H .  ? HOH B 546 . ? 1_555 ? 
33 AC4 3  GLY A 17 ? GLY A 17  . ? 1_655 ? 
34 AC4 3  ARG B 14 ? ARG B 14  . ? 1_555 ? 
35 AC4 3  GLY B 17 ? GLY B 17  . ? 1_555 ? 
# 
loop_
_pdbx_validate_chiral.id 
_pdbx_validate_chiral.PDB_model_num 
_pdbx_validate_chiral.auth_atom_id 
_pdbx_validate_chiral.label_alt_id 
_pdbx_validate_chiral.auth_asym_id 
_pdbx_validate_chiral.auth_comp_id 
_pdbx_validate_chiral.auth_seq_id 
_pdbx_validate_chiral.PDB_ins_code 
_pdbx_validate_chiral.details 
_pdbx_validate_chiral.omega 
1 1 CA A A DR7 100 ? PLANAR . 
2 1 CA B A DR7 100 ? PLANAR . 
# 
loop_
_chem_comp_atom.comp_id 
_chem_comp_atom.atom_id 
_chem_comp_atom.type_symbol 
_chem_comp_atom.pdbx_aromatic_flag 
_chem_comp_atom.pdbx_stereo_config 
_chem_comp_atom.pdbx_ordinal 
ACT C    C N N 1   
ACT O    O N N 2   
ACT OXT  O N N 3   
ACT CH3  C N N 4   
ACT H1   H N N 5   
ACT H2   H N N 6   
ACT H3   H N N 7   
ALA N    N N N 8   
ALA CA   C N S 9   
ALA C    C N N 10  
ALA O    O N N 11  
ALA CB   C N N 12  
ALA OXT  O N N 13  
ALA H    H N N 14  
ALA H2   H N N 15  
ALA HA   H N N 16  
ALA HB1  H N N 17  
ALA HB2  H N N 18  
ALA HB3  H N N 19  
ALA HXT  H N N 20  
ARG N    N N N 21  
ARG CA   C N S 22  
ARG C    C N N 23  
ARG O    O N N 24  
ARG CB   C N N 25  
ARG CG   C N N 26  
ARG CD   C N N 27  
ARG NE   N N N 28  
ARG CZ   C N N 29  
ARG NH1  N N N 30  
ARG NH2  N N N 31  
ARG OXT  O N N 32  
ARG H    H N N 33  
ARG H2   H N N 34  
ARG HA   H N N 35  
ARG HB2  H N N 36  
ARG HB3  H N N 37  
ARG HG2  H N N 38  
ARG HG3  H N N 39  
ARG HD2  H N N 40  
ARG HD3  H N N 41  
ARG HE   H N N 42  
ARG HH11 H N N 43  
ARG HH12 H N N 44  
ARG HH21 H N N 45  
ARG HH22 H N N 46  
ARG HXT  H N N 47  
ASN N    N N N 48  
ASN CA   C N S 49  
ASN C    C N N 50  
ASN O    O N N 51  
ASN CB   C N N 52  
ASN CG   C N N 53  
ASN OD1  O N N 54  
ASN ND2  N N N 55  
ASN OXT  O N N 56  
ASN H    H N N 57  
ASN H2   H N N 58  
ASN HA   H N N 59  
ASN HB2  H N N 60  
ASN HB3  H N N 61  
ASN HD21 H N N 62  
ASN HD22 H N N 63  
ASN HXT  H N N 64  
ASP N    N N N 65  
ASP CA   C N S 66  
ASP C    C N N 67  
ASP O    O N N 68  
ASP CB   C N N 69  
ASP CG   C N N 70  
ASP OD1  O N N 71  
ASP OD2  O N N 72  
ASP OXT  O N N 73  
ASP H    H N N 74  
ASP H2   H N N 75  
ASP HA   H N N 76  
ASP HB2  H N N 77  
ASP HB3  H N N 78  
ASP HD2  H N N 79  
ASP HXT  H N N 80  
CYS N    N N N 81  
CYS CA   C N R 82  
CYS C    C N N 83  
CYS O    O N N 84  
CYS CB   C N N 85  
CYS SG   S N N 86  
CYS OXT  O N N 87  
CYS H    H N N 88  
CYS H2   H N N 89  
CYS HA   H N N 90  
CYS HB2  H N N 91  
CYS HB3  H N N 92  
CYS HG   H N N 93  
CYS HXT  H N N 94  
DR7 CAA  C N N 95  
DR7 OBI  O N N 96  
DR7 CBK  C N N 97  
DR7 OAI  O N N 98  
DR7 N    N N N 99  
DR7 CA   C N S 100 
DR7 CB   C N N 101 
DR7 CAE  C N N 102 
DR7 CG2  C N N 103 
DR7 CG1  C N N 104 
DR7 C    C N N 105 
DR7 O    O N N 106 
DR7 NBG  N N N 107 
DR7 CBT  C N S 108 
DR7 CBA  C N N 109 
DR7 CBO  C Y N 110 
DR7 CAT  C Y N 111 
DR7 CAP  C Y N 112 
DR7 CAN  C Y N 113 
DR7 CAQ  C Y N 114 
DR7 CAU  C Y N 115 
DR7 CBS  C N S 116 
DR7 OAM  O N N 117 
DR7 CBC  C N N 118 
DR7 NBW  N N N 119 
DR7 NBH  N N N 120 
DR7 CBN  C N N 121 
DR7 OAL  O N N 122 
DR7 CBV  C N S 123 
DR7 CBY  C N N 124 
DR7 CAH  C N N 125 
DR7 CAF  C N N 126 
DR7 CAG  C N N 127 
DR7 NBF  N N N 128 
DR7 CBL  C N N 129 
DR7 OAJ  O N N 130 
DR7 OBJ  O N N 131 
DR7 CAB  C N N 132 
DR7 CBB  C N N 133 
DR7 CBP  C Y N 134 
DR7 CAW  C Y N 135 
DR7 CAY  C Y N 136 
DR7 CAX  C Y N 137 
DR7 CAZ  C Y N 138 
DR7 CBQ  C Y N 139 
DR7 CBR  C Y N 140 
DR7 CAV  C Y N 141 
DR7 CAR  C Y N 142 
DR7 CAO  C Y N 143 
DR7 CAS  C Y N 144 
DR7 NBD  N Y N 145 
DR7 HAA1 H N N 146 
DR7 HAA2 H N N 147 
DR7 HAA3 H N N 148 
DR7 HN   H N N 149 
DR7 HA   H N N 150 
DR7 HAE1 H N N 151 
DR7 HAE2 H N N 152 
DR7 HAE3 H N N 153 
DR7 HG21 H N N 154 
DR7 HG22 H N N 155 
DR7 HG23 H N N 156 
DR7 HG11 H N N 157 
DR7 HG12 H N N 158 
DR7 HG13 H N N 159 
DR7 HBG  H N N 160 
DR7 HBT  H N N 161 
DR7 HBA1 H N N 162 
DR7 HBA2 H N N 163 
DR7 HAT  H N N 164 
DR7 HAP  H N N 165 
DR7 HAN  H N N 166 
DR7 HAQ  H N N 167 
DR7 HAU  H N N 168 
DR7 HBS  H N N 169 
DR7 HAM  H N N 170 
DR7 HBC1 H N N 171 
DR7 HBC2 H N N 172 
DR7 HBH  H N N 173 
DR7 HBV  H N N 174 
DR7 HAH1 H N N 175 
DR7 HAH2 H N N 176 
DR7 HAH3 H N N 177 
DR7 HAF1 H N N 178 
DR7 HAF2 H N N 179 
DR7 HAF3 H N N 180 
DR7 HAG1 H N N 181 
DR7 HAG2 H N N 182 
DR7 HAG3 H N N 183 
DR7 HBF  H N N 184 
DR7 HAB1 H N N 185 
DR7 HAB2 H N N 186 
DR7 HAB3 H N N 187 
DR7 HBB1 H N N 188 
DR7 HBB2 H N N 189 
DR7 HAW  H N N 190 
DR7 HAY  H N N 191 
DR7 HAX  H N N 192 
DR7 HAZ  H N N 193 
DR7 HAV  H N N 194 
DR7 HAR  H N N 195 
DR7 HAO  H N N 196 
DR7 HAS  H N N 197 
GLN N    N N N 198 
GLN CA   C N S 199 
GLN C    C N N 200 
GLN O    O N N 201 
GLN CB   C N N 202 
GLN CG   C N N 203 
GLN CD   C N N 204 
GLN OE1  O N N 205 
GLN NE2  N N N 206 
GLN OXT  O N N 207 
GLN H    H N N 208 
GLN H2   H N N 209 
GLN HA   H N N 210 
GLN HB2  H N N 211 
GLN HB3  H N N 212 
GLN HG2  H N N 213 
GLN HG3  H N N 214 
GLN HE21 H N N 215 
GLN HE22 H N N 216 
GLN HXT  H N N 217 
GLU N    N N N 218 
GLU CA   C N S 219 
GLU C    C N N 220 
GLU O    O N N 221 
GLU CB   C N N 222 
GLU CG   C N N 223 
GLU CD   C N N 224 
GLU OE1  O N N 225 
GLU OE2  O N N 226 
GLU OXT  O N N 227 
GLU H    H N N 228 
GLU H2   H N N 229 
GLU HA   H N N 230 
GLU HB2  H N N 231 
GLU HB3  H N N 232 
GLU HG2  H N N 233 
GLU HG3  H N N 234 
GLU HE2  H N N 235 
GLU HXT  H N N 236 
GLY N    N N N 237 
GLY CA   C N N 238 
GLY C    C N N 239 
GLY O    O N N 240 
GLY OXT  O N N 241 
GLY H    H N N 242 
GLY H2   H N N 243 
GLY HA2  H N N 244 
GLY HA3  H N N 245 
GLY HXT  H N N 246 
HIS N    N N N 247 
HIS CA   C N S 248 
HIS C    C N N 249 
HIS O    O N N 250 
HIS CB   C N N 251 
HIS CG   C Y N 252 
HIS ND1  N Y N 253 
HIS CD2  C Y N 254 
HIS CE1  C Y N 255 
HIS NE2  N Y N 256 
HIS OXT  O N N 257 
HIS H    H N N 258 
HIS H2   H N N 259 
HIS HA   H N N 260 
HIS HB2  H N N 261 
HIS HB3  H N N 262 
HIS HD1  H N N 263 
HIS HD2  H N N 264 
HIS HE1  H N N 265 
HIS HE2  H N N 266 
HIS HXT  H N N 267 
HOH O    O N N 268 
HOH H1   H N N 269 
HOH H2   H N N 270 
ILE N    N N N 271 
ILE CA   C N S 272 
ILE C    C N N 273 
ILE O    O N N 274 
ILE CB   C N S 275 
ILE CG1  C N N 276 
ILE CG2  C N N 277 
ILE CD1  C N N 278 
ILE OXT  O N N 279 
ILE H    H N N 280 
ILE H2   H N N 281 
ILE HA   H N N 282 
ILE HB   H N N 283 
ILE HG12 H N N 284 
ILE HG13 H N N 285 
ILE HG21 H N N 286 
ILE HG22 H N N 287 
ILE HG23 H N N 288 
ILE HD11 H N N 289 
ILE HD12 H N N 290 
ILE HD13 H N N 291 
ILE HXT  H N N 292 
LEU N    N N N 293 
LEU CA   C N S 294 
LEU C    C N N 295 
LEU O    O N N 296 
LEU CB   C N N 297 
LEU CG   C N N 298 
LEU CD1  C N N 299 
LEU CD2  C N N 300 
LEU OXT  O N N 301 
LEU H    H N N 302 
LEU H2   H N N 303 
LEU HA   H N N 304 
LEU HB2  H N N 305 
LEU HB3  H N N 306 
LEU HG   H N N 307 
LEU HD11 H N N 308 
LEU HD12 H N N 309 
LEU HD13 H N N 310 
LEU HD21 H N N 311 
LEU HD22 H N N 312 
LEU HD23 H N N 313 
LEU HXT  H N N 314 
LYS N    N N N 315 
LYS CA   C N S 316 
LYS C    C N N 317 
LYS O    O N N 318 
LYS CB   C N N 319 
LYS CG   C N N 320 
LYS CD   C N N 321 
LYS CE   C N N 322 
LYS NZ   N N N 323 
LYS OXT  O N N 324 
LYS H    H N N 325 
LYS H2   H N N 326 
LYS HA   H N N 327 
LYS HB2  H N N 328 
LYS HB3  H N N 329 
LYS HG2  H N N 330 
LYS HG3  H N N 331 
LYS HD2  H N N 332 
LYS HD3  H N N 333 
LYS HE2  H N N 334 
LYS HE3  H N N 335 
LYS HZ1  H N N 336 
LYS HZ2  H N N 337 
LYS HZ3  H N N 338 
LYS HXT  H N N 339 
MET N    N N N 340 
MET CA   C N S 341 
MET C    C N N 342 
MET O    O N N 343 
MET CB   C N N 344 
MET CG   C N N 345 
MET SD   S N N 346 
MET CE   C N N 347 
MET OXT  O N N 348 
MET H    H N N 349 
MET H2   H N N 350 
MET HA   H N N 351 
MET HB2  H N N 352 
MET HB3  H N N 353 
MET HG2  H N N 354 
MET HG3  H N N 355 
MET HE1  H N N 356 
MET HE2  H N N 357 
MET HE3  H N N 358 
MET HXT  H N N 359 
PHE N    N N N 360 
PHE CA   C N S 361 
PHE C    C N N 362 
PHE O    O N N 363 
PHE CB   C N N 364 
PHE CG   C Y N 365 
PHE CD1  C Y N 366 
PHE CD2  C Y N 367 
PHE CE1  C Y N 368 
PHE CE2  C Y N 369 
PHE CZ   C Y N 370 
PHE OXT  O N N 371 
PHE H    H N N 372 
PHE H2   H N N 373 
PHE HA   H N N 374 
PHE HB2  H N N 375 
PHE HB3  H N N 376 
PHE HD1  H N N 377 
PHE HD2  H N N 378 
PHE HE1  H N N 379 
PHE HE2  H N N 380 
PHE HZ   H N N 381 
PHE HXT  H N N 382 
PRO N    N N N 383 
PRO CA   C N S 384 
PRO C    C N N 385 
PRO O    O N N 386 
PRO CB   C N N 387 
PRO CG   C N N 388 
PRO CD   C N N 389 
PRO OXT  O N N 390 
PRO H    H N N 391 
PRO HA   H N N 392 
PRO HB2  H N N 393 
PRO HB3  H N N 394 
PRO HG2  H N N 395 
PRO HG3  H N N 396 
PRO HD2  H N N 397 
PRO HD3  H N N 398 
PRO HXT  H N N 399 
THR N    N N N 400 
THR CA   C N S 401 
THR C    C N N 402 
THR O    O N N 403 
THR CB   C N R 404 
THR OG1  O N N 405 
THR CG2  C N N 406 
THR OXT  O N N 407 
THR H    H N N 408 
THR H2   H N N 409 
THR HA   H N N 410 
THR HB   H N N 411 
THR HG1  H N N 412 
THR HG21 H N N 413 
THR HG22 H N N 414 
THR HG23 H N N 415 
THR HXT  H N N 416 
TRP N    N N N 417 
TRP CA   C N S 418 
TRP C    C N N 419 
TRP O    O N N 420 
TRP CB   C N N 421 
TRP CG   C Y N 422 
TRP CD1  C Y N 423 
TRP CD2  C Y N 424 
TRP NE1  N Y N 425 
TRP CE2  C Y N 426 
TRP CE3  C Y N 427 
TRP CZ2  C Y N 428 
TRP CZ3  C Y N 429 
TRP CH2  C Y N 430 
TRP OXT  O N N 431 
TRP H    H N N 432 
TRP H2   H N N 433 
TRP HA   H N N 434 
TRP HB2  H N N 435 
TRP HB3  H N N 436 
TRP HD1  H N N 437 
TRP HE1  H N N 438 
TRP HE3  H N N 439 
TRP HZ2  H N N 440 
TRP HZ3  H N N 441 
TRP HH2  H N N 442 
TRP HXT  H N N 443 
TYR N    N N N 444 
TYR CA   C N S 445 
TYR C    C N N 446 
TYR O    O N N 447 
TYR CB   C N N 448 
TYR CG   C Y N 449 
TYR CD1  C Y N 450 
TYR CD2  C Y N 451 
TYR CE1  C Y N 452 
TYR CE2  C Y N 453 
TYR CZ   C Y N 454 
TYR OH   O N N 455 
TYR OXT  O N N 456 
TYR H    H N N 457 
TYR H2   H N N 458 
TYR HA   H N N 459 
TYR HB2  H N N 460 
TYR HB3  H N N 461 
TYR HD1  H N N 462 
TYR HD2  H N N 463 
TYR HE1  H N N 464 
TYR HE2  H N N 465 
TYR HH   H N N 466 
TYR HXT  H N N 467 
VAL N    N N N 468 
VAL CA   C N S 469 
VAL C    C N N 470 
VAL O    O N N 471 
VAL CB   C N N 472 
VAL CG1  C N N 473 
VAL CG2  C N N 474 
VAL OXT  O N N 475 
VAL H    H N N 476 
VAL H2   H N N 477 
VAL HA   H N N 478 
VAL HB   H N N 479 
VAL HG11 H N N 480 
VAL HG12 H N N 481 
VAL HG13 H N N 482 
VAL HG21 H N N 483 
VAL HG22 H N N 484 
VAL HG23 H N N 485 
VAL HXT  H N N 486 
# 
loop_
_chem_comp_bond.comp_id 
_chem_comp_bond.atom_id_1 
_chem_comp_bond.atom_id_2 
_chem_comp_bond.value_order 
_chem_comp_bond.pdbx_aromatic_flag 
_chem_comp_bond.pdbx_stereo_config 
_chem_comp_bond.pdbx_ordinal 
ACT C   O    doub N N 1   
ACT C   OXT  sing N N 2   
ACT C   CH3  sing N N 3   
ACT CH3 H1   sing N N 4   
ACT CH3 H2   sing N N 5   
ACT CH3 H3   sing N N 6   
ALA N   CA   sing N N 7   
ALA N   H    sing N N 8   
ALA N   H2   sing N N 9   
ALA CA  C    sing N N 10  
ALA CA  CB   sing N N 11  
ALA CA  HA   sing N N 12  
ALA C   O    doub N N 13  
ALA C   OXT  sing N N 14  
ALA CB  HB1  sing N N 15  
ALA CB  HB2  sing N N 16  
ALA CB  HB3  sing N N 17  
ALA OXT HXT  sing N N 18  
ARG N   CA   sing N N 19  
ARG N   H    sing N N 20  
ARG N   H2   sing N N 21  
ARG CA  C    sing N N 22  
ARG CA  CB   sing N N 23  
ARG CA  HA   sing N N 24  
ARG C   O    doub N N 25  
ARG C   OXT  sing N N 26  
ARG CB  CG   sing N N 27  
ARG CB  HB2  sing N N 28  
ARG CB  HB3  sing N N 29  
ARG CG  CD   sing N N 30  
ARG CG  HG2  sing N N 31  
ARG CG  HG3  sing N N 32  
ARG CD  NE   sing N N 33  
ARG CD  HD2  sing N N 34  
ARG CD  HD3  sing N N 35  
ARG NE  CZ   sing N N 36  
ARG NE  HE   sing N N 37  
ARG CZ  NH1  sing N N 38  
ARG CZ  NH2  doub N N 39  
ARG NH1 HH11 sing N N 40  
ARG NH1 HH12 sing N N 41  
ARG NH2 HH21 sing N N 42  
ARG NH2 HH22 sing N N 43  
ARG OXT HXT  sing N N 44  
ASN N   CA   sing N N 45  
ASN N   H    sing N N 46  
ASN N   H2   sing N N 47  
ASN CA  C    sing N N 48  
ASN CA  CB   sing N N 49  
ASN CA  HA   sing N N 50  
ASN C   O    doub N N 51  
ASN C   OXT  sing N N 52  
ASN CB  CG   sing N N 53  
ASN CB  HB2  sing N N 54  
ASN CB  HB3  sing N N 55  
ASN CG  OD1  doub N N 56  
ASN CG  ND2  sing N N 57  
ASN ND2 HD21 sing N N 58  
ASN ND2 HD22 sing N N 59  
ASN OXT HXT  sing N N 60  
ASP N   CA   sing N N 61  
ASP N   H    sing N N 62  
ASP N   H2   sing N N 63  
ASP CA  C    sing N N 64  
ASP CA  CB   sing N N 65  
ASP CA  HA   sing N N 66  
ASP C   O    doub N N 67  
ASP C   OXT  sing N N 68  
ASP CB  CG   sing N N 69  
ASP CB  HB2  sing N N 70  
ASP CB  HB3  sing N N 71  
ASP CG  OD1  doub N N 72  
ASP CG  OD2  sing N N 73  
ASP OD2 HD2  sing N N 74  
ASP OXT HXT  sing N N 75  
CYS N   CA   sing N N 76  
CYS N   H    sing N N 77  
CYS N   H2   sing N N 78  
CYS CA  C    sing N N 79  
CYS CA  CB   sing N N 80  
CYS CA  HA   sing N N 81  
CYS C   O    doub N N 82  
CYS C   OXT  sing N N 83  
CYS CB  SG   sing N N 84  
CYS CB  HB2  sing N N 85  
CYS CB  HB3  sing N N 86  
CYS SG  HG   sing N N 87  
CYS OXT HXT  sing N N 88  
DR7 CAA OBI  sing N N 89  
DR7 CAA HAA1 sing N N 90  
DR7 CAA HAA2 sing N N 91  
DR7 CAA HAA3 sing N N 92  
DR7 OBI CBK  sing N N 93  
DR7 CBK OAI  doub N N 94  
DR7 CBK N    sing N N 95  
DR7 N   CA   sing N N 96  
DR7 N   HN   sing N N 97  
DR7 CA  CB   sing N N 98  
DR7 CA  C    sing N N 99  
DR7 CA  HA   sing N N 100 
DR7 CB  CAE  sing N N 101 
DR7 CB  CG2  sing N N 102 
DR7 CB  CG1  sing N N 103 
DR7 CAE HAE1 sing N N 104 
DR7 CAE HAE2 sing N N 105 
DR7 CAE HAE3 sing N N 106 
DR7 CG2 HG21 sing N N 107 
DR7 CG2 HG22 sing N N 108 
DR7 CG2 HG23 sing N N 109 
DR7 CG1 HG11 sing N N 110 
DR7 CG1 HG12 sing N N 111 
DR7 CG1 HG13 sing N N 112 
DR7 C   O    doub N N 113 
DR7 C   NBG  sing N N 114 
DR7 NBG CBT  sing N N 115 
DR7 NBG HBG  sing N N 116 
DR7 CBT CBA  sing N N 117 
DR7 CBT CBS  sing N N 118 
DR7 CBT HBT  sing N N 119 
DR7 CBA CBO  sing N N 120 
DR7 CBA HBA1 sing N N 121 
DR7 CBA HBA2 sing N N 122 
DR7 CBO CAT  doub Y N 123 
DR7 CBO CAU  sing Y N 124 
DR7 CAT CAP  sing Y N 125 
DR7 CAT HAT  sing N N 126 
DR7 CAP CAN  doub Y N 127 
DR7 CAP HAP  sing N N 128 
DR7 CAN CAQ  sing Y N 129 
DR7 CAN HAN  sing N N 130 
DR7 CAQ CAU  doub Y N 131 
DR7 CAQ HAQ  sing N N 132 
DR7 CAU HAU  sing N N 133 
DR7 CBS OAM  sing N N 134 
DR7 CBS CBC  sing N N 135 
DR7 CBS HBS  sing N N 136 
DR7 OAM HAM  sing N N 137 
DR7 CBC NBW  sing N N 138 
DR7 CBC HBC1 sing N N 139 
DR7 CBC HBC2 sing N N 140 
DR7 NBW NBH  sing N N 141 
DR7 NBW CBB  sing N N 142 
DR7 NBH CBN  sing N N 143 
DR7 NBH HBH  sing N N 144 
DR7 CBN OAL  doub N N 145 
DR7 CBN CBV  sing N N 146 
DR7 CBV CBY  sing N N 147 
DR7 CBV NBF  sing N N 148 
DR7 CBV HBV  sing N N 149 
DR7 CBY CAH  sing N N 150 
DR7 CBY CAF  sing N N 151 
DR7 CBY CAG  sing N N 152 
DR7 CAH HAH1 sing N N 153 
DR7 CAH HAH2 sing N N 154 
DR7 CAH HAH3 sing N N 155 
DR7 CAF HAF1 sing N N 156 
DR7 CAF HAF2 sing N N 157 
DR7 CAF HAF3 sing N N 158 
DR7 CAG HAG1 sing N N 159 
DR7 CAG HAG2 sing N N 160 
DR7 CAG HAG3 sing N N 161 
DR7 NBF CBL  sing N N 162 
DR7 NBF HBF  sing N N 163 
DR7 CBL OAJ  doub N N 164 
DR7 CBL OBJ  sing N N 165 
DR7 OBJ CAB  sing N N 166 
DR7 CAB HAB1 sing N N 167 
DR7 CAB HAB2 sing N N 168 
DR7 CAB HAB3 sing N N 169 
DR7 CBB CBP  sing N N 170 
DR7 CBB HBB1 sing N N 171 
DR7 CBB HBB2 sing N N 172 
DR7 CBP CAW  sing Y N 173 
DR7 CBP CAX  doub Y N 174 
DR7 CAW CAY  doub Y N 175 
DR7 CAW HAW  sing N N 176 
DR7 CAY CBQ  sing Y N 177 
DR7 CAY HAY  sing N N 178 
DR7 CAX CAZ  sing Y N 179 
DR7 CAX HAX  sing N N 180 
DR7 CAZ CBQ  doub Y N 181 
DR7 CAZ HAZ  sing N N 182 
DR7 CBQ CBR  sing Y N 183 
DR7 CBR CAV  sing Y N 184 
DR7 CBR NBD  doub Y N 185 
DR7 CAV CAR  doub Y N 186 
DR7 CAV HAV  sing N N 187 
DR7 CAR CAO  sing Y N 188 
DR7 CAR HAR  sing N N 189 
DR7 CAO CAS  doub Y N 190 
DR7 CAO HAO  sing N N 191 
DR7 CAS NBD  sing Y N 192 
DR7 CAS HAS  sing N N 193 
GLN N   CA   sing N N 194 
GLN N   H    sing N N 195 
GLN N   H2   sing N N 196 
GLN CA  C    sing N N 197 
GLN CA  CB   sing N N 198 
GLN CA  HA   sing N N 199 
GLN C   O    doub N N 200 
GLN C   OXT  sing N N 201 
GLN CB  CG   sing N N 202 
GLN CB  HB2  sing N N 203 
GLN CB  HB3  sing N N 204 
GLN CG  CD   sing N N 205 
GLN CG  HG2  sing N N 206 
GLN CG  HG3  sing N N 207 
GLN CD  OE1  doub N N 208 
GLN CD  NE2  sing N N 209 
GLN NE2 HE21 sing N N 210 
GLN NE2 HE22 sing N N 211 
GLN OXT HXT  sing N N 212 
GLU N   CA   sing N N 213 
GLU N   H    sing N N 214 
GLU N   H2   sing N N 215 
GLU CA  C    sing N N 216 
GLU CA  CB   sing N N 217 
GLU CA  HA   sing N N 218 
GLU C   O    doub N N 219 
GLU C   OXT  sing N N 220 
GLU CB  CG   sing N N 221 
GLU CB  HB2  sing N N 222 
GLU CB  HB3  sing N N 223 
GLU CG  CD   sing N N 224 
GLU CG  HG2  sing N N 225 
GLU CG  HG3  sing N N 226 
GLU CD  OE1  doub N N 227 
GLU CD  OE2  sing N N 228 
GLU OE2 HE2  sing N N 229 
GLU OXT HXT  sing N N 230 
GLY N   CA   sing N N 231 
GLY N   H    sing N N 232 
GLY N   H2   sing N N 233 
GLY CA  C    sing N N 234 
GLY CA  HA2  sing N N 235 
GLY CA  HA3  sing N N 236 
GLY C   O    doub N N 237 
GLY C   OXT  sing N N 238 
GLY OXT HXT  sing N N 239 
HIS N   CA   sing N N 240 
HIS N   H    sing N N 241 
HIS N   H2   sing N N 242 
HIS CA  C    sing N N 243 
HIS CA  CB   sing N N 244 
HIS CA  HA   sing N N 245 
HIS C   O    doub N N 246 
HIS C   OXT  sing N N 247 
HIS CB  CG   sing N N 248 
HIS CB  HB2  sing N N 249 
HIS CB  HB3  sing N N 250 
HIS CG  ND1  sing Y N 251 
HIS CG  CD2  doub Y N 252 
HIS ND1 CE1  doub Y N 253 
HIS ND1 HD1  sing N N 254 
HIS CD2 NE2  sing Y N 255 
HIS CD2 HD2  sing N N 256 
HIS CE1 NE2  sing Y N 257 
HIS CE1 HE1  sing N N 258 
HIS NE2 HE2  sing N N 259 
HIS OXT HXT  sing N N 260 
HOH O   H1   sing N N 261 
HOH O   H2   sing N N 262 
ILE N   CA   sing N N 263 
ILE N   H    sing N N 264 
ILE N   H2   sing N N 265 
ILE CA  C    sing N N 266 
ILE CA  CB   sing N N 267 
ILE CA  HA   sing N N 268 
ILE C   O    doub N N 269 
ILE C   OXT  sing N N 270 
ILE CB  CG1  sing N N 271 
ILE CB  CG2  sing N N 272 
ILE CB  HB   sing N N 273 
ILE CG1 CD1  sing N N 274 
ILE CG1 HG12 sing N N 275 
ILE CG1 HG13 sing N N 276 
ILE CG2 HG21 sing N N 277 
ILE CG2 HG22 sing N N 278 
ILE CG2 HG23 sing N N 279 
ILE CD1 HD11 sing N N 280 
ILE CD1 HD12 sing N N 281 
ILE CD1 HD13 sing N N 282 
ILE OXT HXT  sing N N 283 
LEU N   CA   sing N N 284 
LEU N   H    sing N N 285 
LEU N   H2   sing N N 286 
LEU CA  C    sing N N 287 
LEU CA  CB   sing N N 288 
LEU CA  HA   sing N N 289 
LEU C   O    doub N N 290 
LEU C   OXT  sing N N 291 
LEU CB  CG   sing N N 292 
LEU CB  HB2  sing N N 293 
LEU CB  HB3  sing N N 294 
LEU CG  CD1  sing N N 295 
LEU CG  CD2  sing N N 296 
LEU CG  HG   sing N N 297 
LEU CD1 HD11 sing N N 298 
LEU CD1 HD12 sing N N 299 
LEU CD1 HD13 sing N N 300 
LEU CD2 HD21 sing N N 301 
LEU CD2 HD22 sing N N 302 
LEU CD2 HD23 sing N N 303 
LEU OXT HXT  sing N N 304 
LYS N   CA   sing N N 305 
LYS N   H    sing N N 306 
LYS N   H2   sing N N 307 
LYS CA  C    sing N N 308 
LYS CA  CB   sing N N 309 
LYS CA  HA   sing N N 310 
LYS C   O    doub N N 311 
LYS C   OXT  sing N N 312 
LYS CB  CG   sing N N 313 
LYS CB  HB2  sing N N 314 
LYS CB  HB3  sing N N 315 
LYS CG  CD   sing N N 316 
LYS CG  HG2  sing N N 317 
LYS CG  HG3  sing N N 318 
LYS CD  CE   sing N N 319 
LYS CD  HD2  sing N N 320 
LYS CD  HD3  sing N N 321 
LYS CE  NZ   sing N N 322 
LYS CE  HE2  sing N N 323 
LYS CE  HE3  sing N N 324 
LYS NZ  HZ1  sing N N 325 
LYS NZ  HZ2  sing N N 326 
LYS NZ  HZ3  sing N N 327 
LYS OXT HXT  sing N N 328 
MET N   CA   sing N N 329 
MET N   H    sing N N 330 
MET N   H2   sing N N 331 
MET CA  C    sing N N 332 
MET CA  CB   sing N N 333 
MET CA  HA   sing N N 334 
MET C   O    doub N N 335 
MET C   OXT  sing N N 336 
MET CB  CG   sing N N 337 
MET CB  HB2  sing N N 338 
MET CB  HB3  sing N N 339 
MET CG  SD   sing N N 340 
MET CG  HG2  sing N N 341 
MET CG  HG3  sing N N 342 
MET SD  CE   sing N N 343 
MET CE  HE1  sing N N 344 
MET CE  HE2  sing N N 345 
MET CE  HE3  sing N N 346 
MET OXT HXT  sing N N 347 
PHE N   CA   sing N N 348 
PHE N   H    sing N N 349 
PHE N   H2   sing N N 350 
PHE CA  C    sing N N 351 
PHE CA  CB   sing N N 352 
PHE CA  HA   sing N N 353 
PHE C   O    doub N N 354 
PHE C   OXT  sing N N 355 
PHE CB  CG   sing N N 356 
PHE CB  HB2  sing N N 357 
PHE CB  HB3  sing N N 358 
PHE CG  CD1  doub Y N 359 
PHE CG  CD2  sing Y N 360 
PHE CD1 CE1  sing Y N 361 
PHE CD1 HD1  sing N N 362 
PHE CD2 CE2  doub Y N 363 
PHE CD2 HD2  sing N N 364 
PHE CE1 CZ   doub Y N 365 
PHE CE1 HE1  sing N N 366 
PHE CE2 CZ   sing Y N 367 
PHE CE2 HE2  sing N N 368 
PHE CZ  HZ   sing N N 369 
PHE OXT HXT  sing N N 370 
PRO N   CA   sing N N 371 
PRO N   CD   sing N N 372 
PRO N   H    sing N N 373 
PRO CA  C    sing N N 374 
PRO CA  CB   sing N N 375 
PRO CA  HA   sing N N 376 
PRO C   O    doub N N 377 
PRO C   OXT  sing N N 378 
PRO CB  CG   sing N N 379 
PRO CB  HB2  sing N N 380 
PRO CB  HB3  sing N N 381 
PRO CG  CD   sing N N 382 
PRO CG  HG2  sing N N 383 
PRO CG  HG3  sing N N 384 
PRO CD  HD2  sing N N 385 
PRO CD  HD3  sing N N 386 
PRO OXT HXT  sing N N 387 
THR N   CA   sing N N 388 
THR N   H    sing N N 389 
THR N   H2   sing N N 390 
THR CA  C    sing N N 391 
THR CA  CB   sing N N 392 
THR CA  HA   sing N N 393 
THR C   O    doub N N 394 
THR C   OXT  sing N N 395 
THR CB  OG1  sing N N 396 
THR CB  CG2  sing N N 397 
THR CB  HB   sing N N 398 
THR OG1 HG1  sing N N 399 
THR CG2 HG21 sing N N 400 
THR CG2 HG22 sing N N 401 
THR CG2 HG23 sing N N 402 
THR OXT HXT  sing N N 403 
TRP N   CA   sing N N 404 
TRP N   H    sing N N 405 
TRP N   H2   sing N N 406 
TRP CA  C    sing N N 407 
TRP CA  CB   sing N N 408 
TRP CA  HA   sing N N 409 
TRP C   O    doub N N 410 
TRP C   OXT  sing N N 411 
TRP CB  CG   sing N N 412 
TRP CB  HB2  sing N N 413 
TRP CB  HB3  sing N N 414 
TRP CG  CD1  doub Y N 415 
TRP CG  CD2  sing Y N 416 
TRP CD1 NE1  sing Y N 417 
TRP CD1 HD1  sing N N 418 
TRP CD2 CE2  doub Y N 419 
TRP CD2 CE3  sing Y N 420 
TRP NE1 CE2  sing Y N 421 
TRP NE1 HE1  sing N N 422 
TRP CE2 CZ2  sing Y N 423 
TRP CE3 CZ3  doub Y N 424 
TRP CE3 HE3  sing N N 425 
TRP CZ2 CH2  doub Y N 426 
TRP CZ2 HZ2  sing N N 427 
TRP CZ3 CH2  sing Y N 428 
TRP CZ3 HZ3  sing N N 429 
TRP CH2 HH2  sing N N 430 
TRP OXT HXT  sing N N 431 
TYR N   CA   sing N N 432 
TYR N   H    sing N N 433 
TYR N   H2   sing N N 434 
TYR CA  C    sing N N 435 
TYR CA  CB   sing N N 436 
TYR CA  HA   sing N N 437 
TYR C   O    doub N N 438 
TYR C   OXT  sing N N 439 
TYR CB  CG   sing N N 440 
TYR CB  HB2  sing N N 441 
TYR CB  HB3  sing N N 442 
TYR CG  CD1  doub Y N 443 
TYR CG  CD2  sing Y N 444 
TYR CD1 CE1  sing Y N 445 
TYR CD1 HD1  sing N N 446 
TYR CD2 CE2  doub Y N 447 
TYR CD2 HD2  sing N N 448 
TYR CE1 CZ   doub Y N 449 
TYR CE1 HE1  sing N N 450 
TYR CE2 CZ   sing Y N 451 
TYR CE2 HE2  sing N N 452 
TYR CZ  OH   sing N N 453 
TYR OH  HH   sing N N 454 
TYR OXT HXT  sing N N 455 
VAL N   CA   sing N N 456 
VAL N   H    sing N N 457 
VAL N   H2   sing N N 458 
VAL CA  C    sing N N 459 
VAL CA  CB   sing N N 460 
VAL CA  HA   sing N N 461 
VAL C   O    doub N N 462 
VAL C   OXT  sing N N 463 
VAL CB  CG1  sing N N 464 
VAL CB  CG2  sing N N 465 
VAL CB  HB   sing N N 466 
VAL CG1 HG11 sing N N 467 
VAL CG1 HG12 sing N N 468 
VAL CG1 HG13 sing N N 469 
VAL CG2 HG21 sing N N 470 
VAL CG2 HG22 sing N N 471 
VAL CG2 HG23 sing N N 472 
VAL OXT HXT  sing N N 473 
# 
_pdbx_initial_refinement_model.id               1 
_pdbx_initial_refinement_model.entity_id_list   ? 
_pdbx_initial_refinement_model.type             'experimental model' 
_pdbx_initial_refinement_model.source_name      PDB 
_pdbx_initial_refinement_model.accession_code   1F7A 
_pdbx_initial_refinement_model.details          'PDB ENTRY 1F7A' 
# 
_atom_sites.entry_id                    3EL1 
_atom_sites.fract_transf_matrix[1][1]   0.00749689 
_atom_sites.fract_transf_matrix[1][2]   -0.01082111 
_atom_sites.fract_transf_matrix[1][3]   -0.01454666 
_atom_sites.fract_transf_matrix[2][1]   0.01434024 
_atom_sites.fract_transf_matrix[2][2]   0.00912897 
_atom_sites.fract_transf_matrix[2][3]   0.00059956 
_atom_sites.fract_transf_matrix[3][1]   0.00616932 
_atom_sites.fract_transf_matrix[3][2]   -0.01040842 
_atom_sites.fract_transf_matrix[3][3]   0.01092219 
_atom_sites.fract_transf_vector[1]      0.398528 
_atom_sites.fract_transf_vector[2]      0.482294 
_atom_sites.fract_transf_vector[3]      0.294823 
# 
loop_
_atom_type.symbol 
C 
N 
O 
S 
# 
loop_
_atom_site.group_PDB 
_atom_site.id 
_atom_site.type_symbol 
_atom_site.label_atom_id 
_atom_site.label_alt_id 
_atom_site.label_comp_id 
_atom_site.label_asym_id 
_atom_site.label_entity_id 
_atom_site.label_seq_id 
_atom_site.pdbx_PDB_ins_code 
_atom_site.Cartn_x 
_atom_site.Cartn_y 
_atom_site.Cartn_z 
_atom_site.occupancy 
_atom_site.B_iso_or_equiv 
_atom_site.pdbx_formal_charge 
_atom_site.auth_seq_id 
_atom_site.auth_comp_id 
_atom_site.auth_asym_id 
_atom_site.auth_atom_id 
_atom_site.pdbx_PDB_model_num 
ATOM   1    N N   . PRO A 1 1  ? -9.710  -10.754 13.004  1.00 32.77 ? 1   PRO A N   1 
ATOM   2    C CA  . PRO A 1 1  ? -10.394 -11.156 11.781  1.00 32.70 ? 1   PRO A CA  1 
ATOM   3    C C   . PRO A 1 1  ? -9.426  -11.496 10.658  1.00 32.59 ? 1   PRO A C   1 
ATOM   4    O O   . PRO A 1 1  ? -8.233  -11.204 10.757  1.00 31.82 ? 1   PRO A O   1 
ATOM   5    C CB  . PRO A 1 1  ? -11.188 -9.903  11.406  1.00 32.82 ? 1   PRO A CB  1 
ATOM   6    C CG  . PRO A 1 1  ? -10.362 -8.780  11.920  1.00 32.96 ? 1   PRO A CG  1 
ATOM   7    C CD  . PRO A 1 1  ? -9.749  -9.292  13.201  1.00 33.03 ? 1   PRO A CD  1 
ATOM   8    N N   . GLN A 1 2  ? -9.946  -12.127 9.610   1.00 32.59 ? 2   GLN A N   1 
ATOM   9    C CA  . GLN A 1 2  ? -9.193  -12.336 8.383   1.00 33.13 ? 2   GLN A CA  1 
ATOM   10   C C   . GLN A 1 2  ? -9.853  -11.483 7.313   1.00 32.54 ? 2   GLN A C   1 
ATOM   11   O O   . GLN A 1 2  ? -11.071 -11.521 7.146   1.00 32.30 ? 2   GLN A O   1 
ATOM   12   C CB  . GLN A 1 2  ? -9.195  -13.805 7.976   1.00 33.17 ? 2   GLN A CB  1 
ATOM   13   C CG  . GLN A 1 2  ? -8.449  -14.086 6.676   1.00 34.27 ? 2   GLN A CG  1 
ATOM   14   C CD  . GLN A 1 2  ? -8.251  -15.569 6.436   1.00 35.19 ? 2   GLN A CD  1 
ATOM   15   O OE1 . GLN A 1 2  ? -7.421  -16.212 7.086   1.00 38.41 ? 2   GLN A OE1 1 
ATOM   16   N NE2 . GLN A 1 2  ? -9.018  -16.124 5.502   1.00 37.27 ? 2   GLN A NE2 1 
ATOM   17   N N   . ILE A 1 3  ? -9.045  -10.704 6.603   1.00 32.25 ? 3   ILE A N   1 
ATOM   18   C CA  . ILE A 1 3  ? -9.550  -9.794  5.597   1.00 32.01 ? 3   ILE A CA  1 
ATOM   19   C C   . ILE A 1 3  ? -9.014  -10.247 4.249   1.00 30.92 ? 3   ILE A C   1 
ATOM   20   O O   . ILE A 1 3  ? -7.803  -10.299 4.036   1.00 31.18 ? 3   ILE A O   1 
ATOM   21   C CB  . ILE A 1 3  ? -9.122  -8.342  5.884   1.00 32.07 ? 3   ILE A CB  1 
ATOM   22   C CG1 . ILE A 1 3  ? -9.724  -7.865  7.208   1.00 32.98 ? 3   ILE A CG1 1 
ATOM   23   C CG2 . ILE A 1 3  ? -9.556  -7.423  4.742   1.00 33.52 ? 3   ILE A CG2 1 
ATOM   24   C CD1 . ILE A 1 3  ? -9.208  -6.542  7.666   1.00 33.18 ? 3   ILE A CD1 1 
ATOM   25   N N   . THR A 1 4  ? -9.926  -10.601 3.351   1.00 30.05 ? 4   THR A N   1 
ATOM   26   C CA  . THR A 1 4  ? -9.547  -11.000 2.009   1.00 29.39 ? 4   THR A CA  1 
ATOM   27   C C   . THR A 1 4  ? -9.304  -9.749  1.176   1.00 28.78 ? 4   THR A C   1 
ATOM   28   O O   . THR A 1 4  ? -9.680  -8.637  1.567   1.00 28.72 ? 4   THR A O   1 
ATOM   29   C CB  . THR A 1 4  ? -10.618 -11.882 1.328   1.00 30.06 ? 4   THR A CB  1 
ATOM   30   O OG1 . THR A 1 4  ? -11.886 -11.213 1.336   1.00 30.74 ? 4   THR A OG1 1 
ATOM   31   C CG2 . THR A 1 4  ? -10.746 -13.232 2.049   1.00 29.40 ? 4   THR A CG2 1 
ATOM   32   N N   . LEU A 1 5  ? -8.682  -9.940  0.023   1.00 27.36 ? 5   LEU A N   1 
ATOM   33   C CA  . LEU A 1 5  ? -8.259  -8.813  -0.802  1.00 26.96 ? 5   LEU A CA  1 
ATOM   34   C C   . LEU A 1 5  ? -9.020  -8.740  -2.132  1.00 26.58 ? 5   LEU A C   1 
ATOM   35   O O   . LEU A 1 5  ? -8.600  -8.052  -3.045  1.00 25.52 ? 5   LEU A O   1 
ATOM   36   C CB  . LEU A 1 5  ? -6.747  -8.884  -1.026  1.00 27.17 ? 5   LEU A CB  1 
ATOM   37   C CG  . LEU A 1 5  ? -5.967  -8.839  0.294   1.00 27.81 ? 5   LEU A CG  1 
ATOM   38   C CD1 . LEU A 1 5  ? -4.513  -9.155  0.045   1.00 29.37 ? 5   LEU A CD1 1 
ATOM   39   C CD2 . LEU A 1 5  ? -6.144  -7.474  0.983   1.00 28.94 ? 5   LEU A CD2 1 
ATOM   40   N N   . TRP A 1 6  ? -10.164 -9.416  -2.219  1.00 26.66 ? 6   TRP A N   1 
ATOM   41   C CA  . TRP A 1 6  ? -11.044 -9.275  -3.376  1.00 26.49 ? 6   TRP A CA  1 
ATOM   42   C C   . TRP A 1 6  ? -11.475 -7.827  -3.583  1.00 26.53 ? 6   TRP A C   1 
ATOM   43   O O   . TRP A 1 6  ? -11.637 -7.370  -4.723  1.00 26.53 ? 6   TRP A O   1 
ATOM   44   C CB  . TRP A 1 6  ? -12.307 -10.108 -3.198  1.00 27.12 ? 6   TRP A CB  1 
ATOM   45   C CG  . TRP A 1 6  ? -12.078 -11.562 -3.157  1.00 27.09 ? 6   TRP A CG  1 
ATOM   46   C CD1 . TRP A 1 6  ? -12.250 -12.381 -2.088  1.00 28.06 ? 6   TRP A CD1 1 
ATOM   47   C CD2 . TRP A 1 6  ? -11.652 -12.392 -4.242  1.00 27.95 ? 6   TRP A CD2 1 
ATOM   48   N NE1 . TRP A 1 6  ? -11.948 -13.675 -2.431  1.00 28.94 ? 6   TRP A NE1 1 
ATOM   49   C CE2 . TRP A 1 6  ? -11.583 -13.712 -3.752  1.00 28.94 ? 6   TRP A CE2 1 
ATOM   50   C CE3 . TRP A 1 6  ? -11.314 -12.148 -5.575  1.00 28.37 ? 6   TRP A CE3 1 
ATOM   51   C CZ2 . TRP A 1 6  ? -11.177 -14.785 -4.546  1.00 28.96 ? 6   TRP A CZ2 1 
ATOM   52   C CZ3 . TRP A 1 6  ? -10.929 -13.214 -6.372  1.00 29.10 ? 6   TRP A CZ3 1 
ATOM   53   C CH2 . TRP A 1 6  ? -10.867 -14.521 -5.856  1.00 28.44 ? 6   TRP A CH2 1 
ATOM   54   N N   . LYS A 1 7  ? -11.713 -7.130  -2.475  1.00 26.55 ? 7   LYS A N   1 
ATOM   55   C CA  . LYS A 1 7  ? -12.053 -5.714  -2.500  1.00 26.56 ? 7   LYS A CA  1 
ATOM   56   C C   . LYS A 1 7  ? -11.018 -4.966  -1.682  1.00 26.85 ? 7   LYS A C   1 
ATOM   57   O O   . LYS A 1 7  ? -10.223 -5.582  -0.972  1.00 27.18 ? 7   LYS A O   1 
ATOM   58   C CB  . LYS A 1 7  ? -13.452 -5.487  -1.921  1.00 26.94 ? 7   LYS A CB  1 
ATOM   59   N N   . ARG A 1 8  ? -11.018 -3.643  -1.787  1.00 26.52 ? 8   ARG A N   1 
ATOM   60   C CA  . ARG A 1 8  ? -10.100 -2.836  -0.978  1.00 26.89 ? 8   ARG A CA  1 
ATOM   61   C C   . ARG A 1 8  ? -10.332 -3.145  0.501   1.00 26.56 ? 8   ARG A C   1 
ATOM   62   O O   . ARG A 1 8  ? -11.485 -3.200  0.951   1.00 26.27 ? 8   ARG A O   1 
ATOM   63   C CB  . ARG A 1 8  ? -10.313 -1.352  -1.247  1.00 26.90 ? 8   ARG A CB  1 
ATOM   64   C CG  . ARG A 1 8  ? -9.904  -0.933  -2.643  1.00 26.31 ? 8   ARG A CG  1 
ATOM   65   C CD  . ARG A 1 8  ? -10.130 0.542   -2.858  1.00 28.21 ? 8   ARG A CD  1 
ATOM   66   N NE  . ARG A 1 8  ? -9.711  0.932   -4.205  1.00 31.29 ? 8   ARG A NE  1 
ATOM   67   C CZ  . ARG A 1 8  ? -10.273 1.895   -4.935  1.00 32.16 ? 8   ARG A CZ  1 
ATOM   68   N NH1 . ARG A 1 8  ? -11.308 2.603   -4.479  1.00 33.48 ? 8   ARG A NH1 1 
ATOM   69   N NH2 . ARG A 1 8  ? -9.800  2.158   -6.147  1.00 31.53 ? 8   ARG A NH2 1 
ATOM   70   N N   . PRO A 1 9  ? -9.248  -3.382  1.260   1.00 26.69 ? 9   PRO A N   1 
ATOM   71   C CA  . PRO A 1 9  ? -9.371  -3.696  2.680   1.00 27.10 ? 9   PRO A CA  1 
ATOM   72   C C   . PRO A 1 9  ? -9.676  -2.453  3.519   1.00 27.47 ? 9   PRO A C   1 
ATOM   73   O O   . PRO A 1 9  ? -8.809  -1.937  4.225   1.00 26.97 ? 9   PRO A O   1 
ATOM   74   C CB  . PRO A 1 9  ? -8.011  -4.299  3.017   1.00 27.10 ? 9   PRO A CB  1 
ATOM   75   C CG  . PRO A 1 9  ? -7.090  -3.619  2.098   1.00 27.56 ? 9   PRO A CG  1 
ATOM   76   C CD  . PRO A 1 9  ? -7.843  -3.417  0.820   1.00 27.21 ? 9   PRO A CD  1 
ATOM   77   N N   . LEU A 1 10 ? -10.922 -2.003  3.436   1.00 27.92 ? 10  LEU A N   1 
ATOM   78   C CA  . LEU A 1 10 ? -11.381 -0.830  4.162   1.00 29.11 ? 10  LEU A CA  1 
ATOM   79   C C   . LEU A 1 10 ? -12.008 -1.254  5.478   1.00 29.89 ? 10  LEU A C   1 
ATOM   80   O O   . LEU A 1 10 ? -12.794 -2.204  5.532   1.00 29.78 ? 10  LEU A O   1 
ATOM   81   C CB  . LEU A 1 10 ? -12.413 -0.066  3.343   1.00 29.10 ? 10  LEU A CB  1 
ATOM   82   C CG  . LEU A 1 10 ? -11.907 0.575   2.060   1.00 30.18 ? 10  LEU A CG  1 
ATOM   83   C CD1 . LEU A 1 10 ? -13.087 0.997   1.197   1.00 32.25 ? 10  LEU A CD1 1 
ATOM   84   C CD2 . LEU A 1 10 ? -11.019 1.752   2.380   1.00 31.97 ? 10  LEU A CD2 1 
ATOM   85   N N   . VAL A 1 11 ? -11.663 -0.545  6.540   1.00 30.91 ? 11  VAL A N   1 
ATOM   86   C CA  . VAL A 1 11 ? -12.204 -0.837  7.853   1.00 31.76 ? 11  VAL A CA  1 
ATOM   87   C C   . VAL A 1 11 ? -12.556 0.467   8.544   1.00 32.54 ? 11  VAL A C   1 
ATOM   88   O O   . VAL A 1 11 ? -12.146 1.547   8.097   1.00 33.38 ? 11  VAL A O   1 
ATOM   89   C CB  . VAL A 1 11 ? -11.194 -1.604  8.717   1.00 31.70 ? 11  VAL A CB  1 
ATOM   90   C CG1 . VAL A 1 11 ? -10.866 -2.967  8.094   1.00 32.13 ? 11  VAL A CG1 1 
ATOM   91   C CG2 . VAL A 1 11 ? -9.927  -0.773  8.943   1.00 31.95 ? 11  VAL A CG2 1 
ATOM   92   N N   . THR A 1 12 ? -13.303 0.364   9.638   1.00 33.40 ? 12  THR A N   1 
ATOM   93   C CA  . THR A 1 12 ? -13.648 1.531   10.448  1.00 33.70 ? 12  THR A CA  1 
ATOM   94   C C   . THR A 1 12 ? -12.540 1.832   11.443  1.00 34.44 ? 12  THR A C   1 
ATOM   95   O O   . THR A 1 12 ? -12.043 0.935   12.128  1.00 34.67 ? 12  THR A O   1 
ATOM   96   C CB  . THR A 1 12 ? -14.968 1.321   11.209  1.00 33.95 ? 12  THR A CB  1 
ATOM   97   O OG1 . THR A 1 12 ? -15.980 0.911   10.288  1.00 33.62 ? 12  THR A OG1 1 
ATOM   98   C CG2 . THR A 1 12 ? -15.404 2.611   11.897  1.00 33.60 ? 12  THR A CG2 1 
ATOM   99   N N   . ILE A 1 13 ? -12.141 3.098   11.495  1.00 34.77 ? 13  ILE A N   1 
ATOM   100  C CA  . ILE A 1 13 ? -11.205 3.575   12.499  1.00 34.95 ? 13  ILE A CA  1 
ATOM   101  C C   . ILE A 1 13 ? -11.862 4.676   13.319  1.00 34.90 ? 13  ILE A C   1 
ATOM   102  O O   . ILE A 1 13 ? -12.800 5.325   12.863  1.00 35.05 ? 13  ILE A O   1 
ATOM   103  C CB  . ILE A 1 13 ? -9.905  4.099   11.858  1.00 34.87 ? 13  ILE A CB  1 
ATOM   104  C CG1 . ILE A 1 13 ? -10.164 5.359   11.027  1.00 34.67 ? 13  ILE A CG1 1 
ATOM   105  C CG2 . ILE A 1 13 ? -9.279  3.012   10.988  1.00 35.03 ? 13  ILE A CG2 1 
ATOM   106  C CD1 . ILE A 1 13 ? -8.914  6.057   10.589  1.00 34.99 ? 13  ILE A CD1 1 
ATOM   107  N N   . ARG A 1 14 ? -11.371 4.866   14.537  1.00 35.14 ? 14  ARG A N   1 
ATOM   108  C CA  . ARG A 1 14 ? -11.826 5.948   15.388  1.00 35.11 ? 14  ARG A CA  1 
ATOM   109  C C   . ARG A 1 14 ? -10.627 6.836   15.688  1.00 35.04 ? 14  ARG A C   1 
ATOM   110  O O   . ARG A 1 14 ? -9.598  6.349   16.160  1.00 35.16 ? 14  ARG A O   1 
ATOM   111  C CB  . ARG A 1 14 ? -12.426 5.391   16.680  1.00 35.17 ? 14  ARG A CB  1 
ATOM   112  N N   . ILE A 1 15 ? -10.744 8.125   15.385  1.00 35.32 ? 15  ILE A N   1 
ATOM   113  C CA  . ILE A 1 15 ? -9.663  9.077   15.660  1.00 35.75 ? 15  ILE A CA  1 
ATOM   114  C C   . ILE A 1 15 ? -10.201 10.480  15.911  1.00 35.99 ? 15  ILE A C   1 
ATOM   115  O O   . ILE A 1 15 ? -11.135 10.927  15.245  1.00 36.24 ? 15  ILE A O   1 
ATOM   116  C CB  . ILE A 1 15 ? -8.642  9.128   14.505  1.00 35.76 ? 15  ILE A CB  1 
ATOM   117  C CG1 . ILE A 1 15 ? -7.547  10.162  14.797  1.00 36.02 ? 15  ILE A CG1 1 
ATOM   118  C CG2 . ILE A 1 15 ? -9.341  9.434   13.180  1.00 35.94 ? 15  ILE A CG2 1 
ATOM   119  C CD1 . ILE A 1 15 ? -6.298  9.955   13.990  1.00 36.12 ? 15  ILE A CD1 1 
ATOM   120  N N   . GLY A 1 16 ? -9.603  11.161  16.887  1.00 36.11 ? 16  GLY A N   1 
ATOM   121  C CA  . GLY A 1 16 ? -9.996  12.523  17.248  1.00 36.22 ? 16  GLY A CA  1 
ATOM   122  C C   . GLY A 1 16 ? -11.481 12.657  17.513  1.00 36.23 ? 16  GLY A C   1 
ATOM   123  O O   . GLY A 1 16 ? -12.058 13.732  17.334  1.00 36.44 ? 16  GLY A O   1 
ATOM   124  N N   . GLY A 1 17 ? -12.098 11.564  17.951  1.00 36.29 ? 17  GLY A N   1 
ATOM   125  C CA  . GLY A 1 17 ? -13.537 11.518  18.139  1.00 36.40 ? 17  GLY A CA  1 
ATOM   126  C C   . GLY A 1 17 ? -14.335 11.576  16.848  1.00 36.25 ? 17  GLY A C   1 
ATOM   127  O O   . GLY A 1 17 ? -15.347 12.271  16.769  1.00 36.74 ? 17  GLY A O   1 
ATOM   128  N N   . GLN A 1 18 ? -13.868 10.859  15.830  1.00 36.13 ? 18  GLN A N   1 
ATOM   129  C CA  . GLN A 1 18 ? -14.606 10.712  14.579  1.00 35.87 ? 18  GLN A CA  1 
ATOM   130  C C   . GLN A 1 18 ? -14.446 9.285   14.087  1.00 35.35 ? 18  GLN A C   1 
ATOM   131  O O   . GLN A 1 18 ? -13.380 8.699   14.248  1.00 35.70 ? 18  GLN A O   1 
ATOM   132  C CB  . GLN A 1 18 ? -14.080 11.687  13.522  1.00 35.90 ? 18  GLN A CB  1 
ATOM   133  C CG  . GLN A 1 18 ? -14.351 13.150  13.836  1.00 36.32 ? 18  GLN A CG  1 
ATOM   134  C CD  . GLN A 1 18 ? -13.887 14.089  12.732  1.00 36.34 ? 18  GLN A CD  1 
ATOM   135  O OE1 . GLN A 1 18 ? -12.929 13.801  12.013  1.00 37.52 ? 18  GLN A OE1 1 
ATOM   136  N NE2 . GLN A 1 18 ? -14.567 15.223  12.600  1.00 36.51 ? 18  GLN A NE2 1 
ATOM   137  N N   . LEU A 1 19 ? -15.507 8.723   13.514  1.00 34.70 ? 19  LEU A N   1 
ATOM   138  C CA  . LEU A 1 19 ? -15.418 7.428   12.846  1.00 34.25 ? 19  LEU A CA  1 
ATOM   139  C C   . LEU A 1 19 ? -15.166 7.666   11.366  1.00 33.39 ? 19  LEU A C   1 
ATOM   140  O O   . LEU A 1 19 ? -15.863 8.458   10.728  1.00 33.26 ? 19  LEU A O   1 
ATOM   141  C CB  . LEU A 1 19 ? -16.689 6.595   13.040  1.00 34.67 ? 19  LEU A CB  1 
ATOM   142  C CG  . LEU A 1 19 ? -16.949 6.026   14.439  1.00 35.57 ? 19  LEU A CG  1 
ATOM   143  C CD1 . LEU A 1 19 ? -18.179 5.135   14.418  1.00 36.87 ? 19  LEU A CD1 1 
ATOM   144  C CD2 . LEU A 1 19 ? -15.739 5.246   14.950  1.00 37.09 ? 19  LEU A CD2 1 
ATOM   145  N N   . LYS A 1 20 ? -14.156 6.984   10.832  1.00 32.36 ? 20  LYS A N   1 
ATOM   146  C CA  . LYS A 1 20 ? -13.776 7.125   9.434   1.00 31.57 ? 20  LYS A CA  1 
ATOM   147  C C   . LYS A 1 20 ? -13.515 5.762   8.824   1.00 30.49 ? 20  LYS A C   1 
ATOM   148  O O   . LYS A 1 20 ? -13.328 4.780   9.543   1.00 30.62 ? 20  LYS A O   1 
ATOM   149  C CB  . LYS A 1 20 ? -12.515 7.976   9.310   1.00 31.77 ? 20  LYS A CB  1 
ATOM   150  C CG  . LYS A 1 20 ? -12.657 9.360   9.906   1.00 32.75 ? 20  LYS A CG  1 
ATOM   151  C CD  . LYS A 1 20 ? -11.709 10.351  9.265   1.00 34.06 ? 20  LYS A CD  1 
ATOM   152  C CE  . LYS A 1 20 ? -12.098 11.778  9.618   1.00 34.34 ? 20  LYS A CE  1 
ATOM   153  N NZ  . LYS A 1 20 ? -11.615 12.752  8.610   1.00 35.28 ? 20  LYS A NZ  1 
ATOM   154  N N   . GLU A 1 21 ? -13.524 5.709   7.496   1.00 29.15 ? 21  GLU A N   1 
ATOM   155  C CA  . GLU A 1 21 ? -13.152 4.505   6.769   1.00 28.17 ? 21  GLU A CA  1 
ATOM   156  C C   . GLU A 1 21 ? -11.714 4.666   6.329   1.00 27.50 ? 21  GLU A C   1 
ATOM   157  O O   . GLU A 1 21 ? -11.352 5.717   5.807   1.00 27.53 ? 21  GLU A O   1 
ATOM   158  C CB  . GLU A 1 21 ? -14.037 4.312   5.540   1.00 28.53 ? 21  GLU A CB  1 
ATOM   159  N N   . ALA A 1 22 ? -10.905 3.628   6.536   1.00 26.75 ? 22  ALA A N   1 
ATOM   160  C CA  . ALA A 1 22 ? -9.495  3.675   6.162   1.00 26.26 ? 22  ALA A CA  1 
ATOM   161  C C   . ALA A 1 22 ? -9.031  2.366   5.548   1.00 26.26 ? 22  ALA A C   1 
ATOM   162  O O   . ALA A 1 22 ? -9.543  1.283   5.860   1.00 25.24 ? 22  ALA A O   1 
ATOM   163  C CB  . ALA A 1 22 ? -8.631  4.027   7.364   1.00 26.33 ? 22  ALA A CB  1 
ATOM   164  N N   . LEU A 1 23 ? -8.047  2.505   4.673   1.00 25.86 ? 23  LEU A N   1 
ATOM   165  C CA  . LEU A 1 23 ? -7.446  1.416   3.946   1.00 26.03 ? 23  LEU A CA  1 
ATOM   166  C C   . LEU A 1 23 ? -6.317  0.814   4.771   1.00 25.80 ? 23  LEU A C   1 
ATOM   167  O O   . LEU A 1 23 ? -5.408  1.534   5.174   1.00 26.44 ? 23  LEU A O   1 
ATOM   168  C CB  . LEU A 1 23 ? -6.873  2.000   2.653   1.00 25.99 ? 23  LEU A CB  1 
ATOM   169  C CG  . LEU A 1 23 ? -6.355  1.069   1.577   1.00 26.81 ? 23  LEU A CG  1 
ATOM   170  C CD1 . LEU A 1 23 ? -7.474  0.222   1.030   1.00 26.98 ? 23  LEU A CD1 1 
ATOM   171  C CD2 . LEU A 1 23 ? -5.718  1.891   0.458   1.00 27.23 ? 23  LEU A CD2 1 
ATOM   172  N N   . LEU A 1 24 ? -6.363  -0.490  5.027   1.00 25.93 ? 24  LEU A N   1 
ATOM   173  C CA  . LEU A 1 24 ? -5.241  -1.178  5.665   1.00 25.68 ? 24  LEU A CA  1 
ATOM   174  C C   . LEU A 1 24 ? -4.180  -1.416  4.591   1.00 25.54 ? 24  LEU A C   1 
ATOM   175  O O   . LEU A 1 24 ? -4.397  -2.214  3.679   1.00 25.40 ? 24  LEU A O   1 
ATOM   176  C CB  . LEU A 1 24 ? -5.680  -2.503  6.265   1.00 26.10 ? 24  LEU A CB  1 
ATOM   177  C CG  . LEU A 1 24 ? -6.807  -2.441  7.295   1.00 27.18 ? 24  LEU A CG  1 
ATOM   178  C CD1 . LEU A 1 24 ? -7.125  -3.857  7.783   1.00 28.82 ? 24  LEU A CD1 1 
ATOM   179  C CD2 . LEU A 1 24 ? -6.453  -1.516  8.461   1.00 28.80 ? 24  LEU A CD2 1 
ATOM   180  N N   . ASP A 1 25 ? -3.037  -0.745  4.728   1.00 25.15 ? 25  ASP A N   1 
ATOM   181  C CA  . ASP A 1 25 ? -2.075  -0.619  3.633   1.00 24.92 ? 25  ASP A CA  1 
ATOM   182  C C   . ASP A 1 25 ? -0.673  -1.089  4.019   1.00 24.55 ? 25  ASP A C   1 
ATOM   183  O O   . ASP A 1 25 ? 0.114   -0.346  4.619   1.00 25.16 ? 25  ASP A O   1 
ATOM   184  C CB  . ASP A 1 25 ? -2.023  0.840   3.160   1.00 24.95 ? 25  ASP A CB  1 
ATOM   185  C CG  . ASP A 1 25 ? -1.268  0.999   1.861   1.00 26.65 ? 25  ASP A CG  1 
ATOM   186  O OD1 . ASP A 1 25 ? -1.196  2.132   1.377   1.00 30.08 ? 25  ASP A OD1 1 
ATOM   187  O OD2 . ASP A 1 25 ? -0.764  -0.006  1.327   1.00 28.41 ? 25  ASP A OD2 1 
ATOM   188  N N   . THR A 1 26 ? -0.340  -2.316  3.637   1.00 24.27 ? 26  THR A N   1 
ATOM   189  C CA  . THR A 1 26 ? 0.979   -2.866  3.931   1.00 23.73 ? 26  THR A CA  1 
ATOM   190  C C   . THR A 1 26 ? 2.086   -2.204  3.116   1.00 24.17 ? 26  THR A C   1 
ATOM   191  O O   . THR A 1 26 ? 3.268   -2.347  3.444   1.00 25.09 ? 26  THR A O   1 
ATOM   192  C CB  . THR A 1 26 ? 1.020   -4.384  3.705   1.00 23.31 ? 26  THR A CB  1 
ATOM   193  O OG1 . THR A 1 26 ? 0.717   -4.701  2.330   1.00 21.83 ? 26  THR A OG1 1 
ATOM   194  C CG2 . THR A 1 26 ? 0.014   -5.060  4.640   1.00 23.00 ? 26  THR A CG2 1 
ATOM   195  N N   . GLY A 1 27 ? 1.708   -1.488  2.058   1.00 23.79 ? 27  GLY A N   1 
ATOM   196  C CA  . GLY A 1 27 ? 2.659   -0.738  1.236   1.00 23.92 ? 27  GLY A CA  1 
ATOM   197  C C   . GLY A 1 27 ? 2.911   0.690   1.701   1.00 24.30 ? 27  GLY A C   1 
ATOM   198  O O   . GLY A 1 27 ? 3.574   1.466   0.993   1.00 24.37 ? 27  GLY A O   1 
ATOM   199  N N   . ALA A 1 28 ? 2.401   1.034   2.883   1.00 23.89 ? 28  ALA A N   1 
ATOM   200  C CA  . ALA A 1 28 ? 2.570   2.370   3.456   1.00 24.05 ? 28  ALA A CA  1 
ATOM   201  C C   . ALA A 1 28 ? 3.441   2.300   4.702   1.00 24.06 ? 28  ALA A C   1 
ATOM   202  O O   . ALA A 1 28 ? 3.103   1.600   5.654   1.00 24.84 ? 28  ALA A O   1 
ATOM   203  C CB  . ALA A 1 28 ? 1.202   2.959   3.806   1.00 23.47 ? 28  ALA A CB  1 
ATOM   204  N N   . ASP A 1 29 ? 4.545   3.043   4.713   1.00 23.85 ? 29  ASP A N   1 
ATOM   205  C CA  . ASP A 1 29 ? 5.397   3.133   5.906   1.00 24.26 ? 29  ASP A CA  1 
ATOM   206  C C   . ASP A 1 29 ? 4.678   3.879   7.023   1.00 24.66 ? 29  ASP A C   1 
ATOM   207  O O   . ASP A 1 29 ? 4.895   3.602   8.200   1.00 25.57 ? 29  ASP A O   1 
ATOM   208  C CB  . ASP A 1 29 ? 6.679   3.922   5.613   1.00 24.04 ? 29  ASP A CB  1 
ATOM   209  C CG  . ASP A 1 29 ? 7.678   3.164   4.769   1.00 24.94 ? 29  ASP A CG  1 
ATOM   210  O OD1 . ASP A 1 29 ? 7.398   2.035   4.327   1.00 23.92 ? 29  ASP A OD1 1 
ATOM   211  O OD2 . ASP A 1 29 ? 8.770   3.727   4.553   1.00 25.45 ? 29  ASP A OD2 1 
ATOM   212  N N   . ASP A 1 30 ? 3.869   4.857   6.626   1.00 24.72 ? 30  ASP A N   1 
ATOM   213  C CA  . ASP A 1 30 ? 3.257   5.837   7.511   1.00 25.44 ? 30  ASP A CA  1 
ATOM   214  C C   . ASP A 1 30 ? 1.746   5.819   7.369   1.00 25.29 ? 30  ASP A C   1 
ATOM   215  O O   . ASP A 1 30 ? 1.206   5.320   6.386   1.00 25.85 ? 30  ASP A O   1 
ATOM   216  C CB  . ASP A 1 30 ? 3.739   7.239   7.131   1.00 26.26 ? 30  ASP A CB  1 
ATOM   217  C CG  . ASP A 1 30 ? 5.241   7.387   7.225   1.00 28.38 ? 30  ASP A CG  1 
ATOM   218  O OD1 . ASP A 1 30 ? 5.828   6.931   8.221   1.00 31.38 ? 30  ASP A OD1 1 
ATOM   219  O OD2 . ASP A 1 30 ? 5.831   7.979   6.308   1.00 33.89 ? 30  ASP A OD2 1 
ATOM   220  N N   . THR A 1 31 ? 1.067   6.399   8.353   1.00 24.90 ? 31  THR A N   1 
ATOM   221  C CA  . THR A 1 31 ? -0.390  6.524   8.348   1.00 25.12 ? 31  THR A CA  1 
ATOM   222  C C   . THR A 1 31 ? -0.721  7.940   7.896   1.00 25.21 ? 31  THR A C   1 
ATOM   223  O O   . THR A 1 31 ? -0.187  8.904   8.445   1.00 24.96 ? 31  THR A O   1 
ATOM   224  C CB  . THR A 1 31 ? -0.956  6.240   9.768   1.00 25.48 ? 31  THR A CB  1 
ATOM   225  O OG1 . THR A 1 31 ? -0.811  4.837   10.056  1.00 25.59 ? 31  THR A OG1 1 
ATOM   226  C CG2 . THR A 1 31 ? -2.437  6.641   9.876   1.00 25.32 ? 31  THR A CG2 1 
ATOM   227  N N   . VAL A 1 32 ? -1.586  8.058   6.893   1.00 25.02 ? 32  VAL A N   1 
ATOM   228  C CA  . VAL A 1 32 ? -1.904  9.340   6.257   1.00 25.90 ? 32  VAL A CA  1 
ATOM   229  C C   . VAL A 1 32 ? -3.411  9.472   6.180   1.00 26.60 ? 32  VAL A C   1 
ATOM   230  O O   . VAL A 1 32 ? -4.098  8.648   5.564   1.00 26.50 ? 32  VAL A O   1 
ATOM   231  C CB  . VAL A 1 32 ? -1.327  9.476   4.831   1.00 25.84 ? 32  VAL A CB  1 
ATOM   232  C CG1 . VAL A 1 32 ? -1.470  10.912  4.333   1.00 26.29 ? 32  VAL A CG1 1 
ATOM   233  C CG2 . VAL A 1 32 ? 0.142   9.054   4.789   1.00 26.68 ? 32  VAL A CG2 1 
ATOM   234  N N   . LEU A 1 33 ? -3.925  10.503  6.835   1.00 27.74 ? 33  LEU A N   1 
ATOM   235  C CA  . LEU A 1 33 ? -5.351  10.705  6.934   1.00 28.48 ? 33  LEU A CA  1 
ATOM   236  C C   . LEU A 1 33 ? -5.741  11.936  6.140   1.00 28.99 ? 33  LEU A C   1 
ATOM   237  O O   . LEU A 1 33 ? -4.957  12.882  5.992   1.00 28.47 ? 33  LEU A O   1 
ATOM   238  C CB  . LEU A 1 33 ? -5.770  10.847  8.403   1.00 28.98 ? 33  LEU A CB  1 
ATOM   239  C CG  . LEU A 1 33 ? -5.412  9.649   9.297   1.00 29.80 ? 33  LEU A CG  1 
ATOM   240  C CD1 . LEU A 1 33 ? -5.886  9.877   10.722  1.00 31.68 ? 33  LEU A CD1 1 
ATOM   241  C CD2 . LEU A 1 33 ? -5.977  8.339   8.754   1.00 30.48 ? 33  LEU A CD2 1 
ATOM   242  N N   . GLU A 1 34 ? -6.965  11.907  5.626   1.00 29.89 ? 34  GLU A N   1 
ATOM   243  C CA  . GLU A 1 34 ? -7.550  13.044  4.938   1.00 31.05 ? 34  GLU A CA  1 
ATOM   244  C C   . GLU A 1 34 ? -7.536  14.261  5.861   1.00 31.69 ? 34  GLU A C   1 
ATOM   245  O O   . GLU A 1 34 ? -7.571  14.121  7.089   1.00 31.42 ? 34  GLU A O   1 
ATOM   246  C CB  . GLU A 1 34 ? -8.988  12.718  4.514   1.00 31.06 ? 34  GLU A CB  1 
ATOM   247  C CG  . GLU A 1 34 ? -9.101  11.608  3.463   1.00 32.35 ? 34  GLU A CG  1 
ATOM   248  C CD  . GLU A 1 34 ? -10.492 10.973  3.390   1.00 32.10 ? 34  GLU A CD  1 
ATOM   249  O OE1 . GLU A 1 34 ? -10.644 9.970   2.662   1.00 35.16 ? 34  GLU A OE1 1 
ATOM   250  O OE2 . GLU A 1 34 ? -11.427 11.463  4.053   1.00 34.10 ? 34  GLU A OE2 1 
ATOM   251  N N   . GLU A 1 35 ? -7.476  15.448  5.265   1.00 32.65 ? 35  GLU A N   1 
ATOM   252  C CA  . GLU A 1 35 ? -7.435  16.702  6.034   1.00 33.63 ? 35  GLU A CA  1 
ATOM   253  C C   . GLU A 1 35 ? -8.445  16.718  7.173   1.00 33.82 ? 35  GLU A C   1 
ATOM   254  O O   . GLU A 1 35 ? -9.637  16.502  6.964   1.00 33.09 ? 35  GLU A O   1 
ATOM   255  C CB  . GLU A 1 35 ? -7.683  17.926  5.136   1.00 34.34 ? 35  GLU A CB  1 
ATOM   256  C CG  . GLU A 1 35 ? -6.437  18.763  4.853   1.00 36.90 ? 35  GLU A CG  1 
ATOM   257  C CD  . GLU A 1 35 ? -5.752  19.234  6.128   1.00 39.80 ? 35  GLU A CD  1 
ATOM   258  O OE1 . GLU A 1 35 ? -6.451  19.676  7.068   1.00 42.57 ? 35  GLU A OE1 1 
ATOM   259  O OE2 . GLU A 1 35 ? -4.510  19.151  6.192   1.00 43.28 ? 35  GLU A OE2 1 
ATOM   260  N N   . MET A 1 36 ? -7.941  16.969  8.376   1.00 34.11 ? 36  MET A N   1 
ATOM   261  C CA  . MET A 1 36 ? -8.776  17.187  9.545   1.00 35.06 ? 36  MET A CA  1 
ATOM   262  C C   . MET A 1 36 ? -7.995  18.034  10.534  1.00 34.73 ? 36  MET A C   1 
ATOM   263  O O   . MET A 1 36 ? -6.766  18.003  10.562  1.00 33.90 ? 36  MET A O   1 
ATOM   264  C CB  . MET A 1 36 ? -9.210  15.867  10.179  1.00 34.97 ? 36  MET A CB  1 
ATOM   265  C CG  . MET A 1 36 ? -8.088  14.991  10.661  1.00 36.11 ? 36  MET A CG  1 
ATOM   266  S SD  . MET A 1 36 ? -8.720  13.431  11.311  1.00 37.96 ? 36  MET A SD  1 
ATOM   267  C CE  . MET A 1 36 ? -9.812  14.003  12.599  1.00 37.98 ? 36  MET A CE  1 
ATOM   268  N N   . ASN A 1 37 ? -8.717  18.797  11.341  1.00 34.76 ? 37  ASN A N   1 
ATOM   269  C CA  . ASN A 1 37 ? -8.096  19.825  12.159  1.00 35.42 ? 37  ASN A CA  1 
ATOM   270  C C   . ASN A 1 37 ? -7.866  19.374  13.601  1.00 35.24 ? 37  ASN A C   1 
ATOM   271  O O   . ASN A 1 37 ? -8.550  19.815  14.527  1.00 35.44 ? 37  ASN A O   1 
ATOM   272  C CB  . ASN A 1 37 ? -8.937  21.103  12.096  1.00 35.51 ? 37  ASN A CB  1 
ATOM   273  C CG  . ASN A 1 37 ? -8.128  22.347  12.388  1.00 37.47 ? 37  ASN A CG  1 
ATOM   274  O OD1 . ASN A 1 37 ? -6.916  22.281  12.596  1.00 40.84 ? 37  ASN A OD1 1 
ATOM   275  N ND2 . ASN A 1 37 ? -8.797  23.494  12.410  1.00 39.23 ? 37  ASN A ND2 1 
ATOM   276  N N   . LEU A 1 38 ? -6.877  18.507  13.775  1.00 35.25 ? 38  LEU A N   1 
ATOM   277  C CA  . LEU A 1 38 ? -6.524  17.982  15.089  1.00 35.35 ? 38  LEU A CA  1 
ATOM   278  C C   . LEU A 1 38 ? -5.840  19.037  15.958  1.00 35.20 ? 38  LEU A C   1 
ATOM   279  O O   . LEU A 1 38 ? -5.119  19.892  15.444  1.00 34.95 ? 38  LEU A O   1 
ATOM   280  C CB  . LEU A 1 38 ? -5.586  16.784  14.948  1.00 35.45 ? 38  LEU A CB  1 
ATOM   281  C CG  . LEU A 1 38 ? -6.200  15.490  14.422  1.00 36.18 ? 38  LEU A CG  1 
ATOM   282  C CD1 . LEU A 1 38 ? -5.106  14.454  14.196  1.00 35.73 ? 38  LEU A CD1 1 
ATOM   283  C CD2 . LEU A 1 38 ? -7.260  14.964  15.382  1.00 35.99 ? 38  LEU A CD2 1 
ATOM   284  N N   . PRO A 1 39 ? -6.049  18.966  17.283  1.00 35.23 ? 39  PRO A N   1 
ATOM   285  C CA  . PRO A 1 39 ? -5.332  19.848  18.193  1.00 35.42 ? 39  PRO A CA  1 
ATOM   286  C C   . PRO A 1 39 ? -3.889  19.410  18.380  1.00 35.64 ? 39  PRO A C   1 
ATOM   287  O O   . PRO A 1 39 ? -3.541  18.266  18.088  1.00 36.16 ? 39  PRO A O   1 
ATOM   288  C CB  . PRO A 1 39 ? -6.097  19.689  19.510  1.00 35.37 ? 39  PRO A CB  1 
ATOM   289  C CG  . PRO A 1 39 ? -6.659  18.325  19.450  1.00 35.21 ? 39  PRO A CG  1 
ATOM   290  C CD  . PRO A 1 39 ? -6.965  18.063  18.005  1.00 35.14 ? 39  PRO A CD  1 
ATOM   291  N N   . GLY A 1 40 ? -3.058  20.322  18.864  1.00 35.94 ? 40  GLY A N   1 
ATOM   292  C CA  . GLY A 1 40 ? -1.699  19.982  19.264  1.00 36.04 ? 40  GLY A CA  1 
ATOM   293  C C   . GLY A 1 40 ? -0.645  20.477  18.305  1.00 35.96 ? 40  GLY A C   1 
ATOM   294  O O   . GLY A 1 40 ? -0.951  20.994  17.225  1.00 36.12 ? 40  GLY A O   1 
ATOM   295  N N   . LYS A 1 41 ? 0.607   20.319  18.712  1.00 35.87 ? 41  LYS A N   1 
ATOM   296  C CA  . LYS A 1 41 ? 1.730   20.714  17.886  1.00 35.61 ? 41  LYS A CA  1 
ATOM   297  C C   . LYS A 1 41 ? 1.900   19.715  16.753  1.00 35.55 ? 41  LYS A C   1 
ATOM   298  O O   . LYS A 1 41 ? 1.567   18.534  16.877  1.00 35.71 ? 41  LYS A O   1 
ATOM   299  C CB  . LYS A 1 41 ? 3.016   20.800  18.714  1.00 35.75 ? 41  LYS A CB  1 
ATOM   300  N N   . TRP A 1 42 ? 2.401   20.206  15.634  1.00 35.11 ? 42  TRP A N   1 
ATOM   301  C CA  . TRP A 1 42 ? 2.708   19.348  14.503  1.00 34.89 ? 42  TRP A CA  1 
ATOM   302  C C   . TRP A 1 42 ? 3.947   19.873  13.822  1.00 34.31 ? 42  TRP A C   1 
ATOM   303  O O   . TRP A 1 42 ? 4.373   21.003  14.080  1.00 33.88 ? 42  TRP A O   1 
ATOM   304  C CB  . TRP A 1 42 ? 1.532   19.293  13.528  1.00 35.62 ? 42  TRP A CB  1 
ATOM   305  C CG  . TRP A 1 42 ? 1.097   20.625  13.052  1.00 36.34 ? 42  TRP A CG  1 
ATOM   306  C CD1 . TRP A 1 42 ? 0.182   21.446  13.644  1.00 37.13 ? 42  TRP A CD1 1 
ATOM   307  C CD2 . TRP A 1 42 ? 1.561   21.313  11.888  1.00 37.30 ? 42  TRP A CD2 1 
ATOM   308  N NE1 . TRP A 1 42 ? 0.046   22.605  12.918  1.00 37.53 ? 42  TRP A NE1 1 
ATOM   309  C CE2 . TRP A 1 42 ? 0.883   22.550  11.836  1.00 37.17 ? 42  TRP A CE2 1 
ATOM   310  C CE3 . TRP A 1 42 ? 2.491   21.009  10.889  1.00 37.28 ? 42  TRP A CE3 1 
ATOM   311  C CZ2 . TRP A 1 42 ? 1.096   23.476  10.817  1.00 37.58 ? 42  TRP A CZ2 1 
ATOM   312  C CZ3 . TRP A 1 42 ? 2.703   21.929  9.878   1.00 36.99 ? 42  TRP A CZ3 1 
ATOM   313  C CH2 . TRP A 1 42 ? 2.007   23.147  9.847   1.00 37.11 ? 42  TRP A CH2 1 
ATOM   314  N N   . LYS A 1 43 ? 4.527   19.039  12.967  1.00 33.51 ? 43  LYS A N   1 
ATOM   315  C CA  . LYS A 1 43 ? 5.713   19.389  12.203  1.00 33.20 ? 43  LYS A CA  1 
ATOM   316  C C   . LYS A 1 43 ? 5.427   19.141  10.731  1.00 32.63 ? 43  LYS A C   1 
ATOM   317  O O   . LYS A 1 43 ? 4.704   18.200  10.397  1.00 32.88 ? 43  LYS A O   1 
ATOM   318  C CB  . LYS A 1 43 ? 6.899   18.530  12.643  1.00 33.55 ? 43  LYS A CB  1 
ATOM   319  N N   . PRO A 1 44 ? 5.993   19.974  9.842   1.00 31.79 ? 44  PRO A N   1 
ATOM   320  C CA  . PRO A 1 44 ? 5.790   19.768  8.411   1.00 31.33 ? 44  PRO A CA  1 
ATOM   321  C C   . PRO A 1 44 ? 6.647   18.622  7.892   1.00 31.07 ? 44  PRO A C   1 
ATOM   322  O O   . PRO A 1 44 ? 7.771   18.425  8.356   1.00 31.00 ? 44  PRO A O   1 
ATOM   323  C CB  . PRO A 1 44 ? 6.260   21.091  7.798   1.00 31.51 ? 44  PRO A CB  1 
ATOM   324  C CG  . PRO A 1 44 ? 7.296   21.570  8.736   1.00 31.56 ? 44  PRO A CG  1 
ATOM   325  C CD  . PRO A 1 44 ? 6.853   21.140  10.109  1.00 32.00 ? 44  PRO A CD  1 
ATOM   326  N N   . LYS A 1 45 ? 6.105   17.867  6.947   1.00 30.42 ? 45  LYS A N   1 
ATOM   327  C CA  . LYS A 1 45 ? 6.822   16.753  6.362   1.00 30.49 ? 45  LYS A CA  1 
ATOM   328  C C   . LYS A 1 45 ? 6.373   16.615  4.916   1.00 29.69 ? 45  LYS A C   1 
ATOM   329  O O   . LYS A 1 45 ? 5.270   17.025  4.564   1.00 29.74 ? 45  LYS A O   1 
ATOM   330  C CB  . LYS A 1 45 ? 6.507   15.471  7.129   1.00 30.74 ? 45  LYS A CB  1 
ATOM   331  C CG  . LYS A 1 45 ? 7.330   14.238  6.733   1.00 32.32 ? 45  LYS A CG  1 
ATOM   332  C CD  . LYS A 1 45 ? 6.928   13.022  7.563   1.00 32.36 ? 45  LYS A CD  1 
ATOM   333  C CE  . LYS A 1 45 ? 7.887   11.854  7.368   1.00 33.71 ? 45  LYS A CE  1 
ATOM   334  N NZ  . LYS A 1 45 ? 9.046   11.957  8.288   1.00 35.57 ? 45  LYS A NZ  1 
ATOM   335  N N   A MET A 1 46 ? 7.228   16.039  4.082   0.50 29.03 ? 46  MET A N   1 
ATOM   336  N N   B MET A 1 46 ? 7.263   16.069  4.090   0.50 28.94 ? 46  MET A N   1 
ATOM   337  C CA  A MET A 1 46 ? 6.830   15.698  2.732   0.50 28.91 ? 46  MET A CA  1 
ATOM   338  C CA  B MET A 1 46 ? 6.944   15.667  2.729   0.50 28.65 ? 46  MET A CA  1 
ATOM   339  C C   A MET A 1 46 ? 6.967   14.198  2.551   0.50 28.55 ? 46  MET A C   1 
ATOM   340  C C   B MET A 1 46 ? 6.911   14.151  2.714   0.50 28.44 ? 46  MET A C   1 
ATOM   341  O O   A MET A 1 46 ? 8.013   13.615  2.858   0.50 28.49 ? 46  MET A O   1 
ATOM   342  O O   B MET A 1 46 ? 7.783   13.504  3.306   0.50 28.13 ? 46  MET A O   1 
ATOM   343  C CB  A MET A 1 46 ? 7.654   16.483  1.717   0.50 28.88 ? 46  MET A CB  1 
ATOM   344  C CB  B MET A 1 46 ? 8.018   16.161  1.756   0.50 28.84 ? 46  MET A CB  1 
ATOM   345  C CG  A MET A 1 46 ? 7.374   17.981  1.805   0.50 29.19 ? 46  MET A CG  1 
ATOM   346  C CG  B MET A 1 46 ? 8.064   17.664  1.590   0.50 29.30 ? 46  MET A CG  1 
ATOM   347  S SD  A MET A 1 46 ? 8.024   18.945  0.443   0.50 30.26 ? 46  MET A SD  1 
ATOM   348  S SD  B MET A 1 46 ? 6.620   18.276  0.711   0.50 30.52 ? 46  MET A SD  1 
ATOM   349  C CE  A MET A 1 46 ? 7.245   18.117  -0.936  0.50 29.02 ? 46  MET A CE  1 
ATOM   350  C CE  B MET A 1 46 ? 7.050   20.004  0.519   0.50 30.94 ? 46  MET A CE  1 
ATOM   351  N N   . ILE A 1 47 ? 5.889   13.579  2.083   1.00 28.12 ? 47  ILE A N   1 
ATOM   352  C CA  . ILE A 1 47 ? 5.843   12.134  1.887   1.00 28.34 ? 47  ILE A CA  1 
ATOM   353  C C   . ILE A 1 47 ? 5.564   11.860  0.424   1.00 27.38 ? 47  ILE A C   1 
ATOM   354  O O   . ILE A 1 47 ? 4.871   12.627  -0.248  1.00 26.52 ? 47  ILE A O   1 
ATOM   355  C CB  . ILE A 1 47 ? 4.811   11.439  2.784   1.00 28.63 ? 47  ILE A CB  1 
ATOM   356  C CG1 . ILE A 1 47 ? 3.390   11.942  2.512   1.00 29.01 ? 47  ILE A CG1 1 
ATOM   357  C CG2 . ILE A 1 47 ? 5.188   11.623  4.251   1.00 30.41 ? 47  ILE A CG2 1 
ATOM   358  C CD1 . ILE A 1 47 ? 2.340   11.161  3.280   1.00 29.75 ? 47  ILE A CD1 1 
ATOM   359  N N   . GLY A 1 48 ? 6.153   10.776  -0.059  1.00 27.10 ? 48  GLY A N   1 
ATOM   360  C CA  . GLY A 1 48 ? 6.136   10.455  -1.460  1.00 26.92 ? 48  GLY A CA  1 
ATOM   361  C C   . GLY A 1 48 ? 5.380   9.182   -1.724  1.00 26.73 ? 48  GLY A C   1 
ATOM   362  O O   . GLY A 1 48 ? 5.491   8.206   -0.983  1.00 26.54 ? 48  GLY A O   1 
ATOM   363  N N   . GLY A 1 49 ? 4.584   9.216   -2.778  1.00 26.53 ? 49  GLY A N   1 
ATOM   364  C CA  . GLY A 1 49 ? 3.952   8.020   -3.301  1.00 26.23 ? 49  GLY A CA  1 
ATOM   365  C C   . GLY A 1 49 ? 4.204   7.931   -4.788  1.00 25.33 ? 49  GLY A C   1 
ATOM   366  O O   . GLY A 1 49 ? 5.134   8.556   -5.319  1.00 24.86 ? 49  GLY A O   1 
ATOM   367  N N   A ILE A 1 50 ? 3.338   7.190   -5.472  0.50 24.87 ? 50  ILE A N   1 
ATOM   368  N N   B ILE A 1 50 ? 3.416   7.098   -5.456  0.50 24.63 ? 50  ILE A N   1 
ATOM   369  C CA  A ILE A 1 50 ? 3.501   6.914   -6.892  0.50 24.82 ? 50  ILE A CA  1 
ATOM   370  C CA  B ILE A 1 50 ? 3.392   7.105   -6.899  0.50 24.37 ? 50  ILE A CA  1 
ATOM   371  C C   A ILE A 1 50 ? 3.650   8.165   -7.765  0.50 24.66 ? 50  ILE A C   1 
ATOM   372  C C   B ILE A 1 50 ? 2.835   8.462   -7.295  0.50 24.07 ? 50  ILE A C   1 
ATOM   373  O O   A ILE A 1 50 ? 4.475   8.183   -8.668  0.50 25.14 ? 50  ILE A O   1 
ATOM   374  O O   B ILE A 1 50 ? 1.861   8.941   -6.714  0.50 23.43 ? 50  ILE A O   1 
ATOM   375  C CB  A ILE A 1 50 ? 2.339   6.033   -7.426  0.50 24.45 ? 50  ILE A CB  1 
ATOM   376  C CB  B ILE A 1 50 ? 2.548   5.951   -7.476  0.50 24.10 ? 50  ILE A CB  1 
ATOM   377  C CG1 A ILE A 1 50 ? 2.709   4.554   -7.301  0.50 25.05 ? 50  ILE A CG1 1 
ATOM   378  C CG1 B ILE A 1 50 ? 3.394   4.673   -7.535  0.50 24.41 ? 50  ILE A CG1 1 
ATOM   379  C CG2 A ILE A 1 50 ? 2.031   6.346   -8.881  0.50 24.99 ? 50  ILE A CG2 1 
ATOM   380  C CG2 B ILE A 1 50 ? 2.055   6.287   -8.872  0.50 24.54 ? 50  ILE A CG2 1 
ATOM   381  C CD1 A ILE A 1 50 ? 3.812   4.118   -8.252  0.50 23.80 ? 50  ILE A CD1 1 
ATOM   382  C CD1 B ILE A 1 50 ? 2.651   3.462   -8.060  0.50 24.65 ? 50  ILE A CD1 1 
ATOM   383  N N   A GLY A 1 51 ? 2.865   9.203   -7.494  0.50 24.59 ? 51  GLY A N   1 
ATOM   384  N N   B GLY A 1 51 ? 3.490   9.105   -8.246  0.50 24.07 ? 51  GLY A N   1 
ATOM   385  C CA  A GLY A 1 51 ? 2.818   10.365  -8.394  0.50 24.51 ? 51  GLY A CA  1 
ATOM   386  C CA  B GLY A 1 51 ? 3.050   10.413  -8.681  0.50 24.12 ? 51  GLY A CA  1 
ATOM   387  C C   A GLY A 1 51 ? 3.709   11.533  -8.004  0.50 24.42 ? 51  GLY A C   1 
ATOM   388  C C   B GLY A 1 51 ? 3.888   11.541  -8.119  0.50 24.23 ? 51  GLY A C   1 
ATOM   389  O O   A GLY A 1 51 ? 3.698   12.572  -8.664  0.50 24.83 ? 51  GLY A O   1 
ATOM   390  O O   B GLY A 1 51 ? 4.024   12.572  -8.777  0.50 24.61 ? 51  GLY A O   1 
ATOM   391  N N   . GLY A 1 52 ? 4.474   11.357  -6.932  1.00 24.12 ? 52  GLY A N   1 
ATOM   392  C CA  . GLY A 1 52 ? 5.325   12.394  -6.357  1.00 24.27 ? 52  GLY A CA  1 
ATOM   393  C C   . GLY A 1 52 ? 5.052   12.613  -4.888  1.00 24.35 ? 52  GLY A C   1 
ATOM   394  O O   . GLY A 1 52 ? 4.508   11.731  -4.205  1.00 24.07 ? 52  GLY A O   1 
ATOM   395  N N   . PHE A 1 53 ? 5.411   13.806  -4.420  1.00 24.64 ? 53  PHE A N   1 
ATOM   396  C CA  . PHE A 1 53 ? 5.369   14.131  -2.995  1.00 24.93 ? 53  PHE A CA  1 
ATOM   397  C C   . PHE A 1 53 ? 4.256   15.109  -2.676  1.00 25.62 ? 53  PHE A C   1 
ATOM   398  O O   . PHE A 1 53 ? 3.934   15.978  -3.493  1.00 25.71 ? 53  PHE A O   1 
ATOM   399  C CB  . PHE A 1 53 ? 6.706   14.711  -2.563  1.00 25.30 ? 53  PHE A CB  1 
ATOM   400  C CG  . PHE A 1 53 ? 7.780   13.669  -2.359  1.00 24.32 ? 53  PHE A CG  1 
ATOM   401  C CD1 . PHE A 1 53 ? 8.407   13.082  -3.445  1.00 24.95 ? 53  PHE A CD1 1 
ATOM   402  C CD2 . PHE A 1 53 ? 8.155   13.268  -1.088  1.00 25.47 ? 53  PHE A CD2 1 
ATOM   403  C CE1 . PHE A 1 53 ? 9.392   12.124  -3.276  1.00 24.61 ? 53  PHE A CE1 1 
ATOM   404  C CE2 . PHE A 1 53 ? 9.153   12.319  -0.913  1.00 25.56 ? 53  PHE A CE2 1 
ATOM   405  C CZ  . PHE A 1 53 ? 9.757   11.735  -2.010  1.00 25.47 ? 53  PHE A CZ  1 
ATOM   406  N N   . ILE A 1 54 ? 3.677   14.960  -1.489  1.00 25.45 ? 54  ILE A N   1 
ATOM   407  C CA  . ILE A 1 54 ? 2.729   15.936  -0.955  1.00 25.19 ? 54  ILE A CA  1 
ATOM   408  C C   . ILE A 1 54 ? 3.205   16.411  0.406   1.00 25.20 ? 54  ILE A C   1 
ATOM   409  O O   . ILE A 1 54 ? 3.930   15.700  1.104   1.00 25.60 ? 54  ILE A O   1 
ATOM   410  C CB  . ILE A 1 54 ? 1.292   15.377  -0.834  1.00 25.05 ? 54  ILE A CB  1 
ATOM   411  C CG1 . ILE A 1 54 ? 1.228   14.190  0.132   1.00 25.26 ? 54  ILE A CG1 1 
ATOM   412  C CG2 . ILE A 1 54 ? 0.743   15.009  -2.221  1.00 24.36 ? 54  ILE A CG2 1 
ATOM   413  C CD1 . ILE A 1 54 ? -0.197  13.801  0.516   1.00 25.65 ? 54  ILE A CD1 1 
ATOM   414  N N   . LYS A 1 55 ? 2.777   17.613  0.770   1.00 24.76 ? 55  LYS A N   1 
ATOM   415  C CA  . LYS A 1 55 ? 3.054   18.183  2.065   1.00 24.91 ? 55  LYS A CA  1 
ATOM   416  C C   . LYS A 1 55 ? 1.975   17.767  3.053   1.00 25.27 ? 55  LYS A C   1 
ATOM   417  O O   . LYS A 1 55 ? 0.779   17.917  2.779   1.00 25.01 ? 55  LYS A O   1 
ATOM   418  C CB  . LYS A 1 55 ? 3.106   19.707  1.972   1.00 25.25 ? 55  LYS A CB  1 
ATOM   419  N N   . VAL A 1 56 ? 2.416   17.285  4.210   1.00 25.30 ? 56  VAL A N   1 
ATOM   420  C CA  . VAL A 1 56 ? 1.520   16.848  5.272   1.00 25.17 ? 56  VAL A CA  1 
ATOM   421  C C   . VAL A 1 56 ? 1.939   17.447  6.608   1.00 25.39 ? 56  VAL A C   1 
ATOM   422  O O   . VAL A 1 56 ? 3.036   17.995  6.743   1.00 25.45 ? 56  VAL A O   1 
ATOM   423  C CB  . VAL A 1 56 ? 1.506   15.315  5.390   1.00 25.40 ? 56  VAL A CB  1 
ATOM   424  C CG1 . VAL A 1 56 ? 0.971   14.694  4.105   1.00 25.08 ? 56  VAL A CG1 1 
ATOM   425  C CG2 . VAL A 1 56 ? 2.906   14.787  5.722   1.00 25.72 ? 56  VAL A CG2 1 
ATOM   426  N N   . ARG A 1 57 ? 1.032   17.366  7.574   1.00 25.26 ? 57  ARG A N   1 
ATOM   427  C CA  . ARG A 1 57 ? 1.298   17.770  8.942   1.00 25.82 ? 57  ARG A CA  1 
ATOM   428  C C   . ARG A 1 57 ? 1.466   16.521  9.765   1.00 26.23 ? 57  ARG A C   1 
ATOM   429  O O   . ARG A 1 57 ? 0.593   15.664  9.757   1.00 26.42 ? 57  ARG A O   1 
ATOM   430  C CB  . ARG A 1 57 ? 0.128   18.588  9.488   1.00 25.88 ? 57  ARG A CB  1 
ATOM   431  N N   . GLN A 1 58 ? 2.585   16.415  10.474  1.00 27.61 ? 58  GLN A N   1 
ATOM   432  C CA  . GLN A 1 58 ? 2.857   15.255  11.324  1.00 28.47 ? 58  GLN A CA  1 
ATOM   433  C C   . GLN A 1 58 ? 2.449   15.527  12.774  1.00 29.21 ? 58  GLN A C   1 
ATOM   434  O O   . GLN A 1 58 ? 2.986   16.435  13.404  1.00 29.40 ? 58  GLN A O   1 
ATOM   435  C CB  . GLN A 1 58 ? 4.344   14.904  11.273  1.00 28.56 ? 58  GLN A CB  1 
ATOM   436  C CG  . GLN A 1 58 ? 4.747   13.816  12.273  1.00 28.80 ? 58  GLN A CG  1 
ATOM   437  C CD  . GLN A 1 58 ? 6.212   13.459  12.196  1.00 28.69 ? 58  GLN A CD  1 
ATOM   438  O OE1 . GLN A 1 58 ? 6.787   13.384  11.117  1.00 31.17 ? 58  GLN A OE1 1 
ATOM   439  N NE2 . GLN A 1 58 ? 6.827   13.234  13.349  1.00 29.55 ? 58  GLN A NE2 1 
ATOM   440  N N   . TYR A 1 59 ? 1.509   14.724  13.275  1.00 30.11 ? 59  TYR A N   1 
ATOM   441  C CA  . TYR A 1 59 ? 1.082   14.737  14.676  1.00 30.61 ? 59  TYR A CA  1 
ATOM   442  C C   . TYR A 1 59 ? 1.584   13.477  15.364  1.00 31.04 ? 59  TYR A C   1 
ATOM   443  O O   . TYR A 1 59 ? 1.460   12.385  14.806  1.00 31.76 ? 59  TYR A O   1 
ATOM   444  C CB  . TYR A 1 59 ? -0.438  14.754  14.763  1.00 30.51 ? 59  TYR A CB  1 
ATOM   445  C CG  . TYR A 1 59 ? -1.081  16.024  14.253  1.00 30.96 ? 59  TYR A CG  1 
ATOM   446  C CD1 . TYR A 1 59 ? -1.368  16.177  12.907  1.00 30.70 ? 59  TYR A CD1 1 
ATOM   447  C CD2 . TYR A 1 59 ? -1.423  17.056  15.120  1.00 30.28 ? 59  TYR A CD2 1 
ATOM   448  C CE1 . TYR A 1 59 ? -1.965  17.317  12.426  1.00 30.87 ? 59  TYR A CE1 1 
ATOM   449  C CE2 . TYR A 1 59 ? -2.020  18.214  14.647  1.00 29.78 ? 59  TYR A CE2 1 
ATOM   450  C CZ  . TYR A 1 59 ? -2.290  18.336  13.296  1.00 30.49 ? 59  TYR A CZ  1 
ATOM   451  O OH  . TYR A 1 59 ? -2.879  19.474  12.798  1.00 31.76 ? 59  TYR A OH  1 
ATOM   452  N N   . ASP A 1 60 ? 2.115   13.615  16.579  1.00 31.49 ? 60  ASP A N   1 
ATOM   453  C CA  . ASP A 1 60 ? 2.647   12.471  17.311  1.00 31.78 ? 60  ASP A CA  1 
ATOM   454  C C   . ASP A 1 60 ? 1.687   12.009  18.400  1.00 32.01 ? 60  ASP A C   1 
ATOM   455  O O   . ASP A 1 60 ? 0.901   12.798  18.939  1.00 32.31 ? 60  ASP A O   1 
ATOM   456  C CB  . ASP A 1 60 ? 4.005   12.808  17.938  1.00 31.95 ? 60  ASP A CB  1 
ATOM   457  C CG  . ASP A 1 60 ? 5.075   13.120  16.903  1.00 32.84 ? 60  ASP A CG  1 
ATOM   458  O OD1 . ASP A 1 60 ? 4.988   12.621  15.762  1.00 33.56 ? 60  ASP A OD1 1 
ATOM   459  O OD2 . ASP A 1 60 ? 6.020   13.863  17.242  1.00 35.34 ? 60  ASP A OD2 1 
ATOM   460  N N   . GLN A 1 61 ? 1.787   10.726  18.739  1.00 32.01 ? 61  GLN A N   1 
ATOM   461  C CA  . GLN A 1 61 ? 1.043   10.133  19.849  1.00 32.59 ? 61  GLN A CA  1 
ATOM   462  C C   . GLN A 1 61 ? -0.455  10.431  19.814  1.00 32.50 ? 61  GLN A C   1 
ATOM   463  O O   . GLN A 1 61 ? -1.044  10.892  20.797  1.00 32.68 ? 61  GLN A O   1 
ATOM   464  C CB  . GLN A 1 61 ? 1.675   10.537  21.187  1.00 32.87 ? 61  GLN A CB  1 
ATOM   465  C CG  . GLN A 1 61 ? 3.068   9.956   21.391  1.00 34.02 ? 61  GLN A CG  1 
ATOM   466  C CD  . GLN A 1 61 ? 3.072   8.430   21.401  1.00 35.95 ? 61  GLN A CD  1 
ATOM   467  O OE1 . GLN A 1 61 ? 3.634   7.791   20.506  1.00 37.32 ? 61  GLN A OE1 1 
ATOM   468  N NE2 . GLN A 1 61 ? 2.431   7.842   22.403  1.00 36.43 ? 61  GLN A NE2 1 
ATOM   469  N N   . ILE A 1 62 ? -1.064  10.131  18.672  1.00 32.71 ? 62  ILE A N   1 
ATOM   470  C CA  . ILE A 1 62 ? -2.504  10.237  18.492  1.00 32.89 ? 62  ILE A CA  1 
ATOM   471  C C   . ILE A 1 62 ? -3.110  8.842   18.673  1.00 32.75 ? 62  ILE A C   1 
ATOM   472  O O   . ILE A 1 62 ? -2.691  7.903   17.994  1.00 32.37 ? 62  ILE A O   1 
ATOM   473  C CB  . ILE A 1 62 ? -2.853  10.741  17.081  1.00 33.20 ? 62  ILE A CB  1 
ATOM   474  C CG1 . ILE A 1 62 ? -2.197  12.101  16.804  1.00 33.22 ? 62  ILE A CG1 1 
ATOM   475  C CG2 . ILE A 1 62 ? -4.364  10.824  16.904  1.00 33.82 ? 62  ILE A CG2 1 
ATOM   476  C CD1 . ILE A 1 62 ? -2.602  13.226  17.767  1.00 33.45 ? 62  ILE A CD1 1 
ATOM   477  N N   . PRO A 1 63 ? -4.088  8.695   19.590  1.00 32.99 ? 63  PRO A N   1 
ATOM   478  C CA  . PRO A 1 63 ? -4.745  7.398   19.728  1.00 33.44 ? 63  PRO A CA  1 
ATOM   479  C C   . PRO A 1 63 ? -5.674  7.115   18.562  1.00 34.32 ? 63  PRO A C   1 
ATOM   480  O O   . PRO A 1 63 ? -6.490  7.960   18.206  1.00 34.52 ? 63  PRO A O   1 
ATOM   481  C CB  . PRO A 1 63 ? -5.558  7.526   21.026  1.00 33.35 ? 63  PRO A CB  1 
ATOM   482  C CG  . PRO A 1 63 ? -5.211  8.832   21.608  1.00 33.08 ? 63  PRO A CG  1 
ATOM   483  C CD  . PRO A 1 63 ? -4.621  9.679   20.543  1.00 32.96 ? 63  PRO A CD  1 
ATOM   484  N N   . VAL A 1 64 ? -5.541  5.927   17.984  1.00 35.17 ? 64  VAL A N   1 
ATOM   485  C CA  . VAL A 1 64 ? -6.370  5.491   16.867  1.00 35.53 ? 64  VAL A CA  1 
ATOM   486  C C   . VAL A 1 64 ? -6.899  4.097   17.185  1.00 36.00 ? 64  VAL A C   1 
ATOM   487  O O   . VAL A 1 64 ? -6.115  3.201   17.516  1.00 37.28 ? 64  VAL A O   1 
ATOM   488  C CB  . VAL A 1 64 ? -5.559  5.437   15.550  1.00 35.80 ? 64  VAL A CB  1 
ATOM   489  C CG1 . VAL A 1 64 ? -6.453  5.072   14.378  1.00 35.46 ? 64  VAL A CG1 1 
ATOM   490  C CG2 . VAL A 1 64 ? -4.862  6.772   15.288  1.00 35.32 ? 64  VAL A CG2 1 
ATOM   491  N N   . GLU A 1 65 ? -8.216  3.912   17.096  1.00 35.22 ? 65  GLU A N   1 
ATOM   492  C CA  . GLU A 1 65 ? -8.808  2.590   17.234  1.00 34.75 ? 65  GLU A CA  1 
ATOM   493  C C   . GLU A 1 65 ? -9.116  2.033   15.844  1.00 33.85 ? 65  GLU A C   1 
ATOM   494  O O   . GLU A 1 65 ? -9.779  2.687   15.050  1.00 33.35 ? 65  GLU A O   1 
ATOM   495  C CB  . GLU A 1 65 ? -10.078 2.646   18.079  1.00 34.67 ? 65  GLU A CB  1 
ATOM   496  C CG  . GLU A 1 65 ? -10.480 1.292   18.639  1.00 35.63 ? 65  GLU A CG  1 
ATOM   497  C CD  . GLU A 1 65 ? -11.705 1.370   19.518  1.00 35.76 ? 65  GLU A CD  1 
ATOM   498  O OE1 . GLU A 1 65 ? -12.823 1.455   18.969  1.00 38.31 ? 65  GLU A OE1 1 
ATOM   499  O OE2 . GLU A 1 65 ? -11.555 1.323   20.757  1.00 38.23 ? 65  GLU A OE2 1 
ATOM   500  N N   . ILE A 1 66 ? -8.606  0.837   15.565  1.00 33.40 ? 66  ILE A N   1 
ATOM   501  C CA  . ILE A 1 66 ? -8.763  0.184   14.267  1.00 33.43 ? 66  ILE A CA  1 
ATOM   502  C C   . ILE A 1 66 ? -9.542  -1.109  14.492  1.00 33.35 ? 66  ILE A C   1 
ATOM   503  O O   . ILE A 1 66 ? -9.032  -2.035  15.119  1.00 32.67 ? 66  ILE A O   1 
ATOM   504  C CB  . ILE A 1 66 ? -7.388  -0.147  13.645  1.00 33.19 ? 66  ILE A CB  1 
ATOM   505  C CG1 . ILE A 1 66 ? -6.507  1.100   13.587  1.00 33.50 ? 66  ILE A CG1 1 
ATOM   506  C CG2 . ILE A 1 66 ? -7.544  -0.712  12.230  1.00 33.23 ? 66  ILE A CG2 1 
ATOM   507  C CD1 . ILE A 1 66 ? -5.024  0.791   13.550  1.00 33.66 ? 66  ILE A CD1 1 
ATOM   508  N N   . CYS A 1 67 ? -10.776 -1.164  13.992  1.00 33.90 ? 67  CYS A N   1 
ATOM   509  C CA  . CYS A 1 67 ? -11.655 -2.319  14.210  1.00 34.61 ? 67  CYS A CA  1 
ATOM   510  C C   . CYS A 1 67 ? -11.698 -2.753  15.667  1.00 34.64 ? 67  CYS A C   1 
ATOM   511  O O   . CYS A 1 67 ? -11.614 -3.947  15.969  1.00 34.85 ? 67  CYS A O   1 
ATOM   512  C CB  . CYS A 1 67 ? -11.213 -3.505  13.351  1.00 34.77 ? 67  CYS A CB  1 
ATOM   513  S SG  . CYS A 1 67 ? -11.500 -3.264  11.637  1.00 37.64 ? 67  CYS A SG  1 
ATOM   514  N N   . GLY A 1 68 ? -11.826 -1.787  16.571  1.00 34.64 ? 68  GLY A N   1 
ATOM   515  C CA  . GLY A 1 68 ? -11.917 -2.082  17.999  1.00 34.60 ? 68  GLY A CA  1 
ATOM   516  C C   . GLY A 1 68 ? -10.616 -2.578  18.611  1.00 34.51 ? 68  GLY A C   1 
ATOM   517  O O   . GLY A 1 68 ? -10.631 -3.242  19.652  1.00 34.51 ? 68  GLY A O   1 
ATOM   518  N N   . HIS A 1 69 ? -9.495  -2.268  17.959  1.00 33.92 ? 69  HIS A N   1 
ATOM   519  C CA  . HIS A 1 69 ? -8.166  -2.539  18.506  1.00 33.81 ? 69  HIS A CA  1 
ATOM   520  C C   . HIS A 1 69 ? -7.461  -1.206  18.681  1.00 33.31 ? 69  HIS A C   1 
ATOM   521  O O   . HIS A 1 69 ? -7.401  -0.412  17.744  1.00 33.31 ? 69  HIS A O   1 
ATOM   522  C CB  . HIS A 1 69 ? -7.344  -3.418  17.563  1.00 33.79 ? 69  HIS A CB  1 
ATOM   523  C CG  . HIS A 1 69 ? -7.891  -4.796  17.387  1.00 34.10 ? 69  HIS A CG  1 
ATOM   524  N ND1 . HIS A 1 69 ? -8.942  -5.076  16.541  1.00 34.56 ? 69  HIS A ND1 1 
ATOM   525  C CD2 . HIS A 1 69 ? -7.521  -5.977  17.932  1.00 34.66 ? 69  HIS A CD2 1 
ATOM   526  C CE1 . HIS A 1 69 ? -9.204  -6.370  16.583  1.00 35.13 ? 69  HIS A CE1 1 
ATOM   527  N NE2 . HIS A 1 69 ? -8.359  -6.939  17.423  1.00 35.36 ? 69  HIS A NE2 1 
ATOM   528  N N   . LYS A 1 70 ? -6.918  -0.967  19.869  1.00 32.94 ? 70  LYS A N   1 
ATOM   529  C CA  . LYS A 1 70 ? -6.364  0.339   20.196  1.00 32.85 ? 70  LYS A CA  1 
ATOM   530  C C   . LYS A 1 70 ? -4.926  0.471   19.717  1.00 32.52 ? 70  LYS A C   1 
ATOM   531  O O   . LYS A 1 70 ? -4.133  -0.454  19.838  1.00 32.76 ? 70  LYS A O   1 
ATOM   532  C CB  . LYS A 1 70 ? -6.446  0.591   21.702  1.00 32.86 ? 70  LYS A CB  1 
ATOM   533  C CG  . LYS A 1 70 ? -7.874  0.729   22.204  1.00 32.87 ? 70  LYS A CG  1 
ATOM   534  C CD  . LYS A 1 70 ? -7.945  0.782   23.718  1.00 33.41 ? 70  LYS A CD  1 
ATOM   535  C CE  . LYS A 1 70 ? -9.399  0.769   24.187  1.00 33.87 ? 70  LYS A CE  1 
ATOM   536  N NZ  . LYS A 1 70 ? -9.580  0.205   25.561  1.00 35.34 ? 70  LYS A NZ  1 
ATOM   537  N N   . ALA A 1 71 ? -4.604  1.635   19.168  1.00 32.15 ? 71  ALA A N   1 
ATOM   538  C CA  . ALA A 1 71 ? -3.262  1.922   18.713  1.00 31.76 ? 71  ALA A CA  1 
ATOM   539  C C   . ALA A 1 71 ? -2.933  3.366   19.053  1.00 31.44 ? 71  ALA A C   1 
ATOM   540  O O   . ALA A 1 71 ? -3.826  4.181   19.319  1.00 31.26 ? 71  ALA A O   1 
ATOM   541  C CB  . ALA A 1 71 ? -3.146  1.680   17.206  1.00 31.97 ? 71  ALA A CB  1 
ATOM   542  N N   . ILE A 1 72 ? -1.646  3.677   19.084  1.00 30.82 ? 72  ILE A N   1 
ATOM   543  C CA  . ILE A 1 72 ? -1.226  5.048   19.319  1.00 30.45 ? 72  ILE A CA  1 
ATOM   544  C C   . ILE A 1 72 ? 0.091   5.298   18.618  1.00 30.04 ? 72  ILE A C   1 
ATOM   545  O O   . ILE A 1 72 ? 1.047   4.547   18.766  1.00 30.08 ? 72  ILE A O   1 
ATOM   546  C CB  . ILE A 1 72 ? -1.131  5.374   20.832  1.00 30.51 ? 72  ILE A CB  1 
ATOM   547  C CG1 . ILE A 1 72 ? -0.775  6.845   21.053  1.00 30.32 ? 72  ILE A CG1 1 
ATOM   548  C CG2 . ILE A 1 72 ? -0.132  4.450   21.527  1.00 30.37 ? 72  ILE A CG2 1 
ATOM   549  C CD1 . ILE A 1 72 ? -0.970  7.317   22.468  1.00 30.61 ? 72  ILE A CD1 1 
ATOM   550  N N   . GLY A 1 73 ? 0.139   6.363   17.834  1.00 29.76 ? 73  GLY A N   1 
ATOM   551  C CA  . GLY A 1 73 ? 1.348   6.662   17.111  1.00 29.74 ? 73  GLY A CA  1 
ATOM   552  C C   . GLY A 1 73 ? 1.244   7.901   16.268  1.00 29.62 ? 73  GLY A C   1 
ATOM   553  O O   . GLY A 1 73 ? 0.343   8.717   16.441  1.00 29.67 ? 73  GLY A O   1 
ATOM   554  N N   . THR A 1 74 ? 2.195   8.023   15.355  1.00 29.39 ? 74  THR A N   1 
ATOM   555  C CA  . THR A 1 74 ? 2.307   9.177   14.495  1.00 29.28 ? 74  THR A CA  1 
ATOM   556  C C   . THR A 1 74 ? 1.273   9.094   13.382  1.00 29.19 ? 74  THR A C   1 
ATOM   557  O O   . THR A 1 74 ? 1.101   8.044   12.762  1.00 28.91 ? 74  THR A O   1 
ATOM   558  C CB  . THR A 1 74 ? 3.725   9.259   13.912  1.00 29.34 ? 74  THR A CB  1 
ATOM   559  O OG1 . THR A 1 74 ? 4.663   9.344   14.990  1.00 29.61 ? 74  THR A OG1 1 
ATOM   560  C CG2 . THR A 1 74 ? 3.877   10.464  13.003  1.00 29.89 ? 74  THR A CG2 1 
ATOM   561  N N   A VAL A 1 75 ? 0.590   10.214  13.151  0.50 28.72 ? 75  VAL A N   1 
ATOM   562  N N   B VAL A 1 75 ? 0.551   10.187  13.153  0.50 28.66 ? 75  VAL A N   1 
ATOM   563  C CA  A VAL A 1 75 ? -0.406  10.336  12.094  0.50 28.59 ? 75  VAL A CA  1 
ATOM   564  C CA  B VAL A 1 75 ? -0.369  10.251  12.026  0.50 28.46 ? 75  VAL A CA  1 
ATOM   565  C C   A VAL A 1 75 ? -0.020  11.526  11.223  0.50 28.38 ? 75  VAL A C   1 
ATOM   566  C C   B VAL A 1 75 ? -0.064  11.504  11.222  0.50 28.31 ? 75  VAL A C   1 
ATOM   567  O O   A VAL A 1 75 ? 0.339   12.580  11.749  0.50 28.22 ? 75  VAL A O   1 
ATOM   568  O O   B VAL A 1 75 ? 0.189   12.571  11.785  0.50 28.17 ? 75  VAL A O   1 
ATOM   569  C CB  A VAL A 1 75 ? -1.816  10.550  12.695  0.50 28.84 ? 75  VAL A CB  1 
ATOM   570  C CB  B VAL A 1 75 ? -1.853  10.230  12.467  0.50 28.69 ? 75  VAL A CB  1 
ATOM   571  C CG1 A VAL A 1 75 ? -2.830  10.897  11.613  0.50 28.67 ? 75  VAL A CG1 1 
ATOM   572  C CG1 B VAL A 1 75 ? -2.163  8.931   13.197  0.50 28.27 ? 75  VAL A CG1 1 
ATOM   573  C CG2 A VAL A 1 75 ? -2.248  9.308   13.462  0.50 28.70 ? 75  VAL A CG2 1 
ATOM   574  C CG2 B VAL A 1 75 ? -2.177  11.432  13.337  0.50 28.26 ? 75  VAL A CG2 1 
ATOM   575  N N   . LEU A 1 76 ? -0.052  11.348  9.904   1.00 27.76 ? 76  LEU A N   1 
ATOM   576  C CA  . LEU A 1 76 ? 0.192   12.449  8.977   1.00 27.80 ? 76  LEU A CA  1 
ATOM   577  C C   . LEU A 1 76 ? -1.144  12.872  8.410   1.00 27.60 ? 76  LEU A C   1 
ATOM   578  O O   . LEU A 1 76 ? -1.981  12.032  8.121   1.00 28.18 ? 76  LEU A O   1 
ATOM   579  C CB  . LEU A 1 76 ? 1.112   12.006  7.843   1.00 27.99 ? 76  LEU A CB  1 
ATOM   580  C CG  . LEU A 1 76 ? 2.432   11.377  8.278   1.00 28.71 ? 76  LEU A CG  1 
ATOM   581  C CD1 . LEU A 1 76 ? 3.235   11.014  7.038   1.00 29.88 ? 76  LEU A CD1 1 
ATOM   582  C CD2 . LEU A 1 76 ? 3.214   12.320  9.161   1.00 29.12 ? 76  LEU A CD2 1 
ATOM   583  N N   . VAL A 1 77 ? -1.347  14.174  8.262   1.00 27.62 ? 77  VAL A N   1 
ATOM   584  C CA  . VAL A 1 77 ? -2.615  14.705  7.786   1.00 27.76 ? 77  VAL A CA  1 
ATOM   585  C C   . VAL A 1 77 ? -2.344  15.588  6.577   1.00 28.06 ? 77  VAL A C   1 
ATOM   586  O O   . VAL A 1 77 ? -1.473  16.461  6.609   1.00 27.62 ? 77  VAL A O   1 
ATOM   587  C CB  . VAL A 1 77 ? -3.310  15.522  8.891   1.00 28.18 ? 77  VAL A CB  1 
ATOM   588  C CG1 . VAL A 1 77 ? -4.512  16.288  8.342   1.00 28.42 ? 77  VAL A CG1 1 
ATOM   589  C CG2 . VAL A 1 77 ? -3.723  14.605  10.040  1.00 27.56 ? 77  VAL A CG2 1 
ATOM   590  N N   . GLY A 1 78 ? -3.080  15.349  5.500   1.00 27.85 ? 78  GLY A N   1 
ATOM   591  C CA  . GLY A 1 78 ? -2.877  16.112  4.278   1.00 28.05 ? 78  GLY A CA  1 
ATOM   592  C C   . GLY A 1 78 ? -3.835  15.703  3.175   1.00 28.12 ? 78  GLY A C   1 
ATOM   593  O O   . GLY A 1 78 ? -4.755  14.930  3.417   1.00 28.24 ? 78  GLY A O   1 
ATOM   594  N N   . PRO A 1 79 ? -3.633  16.237  1.963   1.00 27.94 ? 79  PRO A N   1 
ATOM   595  C CA  . PRO A 1 79 ? -4.551  16.041  0.841   1.00 28.14 ? 79  PRO A CA  1 
ATOM   596  C C   . PRO A 1 79 ? -4.415  14.675  0.171   1.00 28.20 ? 79  PRO A C   1 
ATOM   597  O O   . PRO A 1 79 ? -3.937  14.573  -0.958  1.00 28.16 ? 79  PRO A O   1 
ATOM   598  C CB  . PRO A 1 79 ? -4.160  17.168  -0.120  1.00 28.12 ? 79  PRO A CB  1 
ATOM   599  C CG  . PRO A 1 79 ? -2.713  17.359  0.118   1.00 28.18 ? 79  PRO A CG  1 
ATOM   600  C CD  . PRO A 1 79 ? -2.505  17.115  1.594   1.00 28.13 ? 79  PRO A CD  1 
ATOM   601  N N   . THR A 1 80 ? -4.834  13.637  0.884   1.00 28.17 ? 80  THR A N   1 
ATOM   602  C CA  . THR A 1 80 ? -4.898  12.284  0.343   1.00 27.96 ? 80  THR A CA  1 
ATOM   603  C C   . THR A 1 80 ? -6.346  11.979  -0.045  1.00 28.30 ? 80  THR A C   1 
ATOM   604  O O   . THR A 1 80 ? -7.273  12.421  0.641   1.00 27.86 ? 80  THR A O   1 
ATOM   605  C CB  . THR A 1 80 ? -4.418  11.245  1.372   1.00 28.16 ? 80  THR A CB  1 
ATOM   606  O OG1 . THR A 1 80 ? -4.582  9.913   0.846   1.00 26.59 ? 80  THR A OG1 1 
ATOM   607  C CG2 . THR A 1 80 ? -5.180  11.395  2.699   1.00 27.80 ? 80  THR A CG2 1 
ATOM   608  N N   . PRO A 1 81 ? -6.545  11.222  -1.137  1.00 28.46 ? 81  PRO A N   1 
ATOM   609  C CA  . PRO A 1 81 ? -7.898  10.848  -1.561  1.00 28.50 ? 81  PRO A CA  1 
ATOM   610  C C   . PRO A 1 81 ? -8.537  9.784   -0.672  1.00 28.80 ? 81  PRO A C   1 
ATOM   611  O O   . PRO A 1 81 ? -9.757  9.610   -0.710  1.00 28.90 ? 81  PRO A O   1 
ATOM   612  C CB  . PRO A 1 81 ? -7.689  10.315  -2.979  1.00 28.61 ? 81  PRO A CB  1 
ATOM   613  C CG  . PRO A 1 81 ? -6.289  9.850   -3.017  1.00 28.63 ? 81  PRO A CG  1 
ATOM   614  C CD  . PRO A 1 81 ? -5.514  10.693  -2.049  1.00 28.45 ? 81  PRO A CD  1 
ATOM   615  N N   . VAL A 1 82 ? -7.719  9.084   0.113   1.00 28.60 ? 82  VAL A N   1 
ATOM   616  C CA  . VAL A 1 82 ? -8.190  7.981   0.949   1.00 28.62 ? 82  VAL A CA  1 
ATOM   617  C C   . VAL A 1 82 ? -7.407  7.962   2.254   1.00 28.37 ? 82  VAL A C   1 
ATOM   618  O O   . VAL A 1 82 ? -6.220  8.293   2.273   1.00 28.78 ? 82  VAL A O   1 
ATOM   619  C CB  . VAL A 1 82 ? -8.026  6.631   0.213   1.00 28.98 ? 82  VAL A CB  1 
ATOM   620  C CG1 . VAL A 1 82 ? -6.577  6.422   -0.218  1.00 29.53 ? 82  VAL A CG1 1 
ATOM   621  C CG2 . VAL A 1 82 ? -8.504  5.468   1.077   1.00 29.91 ? 82  VAL A CG2 1 
ATOM   622  N N   . ASN A 1 83 ? -8.075  7.594   3.346   1.00 27.81 ? 83  ASN A N   1 
ATOM   623  C CA  . ASN A 1 83 ? -7.393  7.418   4.623   1.00 27.70 ? 83  ASN A CA  1 
ATOM   624  C C   . ASN A 1 83 ? -6.598  6.123   4.588   1.00 27.45 ? 83  ASN A C   1 
ATOM   625  O O   . ASN A 1 83 ? -7.128  5.079   4.225   1.00 27.78 ? 83  ASN A O   1 
ATOM   626  C CB  . ASN A 1 83 ? -8.382  7.357   5.781   1.00 27.59 ? 83  ASN A CB  1 
ATOM   627  C CG  . ASN A 1 83 ? -9.145  8.651   5.967   1.00 28.55 ? 83  ASN A CG  1 
ATOM   628  O OD1 . ASN A 1 83 ? -8.557  9.727   6.053   1.00 30.40 ? 83  ASN A OD1 1 
ATOM   629  N ND2 . ASN A 1 83 ? -10.463 8.548   6.029   1.00 29.39 ? 83  ASN A ND2 1 
ATOM   630  N N   . ILE A 1 84 ? -5.347  6.198   5.014   1.00 27.07 ? 84  ILE A N   1 
ATOM   631  C CA  . ILE A 1 84 ? -4.412  5.093   4.895   1.00 27.57 ? 84  ILE A CA  1 
ATOM   632  C C   . ILE A 1 84 ? -3.831  4.754   6.252   1.00 27.34 ? 84  ILE A C   1 
ATOM   633  O O   . ILE A 1 84 ? -3.181  5.596   6.879   1.00 28.07 ? 84  ILE A O   1 
ATOM   634  C CB  . ILE A 1 84 ? -3.273  5.456   3.935   1.00 27.65 ? 84  ILE A CB  1 
ATOM   635  C CG1 . ILE A 1 84 ? -3.823  5.624   2.516   1.00 28.77 ? 84  ILE A CG1 1 
ATOM   636  C CG2 . ILE A 1 84 ? -2.198  4.382   3.937   1.00 27.81 ? 84  ILE A CG2 1 
ATOM   637  C CD1 . ILE A 1 84 ? -2.908  6.391   1.600   1.00 29.39 ? 84  ILE A CD1 1 
ATOM   638  N N   . ILE A 1 85 ? -4.062  3.523   6.694   1.00 26.81 ? 85  ILE A N   1 
ATOM   639  C CA  . ILE A 1 85 ? -3.391  2.987   7.868   1.00 26.26 ? 85  ILE A CA  1 
ATOM   640  C C   . ILE A 1 85 ? -2.147  2.240   7.414   1.00 26.19 ? 85  ILE A C   1 
ATOM   641  O O   . ILE A 1 85 ? -2.239  1.228   6.705   1.00 25.70 ? 85  ILE A O   1 
ATOM   642  C CB  . ILE A 1 85 ? -4.295  2.045   8.663   1.00 26.47 ? 85  ILE A CB  1 
ATOM   643  C CG1 . ILE A 1 85 ? -5.616  2.746   9.017   1.00 26.46 ? 85  ILE A CG1 1 
ATOM   644  C CG2 . ILE A 1 85 ? -3.564  1.556   9.902   1.00 26.65 ? 85  ILE A CG2 1 
ATOM   645  C CD1 . ILE A 1 85 ? -5.452  3.987   9.877   1.00 28.77 ? 85  ILE A CD1 1 
ATOM   646  N N   . GLY A 1 86 ? -0.990  2.747   7.819   1.00 25.50 ? 86  GLY A N   1 
ATOM   647  C CA  . GLY A 1 86 ? 0.293   2.186   7.425   1.00 25.96 ? 86  GLY A CA  1 
ATOM   648  C C   . GLY A 1 86 ? 0.887   1.273   8.471   1.00 25.81 ? 86  GLY A C   1 
ATOM   649  O O   . GLY A 1 86 ? 0.259   0.985   9.513   1.00 26.10 ? 86  GLY A O   1 
ATOM   650  N N   . ARG A 1 87 ? 2.110   0.823   8.215   1.00 25.72 ? 87  ARG A N   1 
ATOM   651  C CA  . ARG A 1 87 ? 2.726   -0.221  9.038   1.00 25.65 ? 87  ARG A CA  1 
ATOM   652  C C   . ARG A 1 87 ? 2.994   0.231   10.458  1.00 25.99 ? 87  ARG A C   1 
ATOM   653  O O   . ARG A 1 87 ? 3.020   -0.593  11.372  1.00 26.42 ? 87  ARG A O   1 
ATOM   654  C CB  . ARG A 1 87 ? 4.020   -0.742  8.406   1.00 25.27 ? 87  ARG A CB  1 
ATOM   655  C CG  . ARG A 1 87 ? 3.789   -1.540  7.126   1.00 24.54 ? 87  ARG A CG  1 
ATOM   656  C CD  . ARG A 1 87 ? 5.092   -2.156  6.601   1.00 25.96 ? 87  ARG A CD  1 
ATOM   657  N NE  . ARG A 1 87 ? 6.069   -1.127  6.250   1.00 24.59 ? 87  ARG A NE  1 
ATOM   658  C CZ  . ARG A 1 87 ? 7.114   -0.764  6.997   1.00 25.62 ? 87  ARG A CZ  1 
ATOM   659  N NH1 . ARG A 1 87 ? 7.379   -1.349  8.158   1.00 26.07 ? 87  ARG A NH1 1 
ATOM   660  N NH2 . ARG A 1 87 ? 7.915   0.195   6.558   1.00 25.45 ? 87  ARG A NH2 1 
ATOM   661  N N   . ASN A 1 88 ? 3.186   1.528   10.663  1.00 26.41 ? 88  ASN A N   1 
ATOM   662  C CA  . ASN A 1 88 ? 3.462   2.017   12.013  1.00 26.80 ? 88  ASN A CA  1 
ATOM   663  C C   . ASN A 1 88 ? 2.345   1.659   12.989  1.00 27.36 ? 88  ASN A C   1 
ATOM   664  O O   . ASN A 1 88 ? 2.618   1.413   14.164  1.00 27.88 ? 88  ASN A O   1 
ATOM   665  C CB  . ASN A 1 88 ? 3.752   3.517   12.020  1.00 26.70 ? 88  ASN A CB  1 
ATOM   666  C CG  . ASN A 1 88 ? 2.528   4.361   11.743  1.00 26.44 ? 88  ASN A CG  1 
ATOM   667  O OD1 . ASN A 1 88 ? 1.805   4.119   10.787  1.00 26.89 ? 88  ASN A OD1 1 
ATOM   668  N ND2 . ASN A 1 88 ? 2.292   5.371   12.591  1.00 26.22 ? 88  ASN A ND2 1 
ATOM   669  N N   . LEU A 1 89 ? 1.101   1.605   12.504  1.00 27.28 ? 89  LEU A N   1 
ATOM   670  C CA  . LEU A 1 89 ? -0.046  1.207   13.350  1.00 27.43 ? 89  LEU A CA  1 
ATOM   671  C C   . LEU A 1 89 ? -0.444  -0.261  13.187  1.00 27.30 ? 89  LEU A C   1 
ATOM   672  O O   . LEU A 1 89 ? -0.885  -0.886  14.162  1.00 26.86 ? 89  LEU A O   1 
ATOM   673  C CB  . LEU A 1 89 ? -1.258  2.108   13.081  1.00 27.37 ? 89  LEU A CB  1 
ATOM   674  C CG  . LEU A 1 89 ? -1.403  3.406   13.879  1.00 29.60 ? 89  LEU A CG  1 
ATOM   675  C CD1 . LEU A 1 89 ? -0.065  3.950   14.363  1.00 30.93 ? 89  LEU A CD1 1 
ATOM   676  C CD2 . LEU A 1 89 ? -2.192  4.453   13.083  1.00 27.69 ? 89  LEU A CD2 1 
ATOM   677  N N   . LEU A 1 90 ? -0.307  -0.806  11.974  1.00 27.34 ? 90  LEU A N   1 
ATOM   678  C CA  . LEU A 1 90 ? -0.673  -2.204  11.713  1.00 27.85 ? 90  LEU A CA  1 
ATOM   679  C C   . LEU A 1 90 ? 0.120   -3.160  12.589  1.00 27.83 ? 90  LEU A C   1 
ATOM   680  O O   . LEU A 1 90 ? -0.401  -4.183  13.027  1.00 27.70 ? 90  LEU A O   1 
ATOM   681  C CB  . LEU A 1 90 ? -0.458  -2.567  10.244  1.00 27.67 ? 90  LEU A CB  1 
ATOM   682  C CG  . LEU A 1 90 ? -1.350  -1.890  9.195   1.00 28.24 ? 90  LEU A CG  1 
ATOM   683  C CD1 . LEU A 1 90 ? -0.852  -2.227  7.807   1.00 28.57 ? 90  LEU A CD1 1 
ATOM   684  C CD2 . LEU A 1 90 ? -2.812  -2.305  9.345   1.00 28.95 ? 90  LEU A CD2 1 
ATOM   685  N N   . THR A 1 91 ? 1.379   -2.835  12.854  1.00 28.10 ? 91  THR A N   1 
ATOM   686  C CA  . THR A 1 91 ? 2.188   -3.671  13.753  1.00 28.77 ? 91  THR A CA  1 
ATOM   687  C C   . THR A 1 91 ? 1.597   -3.688  15.168  1.00 29.49 ? 91  THR A C   1 
ATOM   688  O O   . THR A 1 91 ? 1.644   -4.713  15.865  1.00 29.36 ? 91  THR A O   1 
ATOM   689  C CB  . THR A 1 91 ? 3.640   -3.170  13.829  1.00 28.97 ? 91  THR A CB  1 
ATOM   690  O OG1 . THR A 1 91 ? 3.650   -1.780  14.162  1.00 28.90 ? 91  THR A OG1 1 
ATOM   691  C CG2 . THR A 1 91 ? 4.364   -3.387  12.506  1.00 28.79 ? 91  THR A CG2 1 
ATOM   692  N N   . GLN A 1 92 ? 1.031   -2.554  15.584  1.00 29.62 ? 92  GLN A N   1 
ATOM   693  C CA  . GLN A 1 92 ? 0.493   -2.409  16.943  1.00 30.21 ? 92  GLN A CA  1 
ATOM   694  C C   . GLN A 1 92 ? -0.749  -3.259  17.209  1.00 30.10 ? 92  GLN A C   1 
ATOM   695  O O   . GLN A 1 92 ? -1.057  -3.563  18.367  1.00 30.71 ? 92  GLN A O   1 
ATOM   696  C CB  . GLN A 1 92 ? 0.171   -0.943  17.243  1.00 29.92 ? 92  GLN A CB  1 
ATOM   697  C CG  . GLN A 1 92 ? 1.386   -0.039  17.273  1.00 30.41 ? 92  GLN A CG  1 
ATOM   698  C CD  . GLN A 1 92 ? 1.052   1.354   17.761  1.00 30.93 ? 92  GLN A CD  1 
ATOM   699  O OE1 . GLN A 1 92 ? 0.076   1.552   18.479  1.00 30.98 ? 92  GLN A OE1 1 
ATOM   700  N NE2 . GLN A 1 92 ? 1.865   2.332   17.365  1.00 34.07 ? 92  GLN A NE2 1 
ATOM   701  N N   . ILE A 1 93 ? -1.473  -3.622  16.151  1.00 30.03 ? 93  ILE A N   1 
ATOM   702  C CA  . ILE A 1 93 ? -2.646  -4.494  16.298  1.00 29.67 ? 93  ILE A CA  1 
ATOM   703  C C   . ILE A 1 93 ? -2.350  -5.946  15.887  1.00 29.48 ? 93  ILE A C   1 
ATOM   704  O O   . ILE A 1 93 ? -3.262  -6.775  15.820  1.00 29.09 ? 93  ILE A O   1 
ATOM   705  C CB  . ILE A 1 93 ? -3.887  -3.933  15.547  1.00 29.66 ? 93  ILE A CB  1 
ATOM   706  C CG1 . ILE A 1 93 ? -3.702  -3.966  14.026  1.00 30.10 ? 93  ILE A CG1 1 
ATOM   707  C CG2 . ILE A 1 93 ? -4.188  -2.503  16.021  1.00 29.72 ? 93  ILE A CG2 1 
ATOM   708  C CD1 . ILE A 1 93 ? -4.930  -3.519  13.268  1.00 30.09 ? 93  ILE A CD1 1 
ATOM   709  N N   . GLY A 1 94 ? -1.077  -6.248  15.641  1.00 28.92 ? 94  GLY A N   1 
ATOM   710  C CA  . GLY A 1 94 ? -0.638  -7.615  15.362  1.00 28.97 ? 94  GLY A CA  1 
ATOM   711  C C   . GLY A 1 94 ? -1.025  -8.098  13.979  1.00 28.71 ? 94  GLY A C   1 
ATOM   712  O O   . GLY A 1 94 ? -1.367  -9.275  13.798  1.00 28.69 ? 94  GLY A O   1 
ATOM   713  N N   A CYS A 1 95 ? -0.934  -7.208  12.998  0.50 28.19 ? 95  CYS A N   1 
ATOM   714  N N   B CYS A 1 95 ? -0.995  -7.183  13.007  0.50 28.96 ? 95  CYS A N   1 
ATOM   715  C CA  A CYS A 1 95 ? -1.373  -7.516  11.648  0.50 27.95 ? 95  CYS A CA  1 
ATOM   716  C CA  B CYS A 1 95 ? -1.326  -7.513  11.621  0.50 29.18 ? 95  CYS A CA  1 
ATOM   717  C C   A CYS A 1 95 ? -0.278  -8.203  10.835  0.50 28.03 ? 95  CYS A C   1 
ATOM   718  C C   B CYS A 1 95 ? -0.217  -8.327  10.989  0.50 28.64 ? 95  CYS A C   1 
ATOM   719  O O   A CYS A 1 95 ? 0.838   -7.689  10.734  0.50 27.96 ? 95  CYS A O   1 
ATOM   720  O O   B CYS A 1 95 ? 0.969   -8.053  11.199  0.50 28.39 ? 95  CYS A O   1 
ATOM   721  C CB  A CYS A 1 95 ? -1.811  -6.238  10.946  0.50 28.20 ? 95  CYS A CB  1 
ATOM   722  C CB  B CYS A 1 95 ? -1.556  -6.259  10.768  0.50 29.60 ? 95  CYS A CB  1 
ATOM   723  S SG  A CYS A 1 95 ? -2.648  -6.533  9.407   0.50 27.32 ? 95  CYS A SG  1 
ATOM   724  S SG  B CYS A 1 95 ? -3.183  -5.508  10.944  0.50 32.97 ? 95  CYS A SG  1 
ATOM   725  N N   . THR A 1 96 ? -0.616  -9.353  10.246  1.00 27.90 ? 96  THR A N   1 
ATOM   726  C CA  . THR A 1 96 ? 0.304   -10.109 9.402   1.00 27.20 ? 96  THR A CA  1 
ATOM   727  C C   . THR A 1 96 ? -0.324  -10.335 8.034   1.00 26.68 ? 96  THR A C   1 
ATOM   728  O O   . THR A 1 96 ? -1.542  -10.316 7.891   1.00 26.06 ? 96  THR A O   1 
ATOM   729  C CB  . THR A 1 96 ? 0.651   -11.473 10.002  1.00 27.25 ? 96  THR A CB  1 
ATOM   730  O OG1 . THR A 1 96 ? -0.550  -12.230 10.210  1.00 26.28 ? 96  THR A OG1 1 
ATOM   731  C CG2 . THR A 1 96 ? 1.386   -11.309 11.321  1.00 26.85 ? 96  THR A CG2 1 
ATOM   732  N N   . LEU A 1 97 ? 0.532   -10.556 7.042   1.00 26.37 ? 97  LEU A N   1 
ATOM   733  C CA  . LEU A 1 97 ? 0.115   -11.048 5.730   1.00 26.73 ? 97  LEU A CA  1 
ATOM   734  C C   . LEU A 1 97 ? 0.345   -12.531 5.727   1.00 26.56 ? 97  LEU A C   1 
ATOM   735  O O   . LEU A 1 97 ? 1.393   -12.990 6.176   1.00 26.97 ? 97  LEU A O   1 
ATOM   736  C CB  . LEU A 1 97 ? 0.963   -10.438 4.628   1.00 26.91 ? 97  LEU A CB  1 
ATOM   737  C CG  . LEU A 1 97 ? 0.693   -8.980  4.303   1.00 28.10 ? 97  LEU A CG  1 
ATOM   738  C CD1 . LEU A 1 97 ? 1.780   -8.431  3.401   1.00 29.43 ? 97  LEU A CD1 1 
ATOM   739  C CD2 . LEU A 1 97 ? -0.684  -8.857  3.647   1.00 30.35 ? 97  LEU A CD2 1 
ATOM   740  N N   . ASN A 1 98 ? -0.620  -13.275 5.204   1.00 25.89 ? 98  ASN A N   1 
ATOM   741  C CA  . ASN A 1 98 ? -0.567  -14.724 5.222   1.00 26.07 ? 98  ASN A CA  1 
ATOM   742  C C   . ASN A 1 98 ? -0.947  -15.334 3.879   1.00 25.95 ? 98  ASN A C   1 
ATOM   743  O O   . ASN A 1 98 ? -1.999  -15.010 3.328   1.00 26.32 ? 98  ASN A O   1 
ATOM   744  C CB  . ASN A 1 98 ? -1.516  -15.254 6.283   1.00 26.09 ? 98  ASN A CB  1 
ATOM   745  C CG  . ASN A 1 98 ? -1.129  -14.825 7.674   1.00 27.48 ? 98  ASN A CG  1 
ATOM   746  O OD1 . ASN A 1 98 ? -1.392  -13.697 8.079   1.00 31.04 ? 98  ASN A OD1 1 
ATOM   747  N ND2 . ASN A 1 98 ? -0.504  -15.727 8.420   1.00 30.00 ? 98  ASN A ND2 1 
ATOM   748  N N   . PHE A 1 99 ? -0.095  -16.220 3.366   1.00 26.39 ? 99  PHE A N   1 
ATOM   749  C CA  . PHE A 1 99 ? -0.430  -17.007 2.180   1.00 26.65 ? 99  PHE A CA  1 
ATOM   750  C C   . PHE A 1 99 ? 0.335   -18.323 2.153   1.00 26.89 ? 99  PHE A C   1 
ATOM   751  O O   . PHE A 1 99 ? 0.158   -19.133 1.246   1.00 26.82 ? 99  PHE A O   1 
ATOM   752  C CB  . PHE A 1 99 ? -0.202  -16.216 0.888   1.00 27.47 ? 99  PHE A CB  1 
ATOM   753  C CG  . PHE A 1 99 ? 1.214   -15.750 0.674   1.00 27.81 ? 99  PHE A CG  1 
ATOM   754  C CD1 . PHE A 1 99 ? 1.664   -14.570 1.249   1.00 29.88 ? 99  PHE A CD1 1 
ATOM   755  C CD2 . PHE A 1 99 ? 2.072   -16.452 -0.157  1.00 29.27 ? 99  PHE A CD2 1 
ATOM   756  C CE1 . PHE A 1 99 ? 2.954   -14.116 1.031   1.00 29.47 ? 99  PHE A CE1 1 
ATOM   757  C CE2 . PHE A 1 99 ? 3.370   -16.008 -0.376  1.00 29.93 ? 99  PHE A CE2 1 
ATOM   758  C CZ  . PHE A 1 99 ? 3.808   -14.834 0.219   1.00 29.19 ? 99  PHE A CZ  1 
ATOM   759  O OXT . PHE A 1 99 ? 1.114   -18.605 3.056   1.00 26.45 ? 99  PHE A OXT 1 
ATOM   760  N N   . PRO B 1 1  ? 3.711   -18.422 3.768   1.00 31.08 ? 1   PRO B N   1 
ATOM   761  C CA  . PRO B 1 1  ? 4.302   -17.978 5.021   1.00 31.06 ? 1   PRO B CA  1 
ATOM   762  C C   . PRO B 1 1  ? 3.452   -16.926 5.719   1.00 30.66 ? 1   PRO B C   1 
ATOM   763  O O   . PRO B 1 1  ? 2.453   -16.491 5.165   1.00 30.27 ? 1   PRO B O   1 
ATOM   764  C CB  . PRO B 1 1  ? 5.621   -17.356 4.562   1.00 31.35 ? 1   PRO B CB  1 
ATOM   765  C CG  . PRO B 1 1  ? 5.275   -16.742 3.241   1.00 31.60 ? 1   PRO B CG  1 
ATOM   766  C CD  . PRO B 1 1  ? 4.278   -17.695 2.615   1.00 31.44 ? 1   PRO B CD  1 
ATOM   767  N N   . GLN B 1 2  ? 3.852   -16.555 6.931   1.00 30.14 ? 2   GLN B N   1 
ATOM   768  C CA  . GLN B 1 2  ? 3.276   -15.430 7.660   1.00 30.27 ? 2   GLN B CA  1 
ATOM   769  C C   . GLN B 1 2  ? 4.314   -14.317 7.698   1.00 29.73 ? 2   GLN B C   1 
ATOM   770  O O   . GLN B 1 2  ? 5.450   -14.526 8.136   1.00 29.42 ? 2   GLN B O   1 
ATOM   771  C CB  . GLN B 1 2  ? 2.900   -15.837 9.088   1.00 30.22 ? 2   GLN B CB  1 
ATOM   772  C CG  . GLN B 1 2  ? 2.265   -14.700 9.875   1.00 31.48 ? 2   GLN B CG  1 
ATOM   773  C CD  . GLN B 1 2  ? 1.636   -15.164 11.168  1.00 31.89 ? 2   GLN B CD  1 
ATOM   774  O OE1 . GLN B 1 2  ? 2.328   -15.451 12.148  1.00 35.91 ? 2   GLN B OE1 1 
ATOM   775  N NE2 . GLN B 1 2  ? 0.315   -15.226 11.187  1.00 34.97 ? 2   GLN B NE2 1 
ATOM   776  N N   . ILE B 1 3  ? 3.920   -13.135 7.247   1.00 29.25 ? 3   ILE B N   1 
ATOM   777  C CA  . ILE B 1 3  ? 4.833   -12.019 7.112   1.00 29.29 ? 3   ILE B CA  1 
ATOM   778  C C   . ILE B 1 3  ? 4.399   -10.905 8.047   1.00 28.41 ? 3   ILE B C   1 
ATOM   779  O O   . ILE B 1 3  ? 3.256   -10.454 8.009   1.00 27.75 ? 3   ILE B O   1 
ATOM   780  C CB  . ILE B 1 3  ? 4.867   -11.505 5.665   1.00 29.20 ? 3   ILE B CB  1 
ATOM   781  C CG1 . ILE B 1 3  ? 5.320   -12.614 4.715   1.00 30.36 ? 3   ILE B CG1 1 
ATOM   782  C CG2 . ILE B 1 3  ? 5.794   -10.301 5.553   1.00 31.12 ? 3   ILE B CG2 1 
ATOM   783  C CD1 . ILE B 1 3  ? 5.327   -12.209 3.261   1.00 30.92 ? 3   ILE B CD1 1 
ATOM   784  N N   . THR B 1 4  ? 5.313   -10.484 8.913   1.00 27.93 ? 4   THR B N   1 
ATOM   785  C CA  . THR B 1 4  ? 5.028   -9.402  9.845   1.00 28.01 ? 4   THR B CA  1 
ATOM   786  C C   . THR B 1 4  ? 5.426   -8.089  9.194   1.00 27.99 ? 4   THR B C   1 
ATOM   787  O O   . THR B 1 4  ? 6.043   -8.078  8.122   1.00 28.21 ? 4   THR B O   1 
ATOM   788  C CB  . THR B 1 4  ? 5.779   -9.587  11.165  1.00 27.86 ? 4   THR B CB  1 
ATOM   789  O OG1 . THR B 1 4  ? 7.186   -9.630  10.913  1.00 28.51 ? 4   THR B OG1 1 
ATOM   790  C CG2 . THR B 1 4  ? 5.343   -10.893 11.864  1.00 28.42 ? 4   THR B CG2 1 
ATOM   791  N N   . LEU B 1 5  ? 5.086   -6.986  9.844   1.00 27.64 ? 5   LEU B N   1 
ATOM   792  C CA  . LEU B 1 5  ? 5.129   -5.690  9.191   1.00 27.82 ? 5   LEU B CA  1 
ATOM   793  C C   . LEU B 1 5  ? 6.024   -4.671  9.893   1.00 27.72 ? 5   LEU B C   1 
ATOM   794  O O   . LEU B 1 5  ? 5.881   -3.468  9.672   1.00 27.27 ? 5   LEU B O   1 
ATOM   795  C CB  . LEU B 1 5  ? 3.702   -5.161  9.075   1.00 27.85 ? 5   LEU B CB  1 
ATOM   796  C CG  . LEU B 1 5  ? 2.815   -6.013  8.171   1.00 28.91 ? 5   LEU B CG  1 
ATOM   797  C CD1 . LEU B 1 5  ? 1.389   -5.539  8.289   1.00 31.48 ? 5   LEU B CD1 1 
ATOM   798  C CD2 . LEU B 1 5  ? 3.304   -5.952  6.731   1.00 30.03 ? 5   LEU B CD2 1 
ATOM   799  N N   . TRP B 1 6  ? 6.947   -5.135  10.736  1.00 28.05 ? 6   TRP B N   1 
ATOM   800  C CA  . TRP B 1 6  ? 7.910   -4.225  11.355  1.00 28.54 ? 6   TRP B CA  1 
ATOM   801  C C   . TRP B 1 6  ? 8.952   -3.765  10.320  1.00 28.73 ? 6   TRP B C   1 
ATOM   802  O O   . TRP B 1 6  ? 9.560   -2.706  10.468  1.00 28.84 ? 6   TRP B O   1 
ATOM   803  C CB  . TRP B 1 6  ? 8.555   -4.859  12.599  1.00 29.35 ? 6   TRP B CB  1 
ATOM   804  C CG  . TRP B 1 6  ? 7.657   -4.749  13.808  1.00 29.68 ? 6   TRP B CG  1 
ATOM   805  C CD1 . TRP B 1 6  ? 7.513   -3.663  14.625  1.00 30.81 ? 6   TRP B CD1 1 
ATOM   806  C CD2 . TRP B 1 6  ? 6.763   -5.747  14.306  1.00 30.09 ? 6   TRP B CD2 1 
ATOM   807  N NE1 . TRP B 1 6  ? 6.589   -3.930  15.611  1.00 30.83 ? 6   TRP B NE1 1 
ATOM   808  C CE2 . TRP B 1 6  ? 6.113   -5.201  15.434  1.00 30.33 ? 6   TRP B CE2 1 
ATOM   809  C CE3 . TRP B 1 6  ? 6.450   -7.051  13.913  1.00 30.68 ? 6   TRP B CE3 1 
ATOM   810  C CZ2 . TRP B 1 6  ? 5.163   -5.910  16.163  1.00 30.62 ? 6   TRP B CZ2 1 
ATOM   811  C CZ3 . TRP B 1 6  ? 5.502   -7.757  14.638  1.00 31.04 ? 6   TRP B CZ3 1 
ATOM   812  C CH2 . TRP B 1 6  ? 4.876   -7.187  15.758  1.00 30.61 ? 6   TRP B CH2 1 
ATOM   813  N N   . LYS B 1 7  ? 9.147   -4.569  9.278   1.00 28.74 ? 7   LYS B N   1 
ATOM   814  C CA  . LYS B 1 7  ? 9.910   -4.151  8.098   1.00 29.30 ? 7   LYS B CA  1 
ATOM   815  C C   . LYS B 1 7  ? 8.985   -4.189  6.887   1.00 28.71 ? 7   LYS B C   1 
ATOM   816  O O   . LYS B 1 7  ? 7.916   -4.808  6.938   1.00 28.34 ? 7   LYS B O   1 
ATOM   817  C CB  . LYS B 1 7  ? 11.128  -5.061  7.894   1.00 29.53 ? 7   LYS B CB  1 
ATOM   818  C CG  . LYS B 1 7  ? 12.175  -4.915  8.979   1.00 30.66 ? 7   LYS B CG  1 
ATOM   819  C CD  . LYS B 1 7  ? 13.239  -6.012  8.914   1.00 30.71 ? 7   LYS B CD  1 
ATOM   820  C CE  . LYS B 1 7  ? 14.146  -5.956  10.129  1.00 31.74 ? 7   LYS B CE  1 
ATOM   821  N NZ  . LYS B 1 7  ? 15.313  -6.891  10.040  1.00 32.63 ? 7   LYS B NZ  1 
ATOM   822  N N   . ARG B 1 8  ? 9.371   -3.514  5.803   1.00 27.95 ? 8   ARG B N   1 
ATOM   823  C CA  . ARG B 1 8  ? 8.581   -3.568  4.576   1.00 28.09 ? 8   ARG B CA  1 
ATOM   824  C C   . ARG B 1 8  ? 8.459   -5.015  4.105   1.00 27.42 ? 8   ARG B C   1 
ATOM   825  O O   . ARG B 1 8  ? 9.455   -5.749  4.106   1.00 27.86 ? 8   ARG B O   1 
ATOM   826  C CB  . ARG B 1 8  ? 9.209   -2.731  3.469   1.00 27.62 ? 8   ARG B CB  1 
ATOM   827  C CG  . ARG B 1 8  ? 9.285   -1.251  3.796   1.00 28.47 ? 8   ARG B CG  1 
ATOM   828  C CD  . ARG B 1 8  ? 9.515   -0.411  2.573   1.00 30.03 ? 8   ARG B CD  1 
ATOM   829  N NE  . ARG B 1 8  ? 10.061  0.897   2.935   1.00 31.11 ? 8   ARG B NE  1 
ATOM   830  C CZ  . ARG B 1 8  ? 10.042  1.978   2.160   1.00 33.57 ? 8   ARG B CZ  1 
ATOM   831  N NH1 . ARG B 1 8  ? 9.478   1.945   0.951   1.00 37.22 ? 8   ARG B NH1 1 
ATOM   832  N NH2 . ARG B 1 8  ? 10.585  3.108   2.601   1.00 32.74 ? 8   ARG B NH2 1 
ATOM   833  N N   . PRO B 1 9  ? 7.244   -5.439  3.711   1.00 27.19 ? 9   PRO B N   1 
ATOM   834  C CA  . PRO B 1 9  ? 7.064   -6.817  3.245   1.00 26.76 ? 9   PRO B CA  1 
ATOM   835  C C   . PRO B 1 9  ? 7.562   -7.003  1.812   1.00 26.62 ? 9   PRO B C   1 
ATOM   836  O O   . PRO B 1 9  ? 6.772   -7.103  0.861   1.00 25.47 ? 9   PRO B O   1 
ATOM   837  C CB  . PRO B 1 9  ? 5.556   -7.035  3.371   1.00 26.62 ? 9   PRO B CB  1 
ATOM   838  C CG  . PRO B 1 9  ? 4.981   -5.683  3.120   1.00 27.38 ? 9   PRO B CG  1 
ATOM   839  C CD  . PRO B 1 9  ? 5.972   -4.694  3.710   1.00 27.06 ? 9   PRO B CD  1 
ATOM   840  N N   . LEU B 1 10 ? 8.884   -7.041  1.680   1.00 26.82 ? 10  LEU B N   1 
ATOM   841  C CA  . LEU B 1 10 ? 9.556   -7.258  0.411   1.00 27.53 ? 10  LEU B CA  1 
ATOM   842  C C   . LEU B 1 10 ? 9.809   -8.741  0.229   1.00 28.01 ? 10  LEU B C   1 
ATOM   843  O O   . LEU B 1 10 ? 10.336  -9.401  1.133   1.00 28.51 ? 10  LEU B O   1 
ATOM   844  C CB  . LEU B 1 10 ? 10.902  -6.544  0.392   1.00 27.54 ? 10  LEU B CB  1 
ATOM   845  C CG  . LEU B 1 10 ? 10.850  -5.021  0.446   1.00 28.49 ? 10  LEU B CG  1 
ATOM   846  C CD1 . LEU B 1 10 ? 12.247  -4.454  0.660   1.00 28.87 ? 10  LEU B CD1 1 
ATOM   847  C CD2 . LEU B 1 10 ? 10.219  -4.451  -0.816  1.00 28.69 ? 10  LEU B CD2 1 
ATOM   848  N N   . VAL B 1 11 ? 9.456   -9.252  -0.941  1.00 28.08 ? 11  VAL B N   1 
ATOM   849  C CA  . VAL B 1 11 ? 9.711   -10.642 -1.280  1.00 28.61 ? 11  VAL B CA  1 
ATOM   850  C C   . VAL B 1 11 ? 10.357  -10.722 -2.658  1.00 29.08 ? 11  VAL B C   1 
ATOM   851  O O   . VAL B 1 11 ? 10.285  -9.774  -3.451  1.00 29.25 ? 11  VAL B O   1 
ATOM   852  C CB  . VAL B 1 11 ? 8.418   -11.476 -1.271  1.00 28.71 ? 11  VAL B CB  1 
ATOM   853  C CG1 . VAL B 1 11 ? 7.739   -11.411 0.096   1.00 28.41 ? 11  VAL B CG1 1 
ATOM   854  C CG2 . VAL B 1 11 ? 7.475   -11.017 -2.378  1.00 29.21 ? 11  VAL B CG2 1 
ATOM   855  N N   . THR B 1 12 ? 10.981  -11.859 -2.943  1.00 29.90 ? 12  THR B N   1 
ATOM   856  C CA  . THR B 1 12 ? 11.557  -12.076 -4.264  1.00 30.43 ? 12  THR B CA  1 
ATOM   857  C C   . THR B 1 12 ? 10.476  -12.606 -5.203  1.00 30.89 ? 12  THR B C   1 
ATOM   858  O O   . THR B 1 12 ? 9.729   -13.540 -4.862  1.00 30.75 ? 12  THR B O   1 
ATOM   859  C CB  . THR B 1 12 ? 12.743  -13.055 -4.218  1.00 30.67 ? 12  THR B CB  1 
ATOM   860  O OG1 . THR B 1 12 ? 13.752  -12.538 -3.341  1.00 31.35 ? 12  THR B OG1 1 
ATOM   861  C CG2 . THR B 1 12 ? 13.336  -13.250 -5.607  1.00 31.01 ? 12  THR B CG2 1 
ATOM   862  N N   . ILE B 1 13 ? 10.402  -12.012 -6.387  1.00 30.77 ? 13  ILE B N   1 
ATOM   863  C CA  . ILE B 1 13 ? 9.524   -12.516 -7.427  1.00 31.08 ? 13  ILE B CA  1 
ATOM   864  C C   . ILE B 1 13 ? 10.377  -12.941 -8.609  1.00 31.28 ? 13  ILE B C   1 
ATOM   865  O O   . ILE B 1 13 ? 11.515  -12.495 -8.747  1.00 31.31 ? 13  ILE B O   1 
ATOM   866  C CB  . ILE B 1 13 ? 8.490   -11.466 -7.870  1.00 31.38 ? 13  ILE B CB  1 
ATOM   867  C CG1 . ILE B 1 13 ? 9.164   -10.267 -8.533  1.00 32.06 ? 13  ILE B CG1 1 
ATOM   868  C CG2 . ILE B 1 13 ? 7.653   -10.989 -6.671  1.00 32.05 ? 13  ILE B CG2 1 
ATOM   869  C CD1 . ILE B 1 13 ? 8.174   -9.272  -9.090  1.00 31.06 ? 13  ILE B CD1 1 
ATOM   870  N N   . ARG B 1 14 ? 9.827   -13.808 -9.448  1.00 30.99 ? 14  ARG B N   1 
ATOM   871  C CA  . ARG B 1 14 ? 10.469  -14.161 -10.700 1.00 31.34 ? 14  ARG B CA  1 
ATOM   872  C C   . ARG B 1 14 ? 9.527   -13.807 -11.851 1.00 30.88 ? 14  ARG B C   1 
ATOM   873  O O   . ARG B 1 14 ? 8.347   -14.167 -11.820 1.00 30.41 ? 14  ARG B O   1 
ATOM   874  C CB  . ARG B 1 14 ? 10.818  -15.649 -10.703 1.00 31.41 ? 14  ARG B CB  1 
ATOM   875  C CG  . ARG B 1 14 ? 11.933  -16.008 -11.638 1.00 32.55 ? 14  ARG B CG  1 
ATOM   876  C CD  . ARG B 1 14 ? 12.258  -17.482 -11.532 1.00 32.75 ? 14  ARG B CD  1 
ATOM   877  N NE  . ARG B 1 14 ? 11.064  -18.304 -11.701 1.00 34.11 ? 14  ARG B NE  1 
ATOM   878  C CZ  . ARG B 1 14 ? 10.499  -18.588 -12.874 1.00 35.28 ? 14  ARG B CZ  1 
ATOM   879  N NH1 . ARG B 1 14 ? 11.019  -18.130 -14.008 1.00 36.05 ? 14  ARG B NH1 1 
ATOM   880  N NH2 . ARG B 1 14 ? 9.404   -19.340 -12.912 1.00 35.23 ? 14  ARG B NH2 1 
ATOM   881  N N   . ILE B 1 15 ? 10.038  -13.081 -12.842 1.00 30.63 ? 15  ILE B N   1 
ATOM   882  C CA  . ILE B 1 15 ? 9.216   -12.607 -13.959 1.00 31.17 ? 15  ILE B CA  1 
ATOM   883  C C   . ILE B 1 15 ? 10.090  -12.433 -15.191 1.00 31.51 ? 15  ILE B C   1 
ATOM   884  O O   . ILE B 1 15 ? 11.208  -11.928 -15.092 1.00 31.80 ? 15  ILE B O   1 
ATOM   885  C CB  . ILE B 1 15 ? 8.467   -11.281 -13.600 1.00 31.22 ? 15  ILE B CB  1 
ATOM   886  C CG1 . ILE B 1 15 ? 7.564   -10.819 -14.750 1.00 31.11 ? 15  ILE B CG1 1 
ATOM   887  C CG2 . ILE B 1 15 ? 9.453   -10.175 -13.220 1.00 31.41 ? 15  ILE B CG2 1 
ATOM   888  C CD1 . ILE B 1 15 ? 6.673   -9.640  -14.385 1.00 31.31 ? 15  ILE B CD1 1 
ATOM   889  N N   . GLY B 1 16 ? 9.584   -12.883 -16.344 1.00 31.66 ? 16  GLY B N   1 
ATOM   890  C CA  . GLY B 1 16 ? 10.337  -12.862 -17.601 1.00 31.69 ? 16  GLY B CA  1 
ATOM   891  C C   . GLY B 1 16 ? 11.706  -13.517 -17.504 1.00 31.68 ? 16  GLY B C   1 
ATOM   892  O O   . GLY B 1 16 ? 12.631  -13.130 -18.219 1.00 31.85 ? 16  GLY B O   1 
ATOM   893  N N   . GLY B 1 17 ? 11.833  -14.508 -16.620 1.00 31.84 ? 17  GLY B N   1 
ATOM   894  C CA  . GLY B 1 17 ? 13.116  -15.158 -16.347 1.00 31.95 ? 17  GLY B CA  1 
ATOM   895  C C   . GLY B 1 17 ? 14.076  -14.435 -15.410 1.00 32.16 ? 17  GLY B C   1 
ATOM   896  O O   . GLY B 1 17 ? 15.193  -14.901 -15.209 1.00 32.50 ? 17  GLY B O   1 
ATOM   897  N N   . GLN B 1 18 ? 13.649  -13.316 -14.824 1.00 31.79 ? 18  GLN B N   1 
ATOM   898  C CA  . GLN B 1 18 ? 14.506  -12.470 -13.980 1.00 31.89 ? 18  GLN B CA  1 
ATOM   899  C C   . GLN B 1 18 ? 14.040  -12.467 -12.521 1.00 30.95 ? 18  GLN B C   1 
ATOM   900  O O   . GLN B 1 18 ? 12.856  -12.593 -12.262 1.00 32.08 ? 18  GLN B O   1 
ATOM   901  C CB  . GLN B 1 18 ? 14.457  -11.029 -14.495 1.00 32.02 ? 18  GLN B CB  1 
ATOM   902  C CG  . GLN B 1 18 ? 15.355  -10.759 -15.676 1.00 33.94 ? 18  GLN B CG  1 
ATOM   903  C CD  . GLN B 1 18 ? 16.734  -10.294 -15.257 1.00 35.64 ? 18  GLN B CD  1 
ATOM   904  O OE1 . GLN B 1 18 ? 17.740  -10.935 -15.560 1.00 36.91 ? 18  GLN B OE1 1 
ATOM   905  N NE2 . GLN B 1 18 ? 16.786  -9.172  -14.544 1.00 37.47 ? 18  GLN B NE2 1 
ATOM   906  N N   . LEU B 1 19 ? 14.967  -12.283 -11.583 1.00 30.26 ? 19  LEU B N   1 
ATOM   907  C CA  . LEU B 1 19 ? 14.628  -12.134 -10.157 1.00 29.73 ? 19  LEU B CA  1 
ATOM   908  C C   . LEU B 1 19 ? 14.598  -10.669 -9.743  1.00 29.09 ? 19  LEU B C   1 
ATOM   909  O O   . LEU B 1 19 ? 15.540  -9.922  -10.016 1.00 28.69 ? 19  LEU B O   1 
ATOM   910  C CB  . LEU B 1 19 ? 15.635  -12.862 -9.262  1.00 30.08 ? 19  LEU B CB  1 
ATOM   911  C CG  . LEU B 1 19 ? 15.626  -14.392 -9.235  1.00 30.21 ? 19  LEU B CG  1 
ATOM   912  C CD1 . LEU B 1 19 ? 16.666  -14.902 -8.250  1.00 30.83 ? 19  LEU B CD1 1 
ATOM   913  C CD2 . LEU B 1 19 ? 14.245  -14.916 -8.871  1.00 31.42 ? 19  LEU B CD2 1 
ATOM   914  N N   . LYS B 1 20 ? 13.528  -10.279 -9.055  1.00 28.40 ? 20  LYS B N   1 
ATOM   915  C CA  . LYS B 1 20 ? 13.369  -8.922  -8.543  1.00 28.03 ? 20  LYS B CA  1 
ATOM   916  C C   . LYS B 1 20 ? 12.776  -8.960  -7.143  1.00 27.09 ? 20  LYS B C   1 
ATOM   917  O O   . LYS B 1 20 ? 12.135  -9.940  -6.777  1.00 27.40 ? 20  LYS B O   1 
ATOM   918  C CB  . LYS B 1 20 ? 12.450  -8.104  -9.458  1.00 28.34 ? 20  LYS B CB  1 
ATOM   919  N N   . GLU B 1 21 ? 13.013  -7.902  -6.370  1.00 26.40 ? 21  GLU B N   1 
ATOM   920  C CA  . GLU B 1 21 ? 12.392  -7.722  -5.059  1.00 25.61 ? 21  GLU B CA  1 
ATOM   921  C C   . GLU B 1 21 ? 11.144  -6.879  -5.235  1.00 24.94 ? 21  GLU B C   1 
ATOM   922  O O   . GLU B 1 21 ? 11.173  -5.874  -5.943  1.00 24.61 ? 21  GLU B O   1 
ATOM   923  C CB  . GLU B 1 21 ? 13.332  -7.002  -4.092  1.00 25.78 ? 21  GLU B CB  1 
ATOM   924  N N   . ALA B 1 22 ? 10.058  -7.265  -4.575  1.00 24.35 ? 22  ALA B N   1 
ATOM   925  C CA  . ALA B 1 22 ? 8.817   -6.507  -4.685  1.00 24.26 ? 22  ALA B CA  1 
ATOM   926  C C   . ALA B 1 22 ? 8.076   -6.415  -3.360  1.00 23.82 ? 22  ALA B C   1 
ATOM   927  O O   . ALA B 1 22 ? 8.200   -7.270  -2.486  1.00 24.90 ? 22  ALA B O   1 
ATOM   928  C CB  . ALA B 1 22 ? 7.914   -7.099  -5.763  1.00 24.50 ? 22  ALA B CB  1 
ATOM   929  N N   . LEU B 1 23 ? 7.305   -5.351  -3.237  1.00 23.85 ? 23  LEU B N   1 
ATOM   930  C CA  . LEU B 1 23 ? 6.555   -5.038  -2.038  1.00 24.13 ? 23  LEU B CA  1 
ATOM   931  C C   . LEU B 1 23 ? 5.150   -5.624  -2.149  1.00 24.40 ? 23  LEU B C   1 
ATOM   932  O O   . LEU B 1 23 ? 4.447   -5.349  -3.114  1.00 25.00 ? 23  LEU B O   1 
ATOM   933  C CB  . LEU B 1 23 ? 6.480   -3.520  -1.927  1.00 24.45 ? 23  LEU B CB  1 
ATOM   934  C CG  . LEU B 1 23 ? 5.809   -2.860  -0.727  1.00 25.44 ? 23  LEU B CG  1 
ATOM   935  C CD1 . LEU B 1 23 ? 6.642   -3.102  0.494   1.00 26.10 ? 23  LEU B CD1 1 
ATOM   936  C CD2 . LEU B 1 23 ? 5.627   -1.353  -0.996  1.00 25.22 ? 23  LEU B CD2 1 
ATOM   937  N N   . LEU B 1 24 ? 4.739   -6.414  -1.157  1.00 24.50 ? 24  LEU B N   1 
ATOM   938  C CA  . LEU B 1 24 ? 3.368   -6.919  -1.082  1.00 24.57 ? 24  LEU B CA  1 
ATOM   939  C C   . LEU B 1 24 ? 2.487   -5.789  -0.557  1.00 24.27 ? 24  LEU B C   1 
ATOM   940  O O   . LEU B 1 24 ? 2.658   -5.338  0.573   1.00 24.65 ? 24  LEU B O   1 
ATOM   941  C CB  . LEU B 1 24 ? 3.290   -8.159  -0.182  1.00 24.54 ? 24  LEU B CB  1 
ATOM   942  C CG  . LEU B 1 24 ? 4.169   -9.354  -0.572  1.00 25.74 ? 24  LEU B CG  1 
ATOM   943  C CD1 . LEU B 1 24 ? 3.990   -10.486 0.434   1.00 27.07 ? 24  LEU B CD1 1 
ATOM   944  C CD2 . LEU B 1 24 ? 3.849   -9.796  -1.987  1.00 27.77 ? 24  LEU B CD2 1 
ATOM   945  N N   . ASP B 1 25 ? 1.574   -5.301  -1.391  1.00 24.15 ? 25  ASP B N   1 
ATOM   946  C CA  . ASP B 1 25 ? 0.900   -4.033  -1.128  1.00 23.30 ? 25  ASP B CA  1 
ATOM   947  C C   . ASP B 1 25 ? -0.609  -4.173  -1.146  1.00 23.13 ? 25  ASP B C   1 
ATOM   948  O O   . ASP B 1 25 ? -1.219  -4.159  -2.192  1.00 22.58 ? 25  ASP B O   1 
ATOM   949  C CB  . ASP B 1 25 ? 1.347   -3.000  -2.180  1.00 23.67 ? 25  ASP B CB  1 
ATOM   950  C CG  . ASP B 1 25 ? 0.904   -1.594  -1.849  1.00 26.44 ? 25  ASP B CG  1 
ATOM   951  O OD1 . ASP B 1 25 ? 0.218   -1.396  -0.829  1.00 27.64 ? 25  ASP B OD1 1 
ATOM   952  O OD2 . ASP B 1 25 ? 1.240   -0.688  -2.631  1.00 30.94 ? 25  ASP B OD2 1 
ATOM   953  N N   . THR B 1 26 ? -1.207  -4.322  0.028   1.00 22.23 ? 26  THR B N   1 
ATOM   954  C CA  . THR B 1 26 ? -2.666  -4.413  0.122   1.00 21.71 ? 26  THR B CA  1 
ATOM   955  C C   . THR B 1 26 ? -3.404  -3.110  -0.249  1.00 22.19 ? 26  THR B C   1 
ATOM   956  O O   . THR B 1 26 ? -4.615  -3.123  -0.534  1.00 22.88 ? 26  THR B O   1 
ATOM   957  C CB  . THR B 1 26 ? -3.081  -4.849  1.515   1.00 21.85 ? 26  THR B CB  1 
ATOM   958  O OG1 . THR B 1 26 ? -2.662  -3.863  2.473   1.00 21.77 ? 26  THR B OG1 1 
ATOM   959  C CG2 . THR B 1 26 ? -2.449  -6.204  1.834   1.00 21.38 ? 26  THR B CG2 1 
ATOM   960  N N   . GLY B 1 27 ? -2.695  -1.987  -0.238  1.00 21.56 ? 27  GLY B N   1 
ATOM   961  C CA  . GLY B 1 27 ? -3.280  -0.705  -0.653  1.00 22.00 ? 27  GLY B CA  1 
ATOM   962  C C   . GLY B 1 27 ? -3.183  -0.403  -2.139  1.00 21.90 ? 27  GLY B C   1 
ATOM   963  O O   . GLY B 1 27 ? -3.528  0.694   -2.556  1.00 22.56 ? 27  GLY B O   1 
ATOM   964  N N   . ALA B 1 28 ? -2.700  -1.363  -2.925  1.00 21.90 ? 28  ALA B N   1 
ATOM   965  C CA  . ALA B 1 28 ? -2.596  -1.224  -4.370  1.00 22.19 ? 28  ALA B CA  1 
ATOM   966  C C   . ALA B 1 28 ? -3.627  -2.078  -5.096  1.00 21.67 ? 28  ALA B C   1 
ATOM   967  O O   . ALA B 1 28 ? -3.649  -3.297  -4.936  1.00 22.42 ? 28  ALA B O   1 
ATOM   968  C CB  . ALA B 1 28 ? -1.197  -1.602  -4.822  1.00 22.08 ? 28  ALA B CB  1 
ATOM   969  N N   . ASP B 1 29 ? -4.461  -1.450  -5.924  1.00 21.89 ? 29  ASP B N   1 
ATOM   970  C CA  . ASP B 1 29 ? -5.409  -2.200  -6.759  1.00 21.59 ? 29  ASP B CA  1 
ATOM   971  C C   . ASP B 1 29 ? -4.665  -3.019  -7.790  1.00 22.22 ? 29  ASP B C   1 
ATOM   972  O O   . ASP B 1 29 ? -5.093  -4.120  -8.139  1.00 23.45 ? 29  ASP B O   1 
ATOM   973  C CB  . ASP B 1 29 ? -6.343  -1.266  -7.537  1.00 21.81 ? 29  ASP B CB  1 
ATOM   974  C CG  . ASP B 1 29 ? -7.404  -0.629  -6.678  1.00 22.20 ? 29  ASP B CG  1 
ATOM   975  O OD1 . ASP B 1 29 ? -7.407  -0.825  -5.443  1.00 22.18 ? 29  ASP B OD1 1 
ATOM   976  O OD2 . ASP B 1 29 ? -8.236  0.097   -7.253  1.00 23.35 ? 29  ASP B OD2 1 
ATOM   977  N N   . ASP B 1 30 ? -3.576  -2.444  -8.289  1.00 21.76 ? 30  ASP B N   1 
ATOM   978  C CA  . ASP B 1 30 ? -2.827  -2.952  -9.435  1.00 21.93 ? 30  ASP B CA  1 
ATOM   979  C C   . ASP B 1 30 ? -1.385  -3.264  -9.067  1.00 22.03 ? 30  ASP B C   1 
ATOM   980  O O   . ASP B 1 30 ? -0.859  -2.795  -8.051  1.00 23.18 ? 30  ASP B O   1 
ATOM   981  C CB  . ASP B 1 30 ? -2.828  -1.909  -10.555 1.00 22.41 ? 30  ASP B CB  1 
ATOM   982  C CG  . ASP B 1 30 ? -4.223  -1.533  -10.994 1.00 24.67 ? 30  ASP B CG  1 
ATOM   983  O OD1 . ASP B 1 30 ? -5.037  -2.446  -11.228 1.00 27.31 ? 30  ASP B OD1 1 
ATOM   984  O OD2 . ASP B 1 30 ? -4.502  -0.328  -11.101 1.00 30.26 ? 30  ASP B OD2 1 
ATOM   985  N N   . THR B 1 31 ? -0.749  -4.061  -9.914  1.00 21.57 ? 31  THR B N   1 
ATOM   986  C CA  . THR B 1 31 ? 0.649   -4.405  -9.777  1.00 21.69 ? 31  THR B CA  1 
ATOM   987  C C   . THR B 1 31 ? 1.476   -3.485  -10.681 1.00 22.34 ? 31  THR B C   1 
ATOM   988  O O   . THR B 1 31 ? 1.196   -3.362  -11.867 1.00 22.27 ? 31  THR B O   1 
ATOM   989  C CB  . THR B 1 31 ? 0.836   -5.891  -10.145 1.00 21.42 ? 31  THR B CB  1 
ATOM   990  O OG1 . THR B 1 31 ? 0.206   -6.683  -9.127  1.00 22.33 ? 31  THR B OG1 1 
ATOM   991  C CG2 . THR B 1 31 ? 2.311   -6.276  -10.286 1.00 21.61 ? 31  THR B CG2 1 
ATOM   992  N N   . VAL B 1 32 ? 2.479   -2.828  -10.105 1.00 22.82 ? 32  VAL B N   1 
ATOM   993  C CA  . VAL B 1 32 ? 3.265   -1.825  -10.814 1.00 23.69 ? 32  VAL B CA  1 
ATOM   994  C C   . VAL B 1 32 ? 4.750   -2.108  -10.625 1.00 24.06 ? 32  VAL B C   1 
ATOM   995  O O   . VAL B 1 32 ? 5.251   -2.057  -9.505  1.00 24.71 ? 32  VAL B O   1 
ATOM   996  C CB  . VAL B 1 32 ? 2.989   -0.390  -10.302 1.00 24.16 ? 32  VAL B CB  1 
ATOM   997  C CG1 . VAL B 1 32 ? 3.659   0.610   -11.236 1.00 24.04 ? 32  VAL B CG1 1 
ATOM   998  C CG2 . VAL B 1 32 ? 1.492   -0.122  -10.190 1.00 25.05 ? 32  VAL B CG2 1 
ATOM   999  N N   . LEU B 1 33 ? 5.448   -2.414  -11.714 1.00 24.72 ? 33  LEU B N   1 
ATOM   1000 C CA  . LEU B 1 33 ? 6.872   -2.716  -11.643 1.00 25.60 ? 33  LEU B CA  1 
ATOM   1001 C C   . LEU B 1 33 ? 7.701   -1.579  -12.216 1.00 26.52 ? 33  LEU B C   1 
ATOM   1002 O O   . LEU B 1 33 ? 7.230   -0.800  -13.047 1.00 26.60 ? 33  LEU B O   1 
ATOM   1003 C CB  . LEU B 1 33 ? 7.182   -3.997  -12.405 1.00 26.35 ? 33  LEU B CB  1 
ATOM   1004 C CG  . LEU B 1 33 ? 6.405   -5.235  -11.969 1.00 26.89 ? 33  LEU B CG  1 
ATOM   1005 C CD1 . LEU B 1 33 ? 6.853   -6.429  -12.795 1.00 29.53 ? 33  LEU B CD1 1 
ATOM   1006 C CD2 . LEU B 1 33 ? 6.592   -5.500  -10.500 1.00 26.64 ? 33  LEU B CD2 1 
ATOM   1007 N N   . GLU B 1 34 ? 8.947   -1.495  -11.769 1.00 26.99 ? 34  GLU B N   1 
ATOM   1008 C CA  . GLU B 1 34 ? 9.885   -0.511  -12.297 1.00 28.29 ? 34  GLU B CA  1 
ATOM   1009 C C   . GLU B 1 34 ? 10.112  -0.750  -13.783 1.00 29.23 ? 34  GLU B C   1 
ATOM   1010 O O   . GLU B 1 34 ? 9.868   -1.844  -14.297 1.00 29.06 ? 34  GLU B O   1 
ATOM   1011 C CB  . GLU B 1 34 ? 11.220  -0.606  -11.560 1.00 28.09 ? 34  GLU B CB  1 
ATOM   1012 C CG  . GLU B 1 34 ? 11.138  -0.230  -10.082 1.00 29.13 ? 34  GLU B CG  1 
ATOM   1013 C CD  . GLU B 1 34 ? 12.289  -0.783  -9.253  1.00 29.74 ? 34  GLU B CD  1 
ATOM   1014 O OE1 . GLU B 1 34 ? 13.272  -1.291  -9.839  1.00 32.07 ? 34  GLU B OE1 1 
ATOM   1015 O OE2 . GLU B 1 34 ? 12.208  -0.713  -8.008  1.00 33.66 ? 34  GLU B OE2 1 
ATOM   1016 N N   . GLU B 1 35 ? 10.590  0.277   -14.469 1.00 30.57 ? 35  GLU B N   1 
ATOM   1017 C CA  . GLU B 1 35 ? 10.757  0.205   -15.907 1.00 32.34 ? 35  GLU B CA  1 
ATOM   1018 C C   . GLU B 1 35 ? 11.636  -0.977  -16.276 1.00 32.18 ? 35  GLU B C   1 
ATOM   1019 O O   . GLU B 1 35 ? 12.725  -1.152  -15.742 1.00 32.48 ? 35  GLU B O   1 
ATOM   1020 C CB  . GLU B 1 35 ? 11.288  1.529   -16.466 1.00 32.28 ? 35  GLU B CB  1 
ATOM   1021 C CG  . GLU B 1 35 ? 10.148  2.530   -16.700 1.00 34.43 ? 35  GLU B CG  1 
ATOM   1022 C CD  . GLU B 1 35 ? 10.582  3.978   -16.721 1.00 35.18 ? 35  GLU B CD  1 
ATOM   1023 O OE1 . GLU B 1 35 ? 9.758   4.822   -17.137 1.00 40.21 ? 35  GLU B OE1 1 
ATOM   1024 O OE2 . GLU B 1 35 ? 11.728  4.292   -16.315 1.00 38.74 ? 35  GLU B OE2 1 
ATOM   1025 N N   . MET B 1 36 ? 11.104  -1.814  -17.157 1.00 32.92 ? 36  MET B N   1 
ATOM   1026 C CA  . MET B 1 36 ? 11.773  -3.022  -17.616 1.00 33.49 ? 36  MET B CA  1 
ATOM   1027 C C   . MET B 1 36 ? 11.093  -3.444  -18.902 1.00 33.57 ? 36  MET B C   1 
ATOM   1028 O O   . MET B 1 36 ? 9.975   -3.014  -19.194 1.00 33.74 ? 36  MET B O   1 
ATOM   1029 C CB  . MET B 1 36 ? 11.652  -4.143  -16.581 1.00 33.43 ? 36  MET B CB  1 
ATOM   1030 C CG  . MET B 1 36 ? 10.230  -4.674  -16.411 1.00 34.16 ? 36  MET B CG  1 
ATOM   1031 S SD  . MET B 1 36 ? 10.065  -5.972  -15.179 1.00 35.62 ? 36  MET B SD  1 
ATOM   1032 C CE  . MET B 1 36 ? 10.999  -7.308  -15.923 1.00 35.25 ? 36  MET B CE  1 
ATOM   1033 N N   . ASN B 1 37 ? 11.764  -4.289  -19.669 1.00 33.77 ? 37  ASN B N   1 
ATOM   1034 C CA  . ASN B 1 37 ? 11.158  -4.849  -20.855 1.00 33.97 ? 37  ASN B CA  1 
ATOM   1035 C C   . ASN B 1 37 ? 10.426  -6.131  -20.489 1.00 33.87 ? 37  ASN B C   1 
ATOM   1036 O O   . ASN B 1 37 ? 10.918  -6.934  -19.697 1.00 34.05 ? 37  ASN B O   1 
ATOM   1037 C CB  . ASN B 1 37 ? 12.221  -5.111  -21.919 1.00 34.31 ? 37  ASN B CB  1 
ATOM   1038 C CG  . ASN B 1 37 ? 12.839  -3.829  -22.443 1.00 35.21 ? 37  ASN B CG  1 
ATOM   1039 O OD1 . ASN B 1 37 ? 14.044  -3.618  -22.331 1.00 37.46 ? 37  ASN B OD1 1 
ATOM   1040 N ND2 . ASN B 1 37 ? 12.007  -2.951  -22.995 1.00 36.94 ? 37  ASN B ND2 1 
ATOM   1041 N N   . LEU B 1 38 ? 9.230   -6.289  -21.041 1.00 33.66 ? 38  LEU B N   1 
ATOM   1042 C CA  . LEU B 1 38 ? 8.502   -7.543  -20.970 1.00 33.47 ? 38  LEU B CA  1 
ATOM   1043 C C   . LEU B 1 38 ? 8.031   -7.886  -22.372 1.00 33.64 ? 38  LEU B C   1 
ATOM   1044 O O   . LEU B 1 38 ? 7.785   -6.992  -23.183 1.00 33.35 ? 38  LEU B O   1 
ATOM   1045 C CB  . LEU B 1 38 ? 7.300   -7.432  -20.039 1.00 33.38 ? 38  LEU B CB  1 
ATOM   1046 C CG  . LEU B 1 38 ? 7.624   -7.308  -18.553 1.00 33.61 ? 38  LEU B CG  1 
ATOM   1047 C CD1 . LEU B 1 38 ? 6.356   -7.015  -17.763 1.00 34.56 ? 38  LEU B CD1 1 
ATOM   1048 C CD2 . LEU B 1 38 ? 8.304   -8.569  -18.037 1.00 33.44 ? 38  LEU B CD2 1 
ATOM   1049 N N   . PRO B 1 39 ? 7.919   -9.185  -22.669 1.00 33.99 ? 39  PRO B N   1 
ATOM   1050 C CA  . PRO B 1 39 ? 7.476   -9.564  -24.002 1.00 34.15 ? 39  PRO B CA  1 
ATOM   1051 C C   . PRO B 1 39 ? 5.991   -9.290  -24.217 1.00 34.15 ? 39  PRO B C   1 
ATOM   1052 O O   . PRO B 1 39 ? 5.226   -9.254  -23.263 1.00 34.95 ? 39  PRO B O   1 
ATOM   1053 C CB  . PRO B 1 39 ? 7.773   -11.062 -24.059 1.00 34.22 ? 39  PRO B CB  1 
ATOM   1054 C CG  . PRO B 1 39 ? 7.769   -11.518 -22.642 1.00 34.23 ? 39  PRO B CG  1 
ATOM   1055 C CD  . PRO B 1 39 ? 8.198   -10.352 -21.810 1.00 34.06 ? 39  PRO B CD  1 
ATOM   1056 N N   . GLY B 1 40 ? 5.603   -9.091  -25.471 1.00 34.46 ? 40  GLY B N   1 
ATOM   1057 C CA  . GLY B 1 40 ? 4.201   -8.938  -25.831 1.00 34.10 ? 40  GLY B CA  1 
ATOM   1058 C C   . GLY B 1 40 ? 3.794   -7.498  -26.040 1.00 33.81 ? 40  GLY B C   1 
ATOM   1059 O O   . GLY B 1 40 ? 4.570   -6.568  -25.806 1.00 33.75 ? 40  GLY B O   1 
ATOM   1060 N N   . LYS B 1 41 ? 2.557   -7.320  -26.484 1.00 33.48 ? 41  LYS B N   1 
ATOM   1061 C CA  . LYS B 1 41 ? 2.022   -6.001  -26.771 1.00 32.92 ? 41  LYS B CA  1 
ATOM   1062 C C   . LYS B 1 41 ? 1.633   -5.329  -25.471 1.00 32.49 ? 41  LYS B C   1 
ATOM   1063 O O   . LYS B 1 41 ? 1.110   -5.979  -24.566 1.00 32.69 ? 41  LYS B O   1 
ATOM   1064 C CB  . LYS B 1 41 ? 0.800   -6.116  -27.680 1.00 33.15 ? 41  LYS B CB  1 
ATOM   1065 N N   . TRP B 1 42 ? 1.903   -4.035  -25.362 1.00 31.50 ? 42  TRP B N   1 
ATOM   1066 C CA  . TRP B 1 42 ? 1.433   -3.270  -24.220 1.00 31.16 ? 42  TRP B CA  1 
ATOM   1067 C C   . TRP B 1 42 ? 0.610   -2.086  -24.695 1.00 30.54 ? 42  TRP B C   1 
ATOM   1068 O O   . TRP B 1 42 ? 0.695   -1.673  -25.855 1.00 30.62 ? 42  TRP B O   1 
ATOM   1069 C CB  . TRP B 1 42 ? 2.591   -2.802  -23.337 1.00 31.37 ? 42  TRP B CB  1 
ATOM   1070 C CG  . TRP B 1 42 ? 3.597   -1.933  -24.043 1.00 31.39 ? 42  TRP B CG  1 
ATOM   1071 C CD1 . TRP B 1 42 ? 4.719   -2.347  -24.693 1.00 31.30 ? 42  TRP B CD1 1 
ATOM   1072 C CD2 . TRP B 1 42 ? 3.577   -0.501  -24.149 1.00 31.32 ? 42  TRP B CD2 1 
ATOM   1073 N NE1 . TRP B 1 42 ? 5.395   -1.266  -25.210 1.00 31.51 ? 42  TRP B NE1 1 
ATOM   1074 C CE2 . TRP B 1 42 ? 4.716   -0.121  -24.887 1.00 31.17 ? 42  TRP B CE2 1 
ATOM   1075 C CE3 . TRP B 1 42 ? 2.702   0.498   -23.696 1.00 31.63 ? 42  TRP B CE3 1 
ATOM   1076 C CZ2 . TRP B 1 42 ? 5.005   1.214   -25.185 1.00 30.41 ? 42  TRP B CZ2 1 
ATOM   1077 C CZ3 . TRP B 1 42 ? 2.993   1.824   -23.986 1.00 31.38 ? 42  TRP B CZ3 1 
ATOM   1078 C CH2 . TRP B 1 42 ? 4.136   2.168   -24.729 1.00 31.30 ? 42  TRP B CH2 1 
ATOM   1079 N N   . LYS B 1 43 ? -0.194  -1.558  -23.782 1.00 29.75 ? 43  LYS B N   1 
ATOM   1080 C CA  . LYS B 1 43 ? -1.059  -0.428  -24.064 1.00 29.12 ? 43  LYS B CA  1 
ATOM   1081 C C   . LYS B 1 43 ? -0.803  0.635   -23.008 1.00 28.69 ? 43  LYS B C   1 
ATOM   1082 O O   . LYS B 1 43 ? -0.616  0.292   -21.836 1.00 28.36 ? 43  LYS B O   1 
ATOM   1083 C CB  . LYS B 1 43 ? -2.521  -0.862  -23.997 1.00 29.57 ? 43  LYS B CB  1 
ATOM   1084 N N   . PRO B 1 44 ? -0.787  1.917   -23.410 1.00 28.21 ? 44  PRO B N   1 
ATOM   1085 C CA  . PRO B 1 44 ? -0.589  2.964   -22.416 1.00 28.10 ? 44  PRO B CA  1 
ATOM   1086 C C   . PRO B 1 44 ? -1.782  3.051   -21.473 1.00 27.85 ? 44  PRO B C   1 
ATOM   1087 O O   . PRO B 1 44 ? -2.938  2.905   -21.901 1.00 27.07 ? 44  PRO B O   1 
ATOM   1088 C CB  . PRO B 1 44 ? -0.482  4.259   -23.250 1.00 28.36 ? 44  PRO B CB  1 
ATOM   1089 C CG  . PRO B 1 44 ? -0.507  3.867   -24.659 1.00 28.74 ? 44  PRO B CG  1 
ATOM   1090 C CD  . PRO B 1 44 ? -0.963  2.454   -24.769 1.00 28.27 ? 44  PRO B CD  1 
ATOM   1091 N N   . LYS B 1 45 ? -1.501  3.308   -20.206 1.00 27.31 ? 45  LYS B N   1 
ATOM   1092 C CA  . LYS B 1 45 ? -2.541  3.463   -19.205 1.00 27.79 ? 45  LYS B CA  1 
ATOM   1093 C C   . LYS B 1 45 ? -2.106  4.566   -18.253 1.00 27.77 ? 45  LYS B C   1 
ATOM   1094 O O   . LYS B 1 45 ? -0.936  4.952   -18.240 1.00 28.16 ? 45  LYS B O   1 
ATOM   1095 C CB  . LYS B 1 45 ? -2.732  2.156   -18.435 1.00 27.86 ? 45  LYS B CB  1 
ATOM   1096 N N   . MET B 1 46 ? -3.051  5.114   -17.501 1.00 27.77 ? 46  MET B N   1 
ATOM   1097 C CA  . MET B 1 46 ? -2.693  6.008   -16.409 1.00 28.25 ? 46  MET B CA  1 
ATOM   1098 C C   . MET B 1 46 ? -3.241  5.484   -15.100 1.00 27.67 ? 46  MET B C   1 
ATOM   1099 O O   . MET B 1 46 ? -4.369  4.989   -15.032 1.00 26.79 ? 46  MET B O   1 
ATOM   1100 C CB  . MET B 1 46 ? -3.174  7.429   -16.667 1.00 28.46 ? 46  MET B CB  1 
ATOM   1101 C CG  . MET B 1 46 ? -2.448  8.095   -17.822 1.00 29.23 ? 46  MET B CG  1 
ATOM   1102 S SD  . MET B 1 46 ? -3.068  9.754   -18.114 1.00 32.44 ? 46  MET B SD  1 
ATOM   1103 C CE  . MET B 1 46 ? -2.529  10.551  -16.601 1.00 32.22 ? 46  MET B CE  1 
ATOM   1104 N N   . ILE B 1 47 ? -2.423  5.595   -14.056 1.00 27.29 ? 47  ILE B N   1 
ATOM   1105 C CA  . ILE B 1 47 ? -2.824  5.164   -12.712 1.00 27.89 ? 47  ILE B CA  1 
ATOM   1106 C C   . ILE B 1 47 ? -2.438  6.240   -11.728 1.00 27.28 ? 47  ILE B C   1 
ATOM   1107 O O   . ILE B 1 47 ? -1.520  7.011   -11.981 1.00 27.87 ? 47  ILE B O   1 
ATOM   1108 C CB  . ILE B 1 47 ? -2.169  3.829   -12.282 1.00 28.22 ? 47  ILE B CB  1 
ATOM   1109 C CG1 . ILE B 1 47 ? -0.641  3.955   -12.239 1.00 29.09 ? 47  ILE B CG1 1 
ATOM   1110 C CG2 . ILE B 1 47 ? -2.588  2.697   -13.207 1.00 29.62 ? 47  ILE B CG2 1 
ATOM   1111 C CD1 . ILE B 1 47 ? 0.044   2.714   -11.709 1.00 29.09 ? 47  ILE B CD1 1 
ATOM   1112 N N   . GLY B 1 48 ? -3.118  6.273   -10.591 1.00 26.82 ? 48  GLY B N   1 
ATOM   1113 C CA  . GLY B 1 48 ? -2.976  7.381   -9.667  1.00 27.08 ? 48  GLY B CA  1 
ATOM   1114 C C   . GLY B 1 48 ? -2.642  6.900   -8.283  1.00 26.80 ? 48  GLY B C   1 
ATOM   1115 O O   . GLY B 1 48 ? -3.124  5.863   -7.859  1.00 25.91 ? 48  GLY B O   1 
ATOM   1116 N N   . GLY B 1 49 ? -1.789  7.648   -7.602  1.00 27.26 ? 49  GLY B N   1 
ATOM   1117 C CA  . GLY B 1 49 ? -1.470  7.390   -6.213  1.00 27.74 ? 49  GLY B CA  1 
ATOM   1118 C C   . GLY B 1 49 ? -1.463  8.710   -5.486  1.00 27.60 ? 49  GLY B C   1 
ATOM   1119 O O   . GLY B 1 49 ? -2.067  9.700   -5.945  1.00 28.06 ? 49  GLY B O   1 
ATOM   1120 N N   A ILE B 1 50 ? -0.798  8.725   -4.340  0.50 27.55 ? 50  ILE B N   1 
ATOM   1121 N N   B ILE B 1 50 ? -0.732  8.764   -4.380  0.50 27.81 ? 50  ILE B N   1 
ATOM   1122 C CA  A ILE B 1 50 ? -0.498  9.973   -3.676  0.50 27.23 ? 50  ILE B CA  1 
ATOM   1123 C CA  B ILE B 1 50 ? -0.843  9.896   -3.466  0.50 27.74 ? 50  ILE B CA  1 
ATOM   1124 C C   A ILE B 1 50 ? 0.505   10.687  -4.570  0.50 27.20 ? 50  ILE B C   1 
ATOM   1125 C C   B ILE B 1 50 ? -0.245  11.191  -4.026  0.50 27.71 ? 50  ILE B C   1 
ATOM   1126 O O   A ILE B 1 50 ? 1.387   10.063  -5.159  0.50 27.18 ? 50  ILE B O   1 
ATOM   1127 O O   B ILE B 1 50 ? -0.609  12.277  -3.579  0.50 28.03 ? 50  ILE B O   1 
ATOM   1128 C CB  A ILE B 1 50 ? 0.060   9.750   -2.266  0.50 27.24 ? 50  ILE B CB  1 
ATOM   1129 C CB  B ILE B 1 50 ? -0.221  9.572   -2.089  0.50 27.74 ? 50  ILE B CB  1 
ATOM   1130 C CG1 A ILE B 1 50 ? -1.076  9.329   -1.329  0.50 27.50 ? 50  ILE B CG1 1 
ATOM   1131 C CG1 B ILE B 1 50 ? -1.029  10.253  -0.971  0.50 27.82 ? 50  ILE B CG1 1 
ATOM   1132 C CG2 A ILE B 1 50 ? 0.725   11.021  -1.746  0.50 26.97 ? 50  ILE B CG2 1 
ATOM   1133 C CG2 B ILE B 1 50 ? 1.253   9.981   -2.048  0.50 28.37 ? 50  ILE B CG2 1 
ATOM   1134 C CD1 A ILE B 1 50 ? -0.624  8.957   0.062   0.50 27.06 ? 50  ILE B CD1 1 
ATOM   1135 C CD1 B ILE B 1 50 ? -0.635  9.804   0.408   0.50 28.04 ? 50  ILE B CD1 1 
ATOM   1136 N N   A GLY B 1 51 ? 0.340   11.991  -4.710  0.50 27.43 ? 51  GLY B N   1 
ATOM   1137 N N   B GLY B 1 51 ? 0.658   11.083  -4.997  0.50 27.37 ? 51  GLY B N   1 
ATOM   1138 C CA  A GLY B 1 51 ? 1.236   12.751  -5.555  0.50 27.45 ? 51  GLY B CA  1 
ATOM   1139 C CA  B GLY B 1 51 ? 1.324   12.268  -5.560  0.50 27.48 ? 51  GLY B CA  1 
ATOM   1140 C C   A GLY B 1 51 ? 0.780   12.821  -6.996  0.50 27.58 ? 51  GLY B C   1 
ATOM   1141 C C   B GLY B 1 51 ? 0.664   12.847  -6.804  0.50 27.50 ? 51  GLY B C   1 
ATOM   1142 O O   A GLY B 1 51 ? 1.403   13.529  -7.794  0.50 27.75 ? 51  GLY B O   1 
ATOM   1143 O O   B GLY B 1 51 ? 0.970   13.973  -7.213  0.50 27.51 ? 51  GLY B O   1 
ATOM   1144 N N   . GLY B 1 52 ? -0.269  12.077  -7.362  1.00 27.45 ? 52  GLY B N   1 
ATOM   1145 C CA  . GLY B 1 52 ? -0.926  12.332  -8.644  1.00 27.60 ? 52  GLY B CA  1 
ATOM   1146 C C   . GLY B 1 52 ? -0.852  11.129  -9.563  1.00 27.48 ? 52  GLY B C   1 
ATOM   1147 O O   . GLY B 1 52 ? -0.671  9.996   -9.107  1.00 27.77 ? 52  GLY B O   1 
ATOM   1148 N N   . PHE B 1 53 ? -1.007  11.379  -10.862 1.00 27.18 ? 53  PHE B N   1 
ATOM   1149 C CA  . PHE B 1 53 ? -1.062  10.295  -11.845 1.00 27.48 ? 53  PHE B CA  1 
ATOM   1150 C C   . PHE B 1 53 ? 0.244   10.132  -12.614 1.00 27.21 ? 53  PHE B C   1 
ATOM   1151 O O   . PHE B 1 53 ? 0.999   11.088  -12.793 1.00 27.11 ? 53  PHE B O   1 
ATOM   1152 C CB  . PHE B 1 53 ? -2.233  10.524  -12.811 1.00 27.82 ? 53  PHE B CB  1 
ATOM   1153 C CG  . PHE B 1 53 ? -3.560  10.176  -12.210 1.00 28.36 ? 53  PHE B CG  1 
ATOM   1154 C CD1 . PHE B 1 53 ? -4.107  10.964  -11.218 1.00 29.76 ? 53  PHE B CD1 1 
ATOM   1155 C CD2 . PHE B 1 53 ? -4.237  9.034   -12.606 1.00 29.20 ? 53  PHE B CD2 1 
ATOM   1156 C CE1 . PHE B 1 53 ? -5.317  10.622  -10.629 1.00 29.63 ? 53  PHE B CE1 1 
ATOM   1157 C CE2 . PHE B 1 53 ? -5.450  8.698   -12.030 1.00 29.98 ? 53  PHE B CE2 1 
ATOM   1158 C CZ  . PHE B 1 53 ? -5.984  9.490   -11.044 1.00 29.16 ? 53  PHE B CZ  1 
ATOM   1159 N N   . ILE B 1 54 ? 0.493   8.903   -13.060 1.00 27.26 ? 54  ILE B N   1 
ATOM   1160 C CA  . ILE B 1 54 ? 1.629   8.594   -13.918 1.00 26.69 ? 54  ILE B CA  1 
ATOM   1161 C C   . ILE B 1 54 ? 1.165   7.766   -15.097 1.00 26.68 ? 54  ILE B C   1 
ATOM   1162 O O   . ILE B 1 54 ? 0.149   7.079   -15.008 1.00 26.76 ? 54  ILE B O   1 
ATOM   1163 C CB  . ILE B 1 54 ? 2.722   7.796   -13.174 1.00 26.91 ? 54  ILE B CB  1 
ATOM   1164 C CG1 . ILE B 1 54 ? 2.197   6.442   -12.682 1.00 26.49 ? 54  ILE B CG1 1 
ATOM   1165 C CG2 . ILE B 1 54 ? 3.256   8.605   -11.982 1.00 27.31 ? 54  ILE B CG2 1 
ATOM   1166 C CD1 . ILE B 1 54 ? 3.315   5.519   -12.180 1.00 26.53 ? 54  ILE B CD1 1 
ATOM   1167 N N   . LYS B 1 55 ? 1.939   7.813   -16.177 1.00 25.77 ? 55  LYS B N   1 
ATOM   1168 C CA  . LYS B 1 55 ? 1.694   6.975   -17.351 1.00 26.41 ? 55  LYS B CA  1 
ATOM   1169 C C   . LYS B 1 55 ? 2.468   5.671   -17.183 1.00 25.72 ? 55  LYS B C   1 
ATOM   1170 O O   . LYS B 1 55 ? 3.637   5.675   -16.785 1.00 26.18 ? 55  LYS B O   1 
ATOM   1171 C CB  . LYS B 1 55 ? 2.156   7.649   -18.641 1.00 26.47 ? 55  LYS B CB  1 
ATOM   1172 C CG  . LYS B 1 55 ? 1.338   8.844   -19.078 1.00 28.16 ? 55  LYS B CG  1 
ATOM   1173 C CD  . LYS B 1 55 ? 1.498   9.144   -20.585 1.00 28.93 ? 55  LYS B CD  1 
ATOM   1174 C CE  . LYS B 1 55 ? 2.940   9.016   -21.065 1.00 30.64 ? 55  LYS B CE  1 
ATOM   1175 N NZ  . LYS B 1 55 ? 3.156   9.660   -22.381 1.00 30.44 ? 55  LYS B NZ  1 
ATOM   1176 N N   . VAL B 1 56 ? 1.805   4.565   -17.480 1.00 26.08 ? 56  VAL B N   1 
ATOM   1177 C CA  . VAL B 1 56 ? 2.416   3.247   -17.392 1.00 25.77 ? 56  VAL B CA  1 
ATOM   1178 C C   . VAL B 1 56 ? 2.130   2.437   -18.648 1.00 26.06 ? 56  VAL B C   1 
ATOM   1179 O O   . VAL B 1 56 ? 1.269   2.792   -19.449 1.00 26.50 ? 56  VAL B O   1 
ATOM   1180 C CB  . VAL B 1 56 ? 1.886   2.454   -16.179 1.00 25.80 ? 56  VAL B CB  1 
ATOM   1181 C CG1 . VAL B 1 56 ? 2.357   3.105   -14.877 1.00 25.95 ? 56  VAL B CG1 1 
ATOM   1182 C CG2 . VAL B 1 56 ? 0.354   2.357   -16.240 1.00 26.18 ? 56  VAL B CG2 1 
ATOM   1183 N N   . ARG B 1 57 ? 2.875   1.349   -18.807 1.00 25.41 ? 57  ARG B N   1 
ATOM   1184 C CA  . ARG B 1 57 ? 2.630   0.381   -19.872 1.00 25.42 ? 57  ARG B CA  1 
ATOM   1185 C C   . ARG B 1 57 ? 1.874   -0.779  -19.270 1.00 25.88 ? 57  ARG B C   1 
ATOM   1186 O O   . ARG B 1 57 ? 2.324   -1.333  -18.279 1.00 25.06 ? 57  ARG B O   1 
ATOM   1187 C CB  . ARG B 1 57 ? 3.953   -0.146  -20.428 1.00 25.18 ? 57  ARG B CB  1 
ATOM   1188 N N   . GLN B 1 58 ? 0.739   -1.143  -19.862 1.00 26.63 ? 58  GLN B N   1 
ATOM   1189 C CA  . GLN B 1 58 ? -0.046  -2.275  -19.372 1.00 27.37 ? 58  GLN B CA  1 
ATOM   1190 C C   . GLN B 1 58 ? 0.249   -3.531  -20.183 1.00 27.85 ? 58  GLN B C   1 
ATOM   1191 O O   . GLN B 1 58 ? -0.011  -3.571  -21.399 1.00 27.94 ? 58  GLN B O   1 
ATOM   1192 C CB  . GLN B 1 58 ? -1.541  -1.965  -19.441 1.00 27.27 ? 58  GLN B CB  1 
ATOM   1193 C CG  . GLN B 1 58 ? -2.405  -3.137  -18.992 1.00 27.76 ? 58  GLN B CG  1 
ATOM   1194 C CD  . GLN B 1 58 ? -3.875  -2.836  -19.039 1.00 28.10 ? 58  GLN B CD  1 
ATOM   1195 O OE1 . GLN B 1 58 ? -4.632  -3.516  -19.725 1.00 31.65 ? 58  GLN B OE1 1 
ATOM   1196 N NE2 . GLN B 1 58 ? -4.292  -1.816  -18.310 1.00 27.87 ? 58  GLN B NE2 1 
ATOM   1197 N N   . TYR B 1 59 ? 0.762   -4.553  -19.500 1.00 28.17 ? 59  TYR B N   1 
ATOM   1198 C CA  . TYR B 1 59 ? 0.981   -5.867  -20.089 1.00 28.80 ? 59  TYR B CA  1 
ATOM   1199 C C   . TYR B 1 59 ? -0.026  -6.862  -19.513 1.00 29.53 ? 59  TYR B C   1 
ATOM   1200 O O   . TYR B 1 59 ? -0.183  -6.948  -18.301 1.00 30.32 ? 59  TYR B O   1 
ATOM   1201 C CB  . TYR B 1 59 ? 2.397   -6.371  -19.793 1.00 28.60 ? 59  TYR B CB  1 
ATOM   1202 C CG  . TYR B 1 59 ? 3.521   -5.627  -20.473 1.00 28.71 ? 59  TYR B CG  1 
ATOM   1203 C CD1 . TYR B 1 59 ? 4.074   -4.493  -19.890 1.00 28.74 ? 59  TYR B CD1 1 
ATOM   1204 C CD2 . TYR B 1 59 ? 4.056   -6.078  -21.676 1.00 27.03 ? 59  TYR B CD2 1 
ATOM   1205 C CE1 . TYR B 1 59 ? 5.105   -3.811  -20.492 1.00 28.20 ? 59  TYR B CE1 1 
ATOM   1206 C CE2 . TYR B 1 59 ? 5.102   -5.403  -22.286 1.00 28.26 ? 59  TYR B CE2 1 
ATOM   1207 C CZ  . TYR B 1 59 ? 5.620   -4.266  -21.690 1.00 28.50 ? 59  TYR B CZ  1 
ATOM   1208 O OH  . TYR B 1 59 ? 6.659   -3.591  -22.277 1.00 28.77 ? 59  TYR B OH  1 
ATOM   1209 N N   . ASP B 1 60 ? -0.696  -7.614  -20.378 1.00 30.37 ? 60  ASP B N   1 
ATOM   1210 C CA  . ASP B 1 60 ? -1.699  -8.576  -19.932 1.00 30.63 ? 60  ASP B CA  1 
ATOM   1211 C C   . ASP B 1 60 ? -1.145  -9.998  -19.850 1.00 30.76 ? 60  ASP B C   1 
ATOM   1212 O O   . ASP B 1 60 ? -0.220  -10.368 -20.584 1.00 31.15 ? 60  ASP B O   1 
ATOM   1213 C CB  . ASP B 1 60 ? -2.912  -8.555  -20.862 1.00 30.78 ? 60  ASP B CB  1 
ATOM   1214 C CG  . ASP B 1 60 ? -3.637  -7.217  -20.857 1.00 32.06 ? 60  ASP B CG  1 
ATOM   1215 O OD1 . ASP B 1 60 ? -3.714  -6.562  -19.793 1.00 33.58 ? 60  ASP B OD1 1 
ATOM   1216 O OD2 . ASP B 1 60 ? -4.150  -6.832  -21.926 1.00 34.18 ? 60  ASP B OD2 1 
ATOM   1217 N N   . GLN B 1 61 ? -1.723  -10.781 -18.941 1.00 30.66 ? 61  GLN B N   1 
ATOM   1218 C CA  . GLN B 1 61 ? -1.482  -12.216 -18.852 1.00 30.73 ? 61  GLN B CA  1 
ATOM   1219 C C   . GLN B 1 61 ? -0.005  -12.586 -18.750 1.00 30.57 ? 61  GLN B C   1 
ATOM   1220 O O   . GLN B 1 61 ? 0.492   -13.442 -19.503 1.00 30.73 ? 61  GLN B O   1 
ATOM   1221 C CB  . GLN B 1 61 ? -2.152  -12.926 -20.037 1.00 31.00 ? 61  GLN B CB  1 
ATOM   1222 C CG  . GLN B 1 61 ? -3.662  -12.781 -20.029 1.00 32.09 ? 61  GLN B CG  1 
ATOM   1223 C CD  . GLN B 1 61 ? -4.292  -13.385 -18.785 1.00 33.73 ? 61  GLN B CD  1 
ATOM   1224 O OE1 . GLN B 1 61 ? -5.086  -12.741 -18.096 1.00 35.29 ? 61  GLN B OE1 1 
ATOM   1225 N NE2 . GLN B 1 61 ? -3.929  -14.623 -18.484 1.00 34.47 ? 61  GLN B NE2 1 
ATOM   1226 N N   . ILE B 1 62 ? 0.678   -11.923 -17.818 1.00 29.88 ? 62  ILE B N   1 
ATOM   1227 C CA  . ILE B 1 62 ? 2.086   -12.173 -17.509 1.00 29.71 ? 62  ILE B CA  1 
ATOM   1228 C C   . ILE B 1 62 ? 2.175   -13.115 -16.303 1.00 29.42 ? 62  ILE B C   1 
ATOM   1229 O O   . ILE B 1 62 ? 1.607   -12.825 -15.244 1.00 28.21 ? 62  ILE B O   1 
ATOM   1230 C CB  . ILE B 1 62 ? 2.814   -10.861 -17.141 1.00 30.02 ? 62  ILE B CB  1 
ATOM   1231 C CG1 . ILE B 1 62 ? 2.802   -9.882  -18.322 1.00 30.57 ? 62  ILE B CG1 1 
ATOM   1232 C CG2 . ILE B 1 62 ? 4.242   -11.139 -16.660 1.00 29.56 ? 62  ILE B CG2 1 
ATOM   1233 C CD1 . ILE B 1 62 ? 3.548   -10.351 -19.547 1.00 31.35 ? 62  ILE B CD1 1 
ATOM   1234 N N   . PRO B 1 63 ? 2.877   -14.250 -16.453 1.00 29.02 ? 63  PRO B N   1 
ATOM   1235 C CA  . PRO B 1 63 ? 3.153   -15.082 -15.285 1.00 29.26 ? 63  PRO B CA  1 
ATOM   1236 C C   . PRO B 1 63 ? 4.171   -14.451 -14.340 1.00 29.49 ? 63  PRO B C   1 
ATOM   1237 O O   . PRO B 1 63 ? 5.215   -13.953 -14.782 1.00 29.37 ? 63  PRO B O   1 
ATOM   1238 C CB  . PRO B 1 63 ? 3.699   -16.381 -15.894 1.00 29.09 ? 63  PRO B CB  1 
ATOM   1239 C CG  . PRO B 1 63 ? 3.311   -16.325 -17.334 1.00 29.16 ? 63  PRO B CG  1 
ATOM   1240 C CD  . PRO B 1 63 ? 3.375   -14.886 -17.683 1.00 29.18 ? 63  PRO B CD  1 
ATOM   1241 N N   . VAL B 1 64 ? 3.848   -14.470 -13.050 1.00 29.79 ? 64  VAL B N   1 
ATOM   1242 C CA  . VAL B 1 64 ? 4.727   -13.961 -12.008 1.00 29.91 ? 64  VAL B CA  1 
ATOM   1243 C C   . VAL B 1 64 ? 4.737   -14.976 -10.875 1.00 30.03 ? 64  VAL B C   1 
ATOM   1244 O O   . VAL B 1 64 ? 3.681   -15.397 -10.411 1.00 30.99 ? 64  VAL B O   1 
ATOM   1245 C CB  . VAL B 1 64 ? 4.242   -12.616 -11.455 1.00 30.17 ? 64  VAL B CB  1 
ATOM   1246 C CG1 . VAL B 1 64 ? 5.243   -12.062 -10.442 1.00 30.01 ? 64  VAL B CG1 1 
ATOM   1247 C CG2 . VAL B 1 64 ? 4.013   -11.599 -12.584 1.00 30.37 ? 64  VAL B CG2 1 
ATOM   1248 N N   . GLU B 1 65 ? 5.931   -15.361 -10.436 1.00 29.33 ? 65  GLU B N   1 
ATOM   1249 C CA  . GLU B 1 65 ? 6.071   -16.269 -9.305  1.00 29.29 ? 65  GLU B CA  1 
ATOM   1250 C C   . GLU B 1 65 ? 6.420   -15.437 -8.084  1.00 28.64 ? 65  GLU B C   1 
ATOM   1251 O O   . GLU B 1 65 ? 7.438   -14.746 -8.069  1.00 28.25 ? 65  GLU B O   1 
ATOM   1252 C CB  . GLU B 1 65 ? 7.166   -17.286 -9.579  1.00 29.38 ? 65  GLU B CB  1 
ATOM   1253 C CG  . GLU B 1 65 ? 7.406   -18.238 -8.438  1.00 31.10 ? 65  GLU B CG  1 
ATOM   1254 C CD  . GLU B 1 65 ? 8.438   -19.268 -8.791  1.00 30.56 ? 65  GLU B CD  1 
ATOM   1255 O OE1 . GLU B 1 65 ? 8.167   -20.079 -9.700  1.00 33.66 ? 65  GLU B OE1 1 
ATOM   1256 O OE2 . GLU B 1 65 ? 9.528   -19.259 -8.180  1.00 34.71 ? 65  GLU B OE2 1 
ATOM   1257 N N   . ILE B 1 66 ? 5.556   -15.493 -7.081  1.00 28.23 ? 66  ILE B N   1 
ATOM   1258 C CA  . ILE B 1 66 ? 5.694   -14.685 -5.874  1.00 28.31 ? 66  ILE B CA  1 
ATOM   1259 C C   . ILE B 1 66 ? 5.975   -15.640 -4.722  1.00 28.28 ? 66  ILE B C   1 
ATOM   1260 O O   . ILE B 1 66 ? 5.083   -16.372 -4.299  1.00 28.02 ? 66  ILE B O   1 
ATOM   1261 C CB  . ILE B 1 66 ? 4.404   -13.885 -5.598  1.00 27.70 ? 66  ILE B CB  1 
ATOM   1262 C CG1 . ILE B 1 66 ? 4.061   -12.989 -6.796  1.00 28.21 ? 66  ILE B CG1 1 
ATOM   1263 C CG2 . ILE B 1 66 ? 4.557   -13.025 -4.346  1.00 27.86 ? 66  ILE B CG2 1 
ATOM   1264 C CD1 . ILE B 1 66 ? 2.589   -12.562 -6.859  1.00 29.16 ? 66  ILE B CD1 1 
ATOM   1265 N N   A CYS B 1 67 ? 7.199   -15.633 -4.199  0.50 28.51 ? 67  CYS B N   1 
ATOM   1266 N N   B CYS B 1 67 ? 7.225   -15.650 -4.263  0.50 28.83 ? 67  CYS B N   1 
ATOM   1267 C CA  A CYS B 1 67 ? 7.597   -16.575 -3.138  0.50 28.72 ? 67  CYS B CA  1 
ATOM   1268 C CA  B CYS B 1 67 ? 7.650   -16.516 -3.168  0.50 28.95 ? 67  CYS B CA  1 
ATOM   1269 C C   A CYS B 1 67 ? 7.180   -18.003 -3.449  0.50 28.84 ? 67  CYS B C   1 
ATOM   1270 C C   B CYS B 1 67 ? 7.233   -17.977 -3.436  0.50 28.99 ? 67  CYS B C   1 
ATOM   1271 O O   A CYS B 1 67 ? 6.615   -18.692 -2.604  0.50 29.12 ? 67  CYS B O   1 
ATOM   1272 O O   B CYS B 1 67 ? 6.738   -18.660 -2.542  0.50 29.28 ? 67  CYS B O   1 
ATOM   1273 C CB  A CYS B 1 67 ? 6.992   -16.177 -1.792  0.50 28.81 ? 67  CYS B CB  1 
ATOM   1274 C CB  B CYS B 1 67 ? 7.070   -15.984 -1.845  0.50 29.08 ? 67  CYS B CB  1 
ATOM   1275 S SG  A CYS B 1 67 ? 7.791   -14.817 -1.049  0.50 28.90 ? 67  CYS B SG  1 
ATOM   1276 S SG  B CYS B 1 67 ? 8.057   -16.297 -0.366  0.50 29.88 ? 67  CYS B SG  1 
ATOM   1277 N N   . GLY B 1 68 ? 7.437   -18.440 -4.672  1.00 28.97 ? 68  GLY B N   1 
ATOM   1278 C CA  . GLY B 1 68 ? 7.088   -19.803 -5.076  1.00 28.67 ? 68  GLY B CA  1 
ATOM   1279 C C   . GLY B 1 68 ? 5.622   -20.069 -5.396  1.00 28.66 ? 68  GLY B C   1 
ATOM   1280 O O   . GLY B 1 68 ? 5.252   -21.216 -5.660  1.00 28.82 ? 68  GLY B O   1 
ATOM   1281 N N   . HIS B 1 69 ? 4.782   -19.032 -5.360  1.00 28.33 ? 69  HIS B N   1 
ATOM   1282 C CA  . HIS B 1 69 ? 3.360   -19.166 -5.704  1.00 28.51 ? 69  HIS B CA  1 
ATOM   1283 C C   . HIS B 1 69 ? 3.105   -18.511 -7.058  1.00 28.23 ? 69  HIS B C   1 
ATOM   1284 O O   . HIS B 1 69 ? 3.481   -17.362 -7.274  1.00 28.41 ? 69  HIS B O   1 
ATOM   1285 C CB  . HIS B 1 69 ? 2.483   -18.485 -4.648  1.00 28.57 ? 69  HIS B CB  1 
ATOM   1286 C CG  . HIS B 1 69 ? 2.476   -19.181 -3.327  1.00 29.79 ? 69  HIS B CG  1 
ATOM   1287 N ND1 . HIS B 1 69 ? 1.411   -19.943 -2.896  1.00 30.78 ? 69  HIS B ND1 1 
ATOM   1288 C CD2 . HIS B 1 69 ? 3.408   -19.249 -2.349  1.00 30.69 ? 69  HIS B CD2 1 
ATOM   1289 C CE1 . HIS B 1 69 ? 1.686   -20.443 -1.703  1.00 31.23 ? 69  HIS B CE1 1 
ATOM   1290 N NE2 . HIS B 1 69 ? 2.892   -20.036 -1.349  1.00 29.81 ? 69  HIS B NE2 1 
ATOM   1291 N N   . LYS B 1 70 ? 2.420   -19.225 -7.947  1.00 28.34 ? 70  LYS B N   1 
ATOM   1292 C CA  . LYS B 1 70 ? 2.202   -18.764 -9.316  1.00 27.96 ? 70  LYS B CA  1 
ATOM   1293 C C   . LYS B 1 70 ? 0.984   -17.861 -9.445  1.00 27.68 ? 70  LYS B C   1 
ATOM   1294 O O   . LYS B 1 70 ? -0.086  -18.146 -8.887  1.00 27.47 ? 70  LYS B O   1 
ATOM   1295 C CB  . LYS B 1 70 ? 2.029   -19.959 -10.258 1.00 28.46 ? 70  LYS B CB  1 
ATOM   1296 N N   . ALA B 1 71 ? 1.167   -16.769 -10.178 1.00 26.80 ? 71  ALA B N   1 
ATOM   1297 C CA  . ALA B 1 71 ? 0.077   -15.899 -10.575 1.00 26.31 ? 71  ALA B CA  1 
ATOM   1298 C C   . ALA B 1 71 ? 0.249   -15.613 -12.053 1.00 26.05 ? 71  ALA B C   1 
ATOM   1299 O O   . ALA B 1 71 ? 1.352   -15.717 -12.571 1.00 26.24 ? 71  ALA B O   1 
ATOM   1300 C CB  . ALA B 1 71 ? 0.114   -14.600 -9.783  1.00 26.26 ? 71  ALA B CB  1 
ATOM   1301 N N   . ILE B 1 72 ? -0.853  -15.302 -12.728 1.00 25.19 ? 72  ILE B N   1 
ATOM   1302 C CA  . ILE B 1 72 ? -0.816  -14.853 -14.121 1.00 25.12 ? 72  ILE B CA  1 
ATOM   1303 C C   . ILE B 1 72 ? -1.828  -13.737 -14.243 1.00 25.31 ? 72  ILE B C   1 
ATOM   1304 O O   . ILE B 1 72 ? -3.026  -13.945 -14.035 1.00 25.48 ? 72  ILE B O   1 
ATOM   1305 C CB  . ILE B 1 72 ? -1.182  -15.985 -15.120 1.00 25.01 ? 72  ILE B CB  1 
ATOM   1306 C CG1 . ILE B 1 72 ? -0.253  -17.182 -14.955 1.00 24.47 ? 72  ILE B CG1 1 
ATOM   1307 C CG2 . ILE B 1 72 ? -1.138  -15.467 -16.558 1.00 24.92 ? 72  ILE B CG2 1 
ATOM   1308 C CD1 . ILE B 1 72 ? -0.701  -18.425 -15.731 1.00 24.63 ? 72  ILE B CD1 1 
ATOM   1309 N N   . GLY B 1 73 ? -1.365  -12.539 -14.562 1.00 25.40 ? 73  GLY B N   1 
ATOM   1310 C CA  . GLY B 1 73 ? -2.279  -11.415 -14.607 1.00 25.94 ? 73  GLY B CA  1 
ATOM   1311 C C   . GLY B 1 73 ? -1.680  -10.168 -15.199 1.00 26.55 ? 73  GLY B C   1 
ATOM   1312 O O   . GLY B 1 73 ? -0.616  -10.202 -15.824 1.00 27.03 ? 73  GLY B O   1 
ATOM   1313 N N   . THR B 1 74 ? -2.388  -9.066  -15.005 1.00 26.66 ? 74  THR B N   1 
ATOM   1314 C CA  . THR B 1 74 ? -1.982  -7.793  -15.569 1.00 26.72 ? 74  THR B CA  1 
ATOM   1315 C C   . THR B 1 74 ? -0.865  -7.174  -14.737 1.00 26.50 ? 74  THR B C   1 
ATOM   1316 O O   . THR B 1 74 ? -0.946  -7.104  -13.507 1.00 26.47 ? 74  THR B O   1 
ATOM   1317 C CB  . THR B 1 74 ? -3.174  -6.835  -15.643 1.00 26.89 ? 74  THR B CB  1 
ATOM   1318 O OG1 . THR B 1 74 ? -4.189  -7.431  -16.456 1.00 28.49 ? 74  THR B OG1 1 
ATOM   1319 C CG2 . THR B 1 74 ? -2.759  -5.496  -16.226 1.00 27.63 ? 74  THR B CG2 1 
ATOM   1320 N N   . VAL B 1 75 ? 0.178   -6.729  -15.423 1.00 25.86 ? 75  VAL B N   1 
ATOM   1321 C CA  . VAL B 1 75 ? 1.321   -6.091  -14.790 1.00 25.68 ? 75  VAL B CA  1 
ATOM   1322 C C   . VAL B 1 75 ? 1.522   -4.743  -15.480 1.00 25.17 ? 75  VAL B C   1 
ATOM   1323 O O   . VAL B 1 75 ? 1.538   -4.672  -16.714 1.00 25.09 ? 75  VAL B O   1 
ATOM   1324 C CB  . VAL B 1 75 ? 2.580   -6.973  -14.958 1.00 26.64 ? 75  VAL B CB  1 
ATOM   1325 C CG1 . VAL B 1 75 ? 3.821   -6.267  -14.475 1.00 28.10 ? 75  VAL B CG1 1 
ATOM   1326 C CG2 . VAL B 1 75 ? 2.399   -8.299  -14.211 1.00 26.46 ? 75  VAL B CG2 1 
ATOM   1327 N N   . LEU B 1 76 ? 1.642   -3.686  -14.687 1.00 24.19 ? 76  LEU B N   1 
ATOM   1328 C CA  . LEU B 1 76 ? 1.888   -2.342  -15.198 1.00 23.81 ? 76  LEU B CA  1 
ATOM   1329 C C   . LEU B 1 76 ? 3.357   -2.030  -14.987 1.00 23.94 ? 76  LEU B C   1 
ATOM   1330 O O   . LEU B 1 76 ? 3.942   -2.425  -13.972 1.00 24.38 ? 76  LEU B O   1 
ATOM   1331 C CB  . LEU B 1 76 ? 1.028   -1.317  -14.454 1.00 23.90 ? 76  LEU B CB  1 
ATOM   1332 C CG  . LEU B 1 76 ? -0.476  -1.589  -14.418 1.00 23.90 ? 76  LEU B CG  1 
ATOM   1333 C CD1 . LEU B 1 76 ? -1.209  -0.501  -13.601 1.00 25.69 ? 76  LEU B CD1 1 
ATOM   1334 C CD2 . LEU B 1 76 ? -1.042  -1.693  -15.827 1.00 26.29 ? 76  LEU B CD2 1 
ATOM   1335 N N   . VAL B 1 77 ? 3.961   -1.327  -15.937 1.00 23.85 ? 77  VAL B N   1 
ATOM   1336 C CA  . VAL B 1 77 ? 5.373   -0.983  -15.844 1.00 23.92 ? 77  VAL B CA  1 
ATOM   1337 C C   . VAL B 1 77 ? 5.513   0.520   -16.029 1.00 23.94 ? 77  VAL B C   1 
ATOM   1338 O O   . VAL B 1 77 ? 4.918   1.096   -16.933 1.00 22.98 ? 77  VAL B O   1 
ATOM   1339 C CB  . VAL B 1 77 ? 6.205   -1.760  -16.886 1.00 24.63 ? 77  VAL B CB  1 
ATOM   1340 C CG1 . VAL B 1 77 ? 7.655   -1.264  -16.909 1.00 26.57 ? 77  VAL B CG1 1 
ATOM   1341 C CG2 . VAL B 1 77 ? 6.158   -3.259  -16.590 1.00 24.77 ? 77  VAL B CG2 1 
ATOM   1342 N N   . GLY B 1 78 ? 6.274   1.160   -15.151 1.00 23.60 ? 78  GLY B N   1 
ATOM   1343 C CA  . GLY B 1 78 ? 6.407   2.599   -15.213 1.00 23.97 ? 78  GLY B CA  1 
ATOM   1344 C C   . GLY B 1 78 ? 7.279   3.132   -14.107 1.00 23.90 ? 78  GLY B C   1 
ATOM   1345 O O   . GLY B 1 78 ? 7.907   2.351   -13.402 1.00 23.89 ? 78  GLY B O   1 
ATOM   1346 N N   . PRO B 1 79 ? 7.326   4.463   -13.967 1.00 24.21 ? 79  PRO B N   1 
ATOM   1347 C CA  . PRO B 1 79 ? 8.197   5.118   -12.994 1.00 24.75 ? 79  PRO B CA  1 
ATOM   1348 C C   . PRO B 1 79 ? 7.748   5.010   -11.537 1.00 25.20 ? 79  PRO B C   1 
ATOM   1349 O O   . PRO B 1 79 ? 6.991   5.836   -11.040 1.00 26.18 ? 79  PRO B O   1 
ATOM   1350 C CB  . PRO B 1 79 ? 8.248   6.576   -13.479 1.00 24.74 ? 79  PRO B CB  1 
ATOM   1351 C CG  . PRO B 1 79 ? 7.028   6.768   -14.291 1.00 24.67 ? 79  PRO B CG  1 
ATOM   1352 C CD  . PRO B 1 79 ? 6.585   5.434   -14.800 1.00 24.61 ? 79  PRO B CD  1 
ATOM   1353 N N   . THR B 1 80 ? 8.274   3.999   -10.859 1.00 26.17 ? 80  THR B N   1 
ATOM   1354 C CA  . THR B 1 80 ? 7.990   3.753   -9.452  1.00 25.75 ? 80  THR B CA  1 
ATOM   1355 C C   . THR B 1 80 ? 9.308   3.517   -8.706  1.00 26.07 ? 80  THR B C   1 
ATOM   1356 O O   . THR B 1 80 ? 10.256  2.976   -9.274  1.00 25.98 ? 80  THR B O   1 
ATOM   1357 C CB  . THR B 1 80 ? 7.044   2.544   -9.291  1.00 26.21 ? 80  THR B CB  1 
ATOM   1358 O OG1 . THR B 1 80 ? 6.892   2.242   -7.899  1.00 26.21 ? 80  THR B OG1 1 
ATOM   1359 C CG2 . THR B 1 80 ? 7.575   1.302   -10.021 1.00 26.14 ? 80  THR B CG2 1 
ATOM   1360 N N   . PRO B 1 81 ? 9.391   3.945   -7.434  1.00 25.70 ? 81  PRO B N   1 
ATOM   1361 C CA  . PRO B 1 81 ? 10.615  3.706   -6.681  1.00 26.13 ? 81  PRO B CA  1 
ATOM   1362 C C   . PRO B 1 81 ? 10.784  2.283   -6.197  1.00 26.46 ? 81  PRO B C   1 
ATOM   1363 O O   . PRO B 1 81 ? 11.878  1.905   -5.773  1.00 27.49 ? 81  PRO B O   1 
ATOM   1364 C CB  . PRO B 1 81 ? 10.475  4.659   -5.489  1.00 26.27 ? 81  PRO B CB  1 
ATOM   1365 C CG  . PRO B 1 81 ? 9.029   4.770   -5.285  1.00 26.21 ? 81  PRO B CG  1 
ATOM   1366 C CD  . PRO B 1 81 ? 8.406   4.703   -6.645  1.00 25.96 ? 81  PRO B CD  1 
ATOM   1367 N N   . VAL B 1 82 ? 9.706   1.504   -6.251  1.00 26.37 ? 82  VAL B N   1 
ATOM   1368 C CA  . VAL B 1 82 ? 9.696   0.148   -5.750  1.00 26.03 ? 82  VAL B CA  1 
ATOM   1369 C C   . VAL B 1 82 ? 8.750   -0.699  -6.597  1.00 25.20 ? 82  VAL B C   1 
ATOM   1370 O O   . VAL B 1 82 ? 7.735   -0.209  -7.083  1.00 25.25 ? 82  VAL B O   1 
ATOM   1371 C CB  . VAL B 1 82 ? 9.215   0.127   -4.292  1.00 26.24 ? 82  VAL B CB  1 
ATOM   1372 C CG1 . VAL B 1 82 ? 7.804   0.730   -4.178  1.00 26.12 ? 82  VAL B CG1 1 
ATOM   1373 C CG2 . VAL B 1 82 ? 9.247   -1.286  -3.736  1.00 28.20 ? 82  VAL B CG2 1 
ATOM   1374 N N   . ASN B 1 83 ? 9.082   -1.972  -6.765  1.00 24.19 ? 83  ASN B N   1 
ATOM   1375 C CA  . ASN B 1 83 ? 8.173   -2.907  -7.420  1.00 23.43 ? 83  ASN B CA  1 
ATOM   1376 C C   . ASN B 1 83 ? 7.023   -3.211  -6.476  1.00 23.16 ? 83  ASN B C   1 
ATOM   1377 O O   . ASN B 1 83 ? 7.246   -3.504  -5.309  1.00 23.02 ? 83  ASN B O   1 
ATOM   1378 C CB  . ASN B 1 83 ? 8.887   -4.199  -7.801  1.00 23.34 ? 83  ASN B CB  1 
ATOM   1379 C CG  . ASN B 1 83 ? 9.962   -3.975  -8.818  1.00 24.11 ? 83  ASN B CG  1 
ATOM   1380 O OD1 . ASN B 1 83 ? 9.731   -3.308  -9.824  1.00 25.04 ? 83  ASN B OD1 1 
ATOM   1381 N ND2 . ASN B 1 83 ? 11.151  -4.516  -8.564  1.00 24.83 ? 83  ASN B ND2 1 
ATOM   1382 N N   . ILE B 1 84 ? 5.800   -3.115  -6.989  1.00 22.57 ? 84  ILE B N   1 
ATOM   1383 C CA  . ILE B 1 84 ? 4.605   -3.246  -6.179  1.00 22.45 ? 84  ILE B CA  1 
ATOM   1384 C C   . ILE B 1 84 ? 3.750   -4.408  -6.673  1.00 22.98 ? 84  ILE B C   1 
ATOM   1385 O O   . ILE B 1 84 ? 3.309   -4.418  -7.826  1.00 23.12 ? 84  ILE B O   1 
ATOM   1386 C CB  . ILE B 1 84 ? 3.773   -1.944  -6.217  1.00 22.30 ? 84  ILE B CB  1 
ATOM   1387 C CG1 . ILE B 1 84 ? 4.517   -0.806  -5.514  1.00 22.56 ? 84  ILE B CG1 1 
ATOM   1388 C CG2 . ILE B 1 84 ? 2.426   -2.142  -5.565  1.00 22.75 ? 84  ILE B CG2 1 
ATOM   1389 C CD1 . ILE B 1 84 ? 3.974   0.556   -5.851  1.00 22.70 ? 84  ILE B CD1 1 
ATOM   1390 N N   . ILE B 1 85 ? 3.526   -5.386  -5.798  1.00 22.54 ? 85  ILE B N   1 
ATOM   1391 C CA  . ILE B 1 85 ? 2.524   -6.414  -6.049  1.00 22.11 ? 85  ILE B CA  1 
ATOM   1392 C C   . ILE B 1 85 ? 1.198   -6.010  -5.415  1.00 21.64 ? 85  ILE B C   1 
ATOM   1393 O O   . ILE B 1 85 ? 1.079   -5.924  -4.190  1.00 20.48 ? 85  ILE B O   1 
ATOM   1394 C CB  . ILE B 1 85 ? 2.949   -7.787  -5.485  1.00 22.51 ? 85  ILE B CB  1 
ATOM   1395 C CG1 . ILE B 1 85 ? 4.340   -8.198  -6.001  1.00 24.37 ? 85  ILE B CG1 1 
ATOM   1396 C CG2 . ILE B 1 85 ? 1.866   -8.830  -5.808  1.00 21.85 ? 85  ILE B CG2 1 
ATOM   1397 C CD1 . ILE B 1 85 ? 4.484   -8.252  -7.541  1.00 26.78 ? 85  ILE B CD1 1 
ATOM   1398 N N   . GLY B 1 86 ? 0.184   -5.809  -6.248  1.00 20.52 ? 86  GLY B N   1 
ATOM   1399 C CA  . GLY B 1 86 ? -1.112  -5.353  -5.771  1.00 20.65 ? 86  GLY B CA  1 
ATOM   1400 C C   . GLY B 1 86 ? -2.142  -6.458  -5.662  1.00 20.66 ? 86  GLY B C   1 
ATOM   1401 O O   . GLY B 1 86 ? -1.862  -7.633  -5.906  1.00 20.58 ? 86  GLY B O   1 
ATOM   1402 N N   . ARG B 1 87 ? -3.366  -6.062  -5.348  1.00 20.59 ? 87  ARG B N   1 
ATOM   1403 C CA  . ARG B 1 87 ? -4.416  -7.018  -5.035  1.00 20.87 ? 87  ARG B CA  1 
ATOM   1404 C C   . ARG B 1 87 ? -4.773  -7.935  -6.189  1.00 21.09 ? 87  ARG B C   1 
ATOM   1405 O O   . ARG B 1 87 ? -5.213  -9.069  -5.959  1.00 20.57 ? 87  ARG B O   1 
ATOM   1406 C CB  . ARG B 1 87 ? -5.668  -6.308  -4.534  1.00 19.97 ? 87  ARG B CB  1 
ATOM   1407 C CG  . ARG B 1 87 ? -5.466  -5.620  -3.215  1.00 20.79 ? 87  ARG B CG  1 
ATOM   1408 C CD  . ARG B 1 87 ? -6.781  -5.140  -2.611  1.00 21.02 ? 87  ARG B CD  1 
ATOM   1409 N NE  . ARG B 1 87 ? -7.406  -4.134  -3.470  1.00 21.70 ? 87  ARG B NE  1 
ATOM   1410 C CZ  . ARG B 1 87 ? -8.428  -4.339  -4.297  1.00 23.28 ? 87  ARG B CZ  1 
ATOM   1411 N NH1 . ARG B 1 87 ? -9.029  -5.524  -4.406  1.00 23.21 ? 87  ARG B NH1 1 
ATOM   1412 N NH2 . ARG B 1 87 ? -8.870  -3.323  -5.026  1.00 22.79 ? 87  ARG B NH2 1 
ATOM   1413 N N   . ASN B 1 88 ? -4.580  -7.476  -7.421  1.00 21.00 ? 88  ASN B N   1 
ATOM   1414 C CA  . ASN B 1 88 ? -4.922  -8.326  -8.563  1.00 21.83 ? 88  ASN B CA  1 
ATOM   1415 C C   . ASN B 1 88 ? -4.137  -9.636  -8.521  1.00 22.11 ? 88  ASN B C   1 
ATOM   1416 O O   . ASN B 1 88 ? -4.682  -10.684 -8.857  1.00 23.98 ? 88  ASN B O   1 
ATOM   1417 C CB  . ASN B 1 88 ? -4.740  -7.611  -9.896  1.00 21.93 ? 88  ASN B CB  1 
ATOM   1418 C CG  . ASN B 1 88 ? -3.291  -7.335  -10.229 1.00 22.20 ? 88  ASN B CG  1 
ATOM   1419 O OD1 . ASN B 1 88 ? -2.563  -6.783  -9.415  1.00 23.35 ? 88  ASN B OD1 1 
ATOM   1420 N ND2 . ASN B 1 88 ? -2.878  -7.688  -11.450 1.00 23.16 ? 88  ASN B ND2 1 
ATOM   1421 N N   . LEU B 1 89 ? -2.872  -9.587  -8.104  1.00 21.16 ? 89  LEU B N   1 
ATOM   1422 C CA  . LEU B 1 89 ? -2.071  -10.817 -7.982  1.00 21.32 ? 89  LEU B CA  1 
ATOM   1423 C C   . LEU B 1 89 ? -2.089  -11.418 -6.578  1.00 21.42 ? 89  LEU B C   1 
ATOM   1424 O O   . LEU B 1 89 ? -1.975  -12.632 -6.429  1.00 21.10 ? 89  LEU B O   1 
ATOM   1425 C CB  . LEU B 1 89 ? -0.633  -10.588 -8.422  1.00 21.32 ? 89  LEU B CB  1 
ATOM   1426 C CG  . LEU B 1 89 ? -0.438  -10.095 -9.842  1.00 21.39 ? 89  LEU B CG  1 
ATOM   1427 C CD1 . LEU B 1 89 ? 1.049   -10.053 -10.191 1.00 21.69 ? 89  LEU B CD1 1 
ATOM   1428 C CD2 . LEU B 1 89 ? -1.214  -10.975 -10.836 1.00 22.61 ? 89  LEU B CD2 1 
ATOM   1429 N N   . LEU B 1 90 ? -2.229  -10.588 -5.545  1.00 21.43 ? 90  LEU B N   1 
ATOM   1430 C CA  . LEU B 1 90 ? -2.297  -11.104 -4.178  1.00 21.81 ? 90  LEU B CA  1 
ATOM   1431 C C   . LEU B 1 90 ? -3.461  -12.057 -3.988  1.00 21.77 ? 90  LEU B C   1 
ATOM   1432 O O   . LEU B 1 90 ? -3.338  -13.037 -3.272  1.00 21.32 ? 90  LEU B O   1 
ATOM   1433 C CB  . LEU B 1 90 ? -2.384  -9.980  -3.146  1.00 21.53 ? 90  LEU B CB  1 
ATOM   1434 C CG  . LEU B 1 90 ? -1.157  -9.073  -3.066  1.00 22.56 ? 90  LEU B CG  1 
ATOM   1435 C CD1 . LEU B 1 90 ? -1.425  -7.903  -2.120  1.00 22.90 ? 90  LEU B CD1 1 
ATOM   1436 C CD2 . LEU B 1 90 ? 0.087   -9.836  -2.638  1.00 23.22 ? 90  LEU B CD2 1 
ATOM   1437 N N   . THR B 1 91 ? -4.596  -11.765 -4.619  1.00 21.35 ? 91  THR B N   1 
ATOM   1438 C CA  . THR B 1 91 ? -5.750  -12.647 -4.526  1.00 21.51 ? 91  THR B CA  1 
ATOM   1439 C C   . THR B 1 91 ? -5.466  -14.001 -5.171  1.00 21.42 ? 91  THR B C   1 
ATOM   1440 O O   . THR B 1 91 ? -5.929  -15.034 -4.694  1.00 21.35 ? 91  THR B O   1 
ATOM   1441 C CB  . THR B 1 91 ? -7.005  -12.012 -5.171  1.00 21.69 ? 91  THR B CB  1 
ATOM   1442 O OG1 . THR B 1 91 ? -6.717  -11.615 -6.515  1.00 24.08 ? 91  THR B OG1 1 
ATOM   1443 C CG2 . THR B 1 91 ? -7.465  -10.784 -4.355  1.00 21.68 ? 91  THR B CG2 1 
ATOM   1444 N N   . GLN B 1 92 ? -4.678  -14.001 -6.244  1.00 21.33 ? 92  GLN B N   1 
ATOM   1445 C CA  . GLN B 1 92 ? -4.358  -15.247 -6.944  1.00 21.82 ? 92  GLN B CA  1 
ATOM   1446 C C   . GLN B 1 92 ? -3.562  -16.225 -6.096  1.00 22.58 ? 92  GLN B C   1 
ATOM   1447 O O   . GLN B 1 92 ? -3.702  -17.444 -6.262  1.00 23.16 ? 92  GLN B O   1 
ATOM   1448 C CB  . GLN B 1 92 ? -3.600  -14.959 -8.230  1.00 22.00 ? 92  GLN B CB  1 
ATOM   1449 C CG  . GLN B 1 92 ? -4.430  -14.213 -9.241  1.00 22.00 ? 92  GLN B CG  1 
ATOM   1450 C CD  . GLN B 1 92 ? -3.889  -14.331 -10.640 1.00 22.09 ? 92  GLN B CD  1 
ATOM   1451 O OE1 . GLN B 1 92 ? -3.033  -15.172 -10.913 1.00 23.74 ? 92  GLN B OE1 1 
ATOM   1452 N NE2 . GLN B 1 92 ? -4.384  -13.485 -11.546 1.00 24.19 ? 92  GLN B NE2 1 
ATOM   1453 N N   . ILE B 1 93 ? -2.709  -15.698 -5.219  1.00 22.87 ? 93  ILE B N   1 
ATOM   1454 C CA  . ILE B 1 93 ? -1.873  -16.540 -4.358  1.00 23.63 ? 93  ILE B CA  1 
ATOM   1455 C C   . ILE B 1 93 ? -2.490  -16.756 -2.978  1.00 23.99 ? 93  ILE B C   1 
ATOM   1456 O O   . ILE B 1 93 ? -1.872  -17.371 -2.117  1.00 24.12 ? 93  ILE B O   1 
ATOM   1457 C CB  . ILE B 1 93 ? -0.441  -15.987 -4.235  1.00 23.59 ? 93  ILE B CB  1 
ATOM   1458 C CG1 . ILE B 1 93 ? -0.412  -14.690 -3.422  1.00 24.14 ? 93  ILE B CG1 1 
ATOM   1459 C CG2 . ILE B 1 93 ? 0.174   -15.746 -5.626  1.00 25.16 ? 93  ILE B CG2 1 
ATOM   1460 C CD1 . ILE B 1 93 ? 1.013   -14.209 -3.110  1.00 24.39 ? 93  ILE B CD1 1 
ATOM   1461 N N   . GLY B 1 94 ? -3.703  -16.248 -2.779  1.00 24.22 ? 94  GLY B N   1 
ATOM   1462 C CA  . GLY B 1 94 ? -4.477  -16.529 -1.575  1.00 25.58 ? 94  GLY B CA  1 
ATOM   1463 C C   . GLY B 1 94 ? -4.017  -15.733 -0.378  1.00 26.04 ? 94  GLY B C   1 
ATOM   1464 O O   . GLY B 1 94 ? -4.149  -16.177 0.761   1.00 26.67 ? 94  GLY B O   1 
ATOM   1465 N N   . CYS B 1 95 ? -3.505  -14.537 -0.629  1.00 27.04 ? 95  CYS B N   1 
ATOM   1466 C CA  . CYS B 1 95 ? -2.981  -13.707 0.447   1.00 27.31 ? 95  CYS B CA  1 
ATOM   1467 C C   . CYS B 1 95 ? -4.121  -13.037 1.210   1.00 27.07 ? 95  CYS B C   1 
ATOM   1468 O O   . CYS B 1 95 ? -5.050  -12.492 0.604   1.00 27.67 ? 95  CYS B O   1 
ATOM   1469 C CB  . CYS B 1 95 ? -2.032  -12.661 -0.129  1.00 27.85 ? 95  CYS B CB  1 
ATOM   1470 S SG  . CYS B 1 95 ? -1.195  -11.699 1.097   1.00 31.38 ? 95  CYS B SG  1 
ATOM   1471 N N   . THR B 1 96 ? -4.057  -13.092 2.536   1.00 26.91 ? 96  THR B N   1 
ATOM   1472 C CA  . THR B 1 96 ? -5.016  -12.391 3.387   1.00 26.54 ? 96  THR B CA  1 
ATOM   1473 C C   . THR B 1 96 ? -4.281  -11.555 4.422   1.00 27.20 ? 96  THR B C   1 
ATOM   1474 O O   . THR B 1 96 ? -3.095  -11.770 4.684   1.00 26.63 ? 96  THR B O   1 
ATOM   1475 C CB  . THR B 1 96 ? -5.945  -13.382 4.126   1.00 27.10 ? 96  THR B CB  1 
ATOM   1476 O OG1 . THR B 1 96 ? -5.164  -14.299 4.917   1.00 26.45 ? 96  THR B OG1 1 
ATOM   1477 C CG2 . THR B 1 96 ? -6.809  -14.149 3.134   1.00 27.14 ? 96  THR B CG2 1 
ATOM   1478 N N   . LEU B 1 97 ? -5.001  -10.593 4.991   1.00 26.89 ? 97  LEU B N   1 
ATOM   1479 C CA  . LEU B 1 97 ? -4.533  -9.818  6.135   1.00 27.47 ? 97  LEU B CA  1 
ATOM   1480 C C   . LEU B 1 97 ? -5.206  -10.376 7.373   1.00 27.40 ? 97  LEU B C   1 
ATOM   1481 O O   . LEU B 1 97 ? -6.413  -10.599 7.374   1.00 27.50 ? 97  LEU B O   1 
ATOM   1482 C CB  . LEU B 1 97 ? -4.928  -8.353  5.982   1.00 28.10 ? 97  LEU B CB  1 
ATOM   1483 C CG  . LEU B 1 97 ? -4.018  -7.447  5.171   1.00 29.94 ? 97  LEU B CG  1 
ATOM   1484 C CD1 . LEU B 1 97 ? -4.738  -6.129  4.918   1.00 32.84 ? 97  LEU B CD1 1 
ATOM   1485 C CD2 . LEU B 1 97 ? -2.705  -7.210  5.911   1.00 33.07 ? 97  LEU B CD2 1 
ATOM   1486 N N   . ASN B 1 98 ? -4.424  -10.604 8.421   1.00 27.14 ? 98  ASN B N   1 
ATOM   1487 C CA  . ASN B 1 98 ? -4.926  -11.244 9.628   1.00 27.34 ? 98  ASN B CA  1 
ATOM   1488 C C   . ASN B 1 98 ? -4.482  -10.476 10.871  1.00 27.45 ? 98  ASN B C   1 
ATOM   1489 O O   . ASN B 1 98 ? -3.320  -10.117 10.977  1.00 27.73 ? 98  ASN B O   1 
ATOM   1490 C CB  . ASN B 1 98 ? -4.402  -12.677 9.705   1.00 27.54 ? 98  ASN B CB  1 
ATOM   1491 C CG  . ASN B 1 98 ? -4.897  -13.542 8.569   1.00 28.71 ? 98  ASN B CG  1 
ATOM   1492 O OD1 . ASN B 1 98 ? -5.878  -14.272 8.718   1.00 33.69 ? 98  ASN B OD1 1 
ATOM   1493 N ND2 . ASN B 1 98 ? -4.235  -13.460 7.426   1.00 30.66 ? 98  ASN B ND2 1 
ATOM   1494 N N   . PHE B 1 99 ? -5.410  -10.221 11.793  1.00 27.38 ? 99  PHE B N   1 
ATOM   1495 C CA  . PHE B 1 99 ? -5.063  -9.718  13.124  1.00 27.79 ? 99  PHE B CA  1 
ATOM   1496 C C   . PHE B 1 99 ? -6.121  -10.130 14.142  1.00 27.55 ? 99  PHE B C   1 
ATOM   1497 O O   . PHE B 1 99 ? -7.046  -10.875 13.816  1.00 27.63 ? 99  PHE B O   1 
ATOM   1498 C CB  . PHE B 1 99 ? -4.873  -8.196  13.125  1.00 28.21 ? 99  PHE B CB  1 
ATOM   1499 C CG  . PHE B 1 99 ? -6.076  -7.419  12.679  1.00 28.71 ? 99  PHE B CG  1 
ATOM   1500 C CD1 . PHE B 1 99 ? -6.348  -7.247  11.327  1.00 30.59 ? 99  PHE B CD1 1 
ATOM   1501 C CD2 . PHE B 1 99 ? -6.916  -6.820  13.610  1.00 30.27 ? 99  PHE B CD2 1 
ATOM   1502 C CE1 . PHE B 1 99 ? -7.450  -6.511  10.915  1.00 30.52 ? 99  PHE B CE1 1 
ATOM   1503 C CE2 . PHE B 1 99 ? -8.018  -6.084  13.198  1.00 30.72 ? 99  PHE B CE2 1 
ATOM   1504 C CZ  . PHE B 1 99 ? -8.281  -5.932  11.844  1.00 30.10 ? 99  PHE B CZ  1 
ATOM   1505 O OXT . PHE B 1 99 ? -6.064  -9.744  15.306  1.00 27.26 ? 99  PHE B OXT 1 
HETATM 1506 C CAA A DR7 C 2 .  ? -6.626  2.862   -7.110  0.50 18.86 ? 100 DR7 A CAA 1 
HETATM 1507 C CAA B DR7 C 2 .  ? 7.716   5.457   2.190   0.50 19.77 ? 100 DR7 A CAA 1 
HETATM 1508 O OBI A DR7 C 2 .  ? -5.496  3.485   -6.489  0.50 19.68 ? 100 DR7 A OBI 1 
HETATM 1509 O OBI B DR7 C 2 .  ? 6.679   5.895   1.316   0.50 19.97 ? 100 DR7 A OBI 1 
HETATM 1510 C CBK A DR7 C 2 .  ? -4.364  2.688   -6.057  0.50 18.16 ? 100 DR7 A CBK 1 
HETATM 1511 C CBK B DR7 C 2 .  ? 5.370   5.261   1.309   0.50 20.15 ? 100 DR7 A CBK 1 
HETATM 1512 O OAI A DR7 C 2 .  ? -4.548  1.566   -5.603  0.50 17.20 ? 100 DR7 A OAI 1 
HETATM 1513 O OAI B DR7 C 2 .  ? 5.222   4.137   1.785   0.50 19.31 ? 100 DR7 A OAI 1 
HETATM 1514 N N   A DR7 C 2 .  ? -3.203  3.311   -6.225  0.50 18.12 ? 100 DR7 A N   1 
HETATM 1515 N N   B DR7 C 2 .  ? 4.436   6.030   0.754   0.50 18.89 ? 100 DR7 A N   1 
HETATM 1516 C CA  A DR7 C 2 .  ? -1.845  2.888   -5.956  0.50 17.99 ? 100 DR7 A CA  1 
HETATM 1517 C CA  B DR7 C 2 .  ? 3.029   5.781   0.541   0.50 19.46 ? 100 DR7 A CA  1 
HETATM 1518 C CB  A DR7 C 2 .  ? -1.083  1.992   -6.918  0.50 16.93 ? 100 DR7 A CB  1 
HETATM 1519 C CB  B DR7 C 2 .  ? 2.052   6.363   1.537   0.50 19.82 ? 100 DR7 A CB  1 
HETATM 1520 C CAE A DR7 C 2 .  ? -0.518  2.922   -7.994  0.50 17.91 ? 100 DR7 A CAE 1 
HETATM 1521 C CAE B DR7 C 2 .  ? 1.868   7.811   1.103   0.50 20.60 ? 100 DR7 A CAE 1 
HETATM 1522 C CG2 A DR7 C 2 .  ? -1.971  0.939   -7.569  0.50 17.05 ? 100 DR7 A CG2 1 
HETATM 1523 C CG2 B DR7 C 2 .  ? 2.596   6.313   2.965   0.50 20.38 ? 100 DR7 A CG2 1 
HETATM 1524 C CG1 A DR7 C 2 .  ? 0.094   1.303   -6.230  0.50 17.39 ? 100 DR7 A CG1 1 
HETATM 1525 C CG1 B DR7 C 2 .  ? 0.701   5.661   1.478   0.50 20.54 ? 100 DR7 A CG1 1 
HETATM 1526 C C   A DR7 C 2 .  ? -1.119  3.479   -4.758  0.50 17.47 ? 100 DR7 A C   1 
HETATM 1527 C C   B DR7 C 2 .  ? 2.594   5.066   -0.696  0.50 18.13 ? 100 DR7 A C   1 
HETATM 1528 O O   A DR7 C 2 .  ? -0.435  4.466   -4.938  0.50 18.94 ? 100 DR7 A O   1 
HETATM 1529 O O   B DR7 C 2 .  ? 2.559   5.749   -1.699  0.50 18.46 ? 100 DR7 A O   1 
HETATM 1530 N NBG A DR7 C 2 .  ? -1.356  2.923   -3.556  0.50 16.86 ? 100 DR7 A NBG 1 
HETATM 1531 N NBG B DR7 C 2 .  ? 2.275   3.761   -0.680  0.50 17.71 ? 100 DR7 A NBG 1 
HETATM 1532 C CBT A DR7 C 2 .  ? -0.966  3.521   -2.286  0.50 17.26 ? 100 DR7 A CBT 1 
HETATM 1533 C CBT B DR7 C 2 .  ? 1.906   3.024   -1.889  0.50 16.87 ? 100 DR7 A CBT 1 
HETATM 1534 C CBA A DR7 C 2 .  ? -2.233  3.832   -1.485  0.50 18.34 ? 100 DR7 A CBA 1 
HETATM 1535 C CBA B DR7 C 2 .  ? 3.058   2.114   -2.336  0.50 17.14 ? 100 DR7 A CBA 1 
HETATM 1536 C CBO A DR7 C 2 .  ? -3.145  4.753   -2.270  0.50 17.92 ? 100 DR7 A CBO 1 
HETATM 1537 C CBO B DR7 C 2 .  ? 4.345   2.889   -2.499  0.50 17.35 ? 100 DR7 A CBO 1 
HETATM 1538 C CAT A DR7 C 2 .  ? -4.232  4.232   -2.969  0.50 19.00 ? 100 DR7 A CAT 1 
HETATM 1539 C CAT B DR7 C 2 .  ? 5.436   2.621   -1.675  0.50 18.87 ? 100 DR7 A CAT 1 
HETATM 1540 C CAP A DR7 C 2 .  ? -5.073  5.074   -3.694  0.50 18.84 ? 100 DR7 A CAP 1 
HETATM 1541 C CAP B DR7 C 2 .  ? 6.621   3.339   -1.820  0.50 17.97 ? 100 DR7 A CAP 1 
HETATM 1542 C CAN A DR7 C 2 .  ? -4.836  6.444   -3.714  0.50 18.81 ? 100 DR7 A CAN 1 
HETATM 1543 C CAN B DR7 C 2 .  ? 6.718   4.332   -2.792  0.50 17.74 ? 100 DR7 A CAN 1 
HETATM 1544 C CAQ A DR7 C 2 .  ? -3.754  6.969   -3.017  0.50 19.62 ? 100 DR7 A CAQ 1 
HETATM 1545 C CAQ B DR7 C 2 .  ? 5.633   4.606   -3.613  0.50 18.10 ? 100 DR7 A CAQ 1 
HETATM 1546 C CAU A DR7 C 2 .  ? -2.912  6.127   -2.290  0.50 18.43 ? 100 DR7 A CAU 1 
HETATM 1547 C CAU B DR7 C 2 .  ? 4.442   3.888   -3.468  0.50 18.66 ? 100 DR7 A CAU 1 
HETATM 1548 C CBS A DR7 C 2 .  ? -0.023  2.619   -1.485  0.50 17.80 ? 100 DR7 A CBS 1 
HETATM 1549 C CBS B DR7 C 2 .  ? 0.637   2.185   -1.697  0.50 17.20 ? 100 DR7 A CBS 1 
HETATM 1550 O OAM A DR7 C 2 .  ? -0.659  1.364   -1.211  0.50 14.22 ? 100 DR7 A OAM 1 
HETATM 1551 O OAM B DR7 C 2 .  ? 0.850   1.188   -0.683  0.50 16.20 ? 100 DR7 A OAM 1 
HETATM 1552 C CBC A DR7 C 2 .  ? 1.285   2.304   -2.190  0.50 19.21 ? 100 DR7 A CBC 1 
HETATM 1553 C CBC B DR7 C 2 .  ? -0.588  2.983   -1.276  0.50 18.59 ? 100 DR7 A CBC 1 
HETATM 1554 N NBW A DR7 C 2 .  ? 2.214   3.438   -2.303  0.50 20.44 ? 100 DR7 A NBW 1 
HETATM 1555 N NBW B DR7 C 2 .  ? -1.148  3.832   -2.336  0.50 19.10 ? 100 DR7 A NBW 1 
HETATM 1556 N NBH A DR7 C 2 .  ? 2.639   3.853   -1.015  0.50 18.26 ? 100 DR7 A NBH 1 
HETATM 1557 N NBH B DR7 C 2 .  ? -1.616  3.030   -3.409  0.50 16.59 ? 100 DR7 A NBH 1 
HETATM 1558 C CBN A DR7 C 2 .  ? 2.564   5.129   -0.613  0.50 15.34 ? 100 DR7 A CBN 1 
HETATM 1559 C CBN B DR7 C 2 .  ? -1.407  3.396   -4.677  0.50 14.74 ? 100 DR7 A CBN 1 
HETATM 1560 O OAL A DR7 C 2 .  ? 2.132   6.031   -1.309  0.50 14.85 ? 100 DR7 A OAL 1 
HETATM 1561 O OAL B DR7 C 2 .  ? -0.858  4.440   -4.970  0.50 15.24 ? 100 DR7 A OAL 1 
HETATM 1562 C CBV A DR7 C 2 .  ? 3.119   5.412   0.758   0.50 14.17 ? 100 DR7 A CBV 1 
HETATM 1563 C CBV B DR7 C 2 .  ? -1.899  2.488   -5.773  0.50 13.93 ? 100 DR7 A CBV 1 
HETATM 1564 C CBY A DR7 C 2 .  ? 2.434   6.572   1.487   0.50 12.84 ? 100 DR7 A CBY 1 
HETATM 1565 C CBY B DR7 C 2 .  ? -0.860  2.245   -6.868  0.50 12.42 ? 100 DR7 A CBY 1 
HETATM 1566 C CAH A DR7 C 2 .  ? 2.679   7.906   0.795   0.50 12.39 ? 100 DR7 A CAH 1 
HETATM 1567 C CAH B DR7 C 2 .  ? -0.628  3.493   -7.737  0.50 11.42 ? 100 DR7 A CAH 1 
HETATM 1568 C CAF A DR7 C 2 .  ? 0.929   6.322   1.567   0.50 12.92 ? 100 DR7 A CAF 1 
HETATM 1569 C CAF B DR7 C 2 .  ? 0.456   1.795   -6.247  0.50 12.89 ? 100 DR7 A CAF 1 
HETATM 1570 C CAG A DR7 C 2 .  ? 3.008   6.669   2.905   0.50 12.79 ? 100 DR7 A CAG 1 
HETATM 1571 C CAG B DR7 C 2 .  ? -1.371  1.145   -7.797  0.50 12.39 ? 100 DR7 A CAG 1 
HETATM 1572 N NBF A DR7 C 2 .  ? 4.526   5.681   0.571   0.50 13.98 ? 100 DR7 A NBF 1 
HETATM 1573 N NBF B DR7 C 2 .  ? -3.061  3.133   -6.341  0.50 14.92 ? 100 DR7 A NBF 1 
HETATM 1574 C CBL A DR7 C 2 .  ? 5.497   5.184   1.329   0.50 16.16 ? 100 DR7 A CBL 1 
HETATM 1575 C CBL B DR7 C 2 .  ? -4.261  2.585   -6.454  0.50 15.85 ? 100 DR7 A CBL 1 
HETATM 1576 O OAJ A DR7 C 2 .  ? 5.324   4.454   2.304   0.50 15.26 ? 100 DR7 A OAJ 1 
HETATM 1577 O OAJ B DR7 C 2 .  ? -4.535  1.436   -6.129  0.50 16.26 ? 100 DR7 A OAJ 1 
HETATM 1578 O OBJ A DR7 C 2 .  ? 6.837   5.566   0.922   0.50 16.82 ? 100 DR7 A OBJ 1 
HETATM 1579 O OBJ B DR7 C 2 .  ? -5.284  3.465   -6.997  0.50 16.51 ? 100 DR7 A OBJ 1 
HETATM 1580 C CAB A DR7 C 2 .  ? 7.977   4.871   1.437   0.50 15.68 ? 100 DR7 A CAB 1 
HETATM 1581 C CAB B DR7 C 2 .  ? -6.631  3.370   -6.506  0.50 16.79 ? 100 DR7 A CAB 1 
HETATM 1582 C CBB A DR7 C 2 .  ? 3.343   2.965   -3.146  0.50 25.28 ? 100 DR7 A CBB 1 
HETATM 1583 C CBB B DR7 C 2 .  ? -2.198  4.630   -1.669  0.50 22.87 ? 100 DR7 A CBB 1 
HETATM 1584 C CBP A DR7 C 2 .  ? 4.707   3.501   -2.765  0.50 26.49 ? 100 DR7 A CBP 1 
HETATM 1585 C CBP B DR7 C 2 .  ? -3.404  5.026   -2.478  0.50 23.57 ? 100 DR7 A CBP 1 
HETATM 1586 C CAW A DR7 C 2 .  ? 5.175   4.680   -3.338  0.50 27.28 ? 100 DR7 A CAW 1 
HETATM 1587 C CAW B DR7 C 2 .  ? -3.380  6.192   -3.233  0.50 24.39 ? 100 DR7 A CAW 1 
HETATM 1588 C CAY A DR7 C 2 .  ? 6.434   5.171   -3.005  0.50 27.40 ? 100 DR7 A CAY 1 
HETATM 1589 C CAY B DR7 C 2 .  ? -4.508  6.578   -3.955  0.50 24.75 ? 100 DR7 A CAY 1 
HETATM 1590 C CAX A DR7 C 2 .  ? 5.513   2.805   -1.871  0.50 27.51 ? 100 DR7 A CAX 1 
HETATM 1591 C CAX B DR7 C 2 .  ? -4.563  4.259   -2.416  0.50 24.28 ? 100 DR7 A CAX 1 
HETATM 1592 C CAZ A DR7 C 2 .  ? 6.771   3.296   -1.535  0.50 27.40 ? 100 DR7 A CAZ 1 
HETATM 1593 C CAZ B DR7 C 2 .  ? -5.690  4.642   -3.139  0.50 25.04 ? 100 DR7 A CAZ 1 
HETATM 1594 C CBQ A DR7 C 2 .  ? 7.237   4.484   -2.098  0.50 28.22 ? 100 DR7 A CBQ 1 
HETATM 1595 C CBQ B DR7 C 2 .  ? -5.672  5.801   -3.918  0.50 25.55 ? 100 DR7 A CBQ 1 
HETATM 1596 C CBR A DR7 C 2 .  ? 8.594   4.988   -1.737  0.50 28.23 ? 100 DR7 A CBR 1 
HETATM 1597 C CBR B DR7 C 2 .  ? -6.905  6.197   -4.674  0.50 25.82 ? 100 DR7 A CBR 1 
HETATM 1598 C CAV A DR7 C 2 .  ? 8.841   6.348   -1.572  0.50 29.74 ? 100 DR7 A CAV 1 
HETATM 1599 C CAV B DR7 C 2 .  ? -6.860  7.095   -5.746  0.50 26.52 ? 100 DR7 A CAV 1 
HETATM 1600 C CAR A DR7 C 2 .  ? 10.124  6.769   -1.240  0.50 30.18 ? 100 DR7 A CAR 1 
HETATM 1601 C CAR B DR7 C 2 .  ? -8.034  7.439   -6.404  0.50 26.68 ? 100 DR7 A CAR 1 
HETATM 1602 C CAO A DR7 C 2 .  ? 11.131  5.825   -1.075  0.50 29.54 ? 100 DR7 A CAO 1 
HETATM 1603 C CAO B DR7 C 2 .  ? -9.236  6.888   -5.977  0.50 26.99 ? 100 DR7 A CAO 1 
HETATM 1604 C CAS A DR7 C 2 .  ? 10.841  4.474   -1.247  0.50 29.82 ? 100 DR7 A CAS 1 
HETATM 1605 C CAS B DR7 C 2 .  ? -9.245  6.006   -4.900  0.50 27.43 ? 100 DR7 A CAS 1 
HETATM 1606 N NBD A DR7 C 2 .  ? 9.598   4.092   -1.572  0.50 29.92 ? 100 DR7 A NBD 1 
HETATM 1607 N NBD B DR7 C 2 .  ? -8.102  5.687   -4.277  0.50 27.21 ? 100 DR7 A NBD 1 
HETATM 1608 C C   . ACT D 3 .  ? 4.620   5.315   15.541  1.00 40.88 ? 504 ACT A C   1 
HETATM 1609 O O   . ACT D 3 .  ? 5.801   5.553   15.227  1.00 41.45 ? 504 ACT A O   1 
HETATM 1610 O OXT . ACT D 3 .  ? 3.767   5.887   14.843  1.00 40.58 ? 504 ACT A OXT 1 
HETATM 1611 C CH3 . ACT D 3 .  ? 4.248   4.405   16.677  1.00 41.15 ? 504 ACT A CH3 1 
HETATM 1612 C C   . ACT E 3 .  ? -5.684  -9.433  -13.561 1.00 37.99 ? 505 ACT B C   1 
HETATM 1613 O O   . ACT E 3 .  ? -6.385  -8.418  -13.717 1.00 38.68 ? 505 ACT B O   1 
HETATM 1614 O OXT . ACT E 3 .  ? -4.509  -9.210  -13.232 1.00 37.48 ? 505 ACT B OXT 1 
HETATM 1615 C CH3 . ACT E 3 .  ? -6.208  -10.823 -13.762 1.00 38.61 ? 505 ACT B CH3 1 
HETATM 1616 C C   . ACT F 3 .  ? 8.622   -18.228 -16.722 1.00 75.19 ? 506 ACT B C   1 
HETATM 1617 O O   . ACT F 3 .  ? 7.375   -18.141 -16.761 1.00 75.23 ? 506 ACT B O   1 
HETATM 1618 O OXT . ACT F 3 .  ? 9.240   -17.146 -16.598 1.00 75.16 ? 506 ACT B OXT 1 
HETATM 1619 C CH3 . ACT F 3 .  ? 9.326   -19.550 -16.816 1.00 75.15 ? 506 ACT B CH3 1 
HETATM 1620 O O   . HOH G 4 .  ? 5.647   -0.961  3.446   1.00 21.74 ? 505 HOH A O   1 
HETATM 1621 O O   . HOH G 4 .  ? 0.912   6.288   -3.823  1.00 20.05 ? 506 HOH A O   1 
HETATM 1622 O O   . HOH G 4 .  ? 2.644   7.746   10.290  1.00 23.73 ? 507 HOH A O   1 
HETATM 1623 O O   . HOH G 4 .  ? 7.546   8.860   1.369   1.00 30.07 ? 508 HOH A O   1 
HETATM 1624 O O   . HOH G 4 .  ? 3.212   -7.191  12.047  1.00 25.99 ? 509 HOH A O   1 
HETATM 1625 O O   . HOH G 4 .  ? 7.156   15.373  -6.323  1.00 33.45 ? 510 HOH A O   1 
HETATM 1626 O O   . HOH G 4 .  ? -1.705  -11.823 12.799  1.00 33.81 ? 511 HOH A O   1 
HETATM 1627 O O   . HOH G 4 .  ? -9.350  11.823  7.936   1.00 44.84 ? 512 HOH A O   1 
HETATM 1628 O O   . HOH G 4 .  ? -12.506 -8.904  -0.037  1.00 30.36 ? 513 HOH A O   1 
HETATM 1629 O O   . HOH G 4 .  ? -11.320 -6.483  1.535   1.00 37.33 ? 514 HOH A O   1 
HETATM 1630 O O   . HOH G 4 .  ? 1.221   18.546  21.359  1.00 51.19 ? 515 HOH A O   1 
HETATM 1631 O O   . HOH G 4 .  ? -7.733  10.169  18.927  1.00 38.32 ? 516 HOH A O   1 
HETATM 1632 O O   . HOH G 4 .  ? -2.126  -10.669 15.928  1.00 34.66 ? 517 HOH A O   1 
HETATM 1633 O O   . HOH G 4 .  ? 6.620   2.171   9.670   1.00 42.33 ? 518 HOH A O   1 
HETATM 1634 O O   . HOH G 4 .  ? 4.976   16.463  15.470  1.00 47.89 ? 519 HOH A O   1 
HETATM 1635 O O   . HOH G 4 .  ? -11.565 19.026  10.467  1.00 37.47 ? 520 HOH A O   1 
HETATM 1636 O O   . HOH G 4 .  ? -11.000 6.668   3.022   1.00 35.02 ? 521 HOH A O   1 
HETATM 1637 O O   . HOH G 4 .  ? -14.079 -2.791  0.616   1.00 39.44 ? 522 HOH A O   1 
HETATM 1638 O O   . HOH G 4 .  ? -2.899  21.561  15.546  1.00 48.30 ? 523 HOH A O   1 
HETATM 1639 O O   . HOH G 4 .  ? -12.802 -10.834 3.771   1.00 44.12 ? 524 HOH A O   1 
HETATM 1640 O O   . HOH G 4 .  ? 1.236   19.033  -1.169  1.00 32.43 ? 525 HOH A O   1 
HETATM 1641 O O   . HOH G 4 .  ? 3.975   9.299   17.748  1.00 34.23 ? 526 HOH A O   1 
HETATM 1642 O O   . HOH G 4 .  ? -6.039  -2.849  22.012  1.00 48.76 ? 527 HOH A O   1 
HETATM 1643 O O   . HOH G 4 .  ? 6.260   7.965   -10.009 1.00 30.84 ? 529 HOH A O   1 
HETATM 1644 O O   . HOH G 4 .  ? 6.328   1.203   1.860   1.00 25.88 ? 530 HOH A O   1 
HETATM 1645 O O   . HOH G 4 .  ? -12.664 -12.964 5.370   1.00 48.46 ? 532 HOH A O   1 
HETATM 1646 O O   . HOH G 4 .  ? -15.541 8.951   18.067  1.00 64.23 ? 534 HOH A O   1 
HETATM 1647 O O   . HOH G 4 .  ? -8.011  14.825  2.133   1.00 36.57 ? 535 HOH A O   1 
HETATM 1648 O O   . HOH G 4 .  ? -10.355 15.533  2.772   1.00 47.49 ? 536 HOH A O   1 
HETATM 1649 O O   . HOH G 4 .  ? -10.998 17.117  4.681   1.00 48.37 ? 537 HOH A O   1 
HETATM 1650 O O   . HOH G 4 .  ? -1.971  20.541  9.328   1.00 50.28 ? 538 HOH A O   1 
HETATM 1651 O O   . HOH G 4 .  ? -1.830  -19.584 -0.529  1.00 38.08 ? 539 HOH A O   1 
HETATM 1652 O O   . HOH H 4 .  ? -0.150  16.006  -8.861  1.00 45.11 ? 528 HOH B O   1 
HETATM 1653 O O   . HOH H 4 .  ? 6.232   10.715  -13.998 1.00 45.82 ? 529 HOH B O   1 
HETATM 1654 O O   . HOH H 4 .  ? 5.706   4.856   -18.649 1.00 59.15 ? 530 HOH B O   1 
HETATM 1655 O O   . HOH H 4 .  ? -6.456  -1.873  -2.119  1.00 17.63 ? 531 HOH B O   1 
HETATM 1656 O O   . HOH H 4 .  ? -6.237  0.728   -3.335  1.00 20.88 ? 532 HOH B O   1 
HETATM 1657 O O   . HOH H 4 .  ? -7.601  -12.547 -0.594  1.00 24.17 ? 533 HOH B O   1 
HETATM 1658 O O   . HOH H 4 .  ? -1.910  -4.562  -12.553 1.00 22.79 ? 534 HOH B O   1 
HETATM 1659 O O   . HOH H 4 .  ? -4.579  -15.218 -16.001 1.00 26.58 ? 535 HOH B O   1 
HETATM 1660 O O   . HOH H 4 .  ? 4.428   9.468   -15.974 1.00 30.75 ? 536 HOH B O   1 
HETATM 1661 O O   . HOH H 4 .  ? 8.719   -7.524  10.141  1.00 35.86 ? 537 HOH B O   1 
HETATM 1662 O O   . HOH H 4 .  ? 14.981  -4.592  -18.780 1.00 41.55 ? 538 HOH B O   1 
HETATM 1663 O O   . HOH H 4 .  ? -3.949  -9.944  -17.691 1.00 38.84 ? 539 HOH B O   1 
HETATM 1664 O O   . HOH H 4 .  ? 8.109   -7.523  6.547   1.00 35.20 ? 540 HOH B O   1 
HETATM 1665 O O   . HOH H 4 .  ? 11.399  -3.157  -5.306  1.00 35.91 ? 541 HOH B O   1 
HETATM 1666 O O   . HOH H 4 .  ? 11.305  -4.023  -12.165 1.00 41.49 ? 542 HOH B O   1 
HETATM 1667 O O   . HOH H 4 .  ? -7.512  -5.379  -7.931  1.00 33.78 ? 543 HOH B O   1 
HETATM 1668 O O   . HOH H 4 .  ? 9.529   -16.677 -6.166  1.00 40.55 ? 544 HOH B O   1 
HETATM 1669 O O   . HOH H 4 .  ? -8.279  0.892   -9.765  1.00 40.41 ? 545 HOH B O   1 
HETATM 1670 O O   . HOH H 4 .  ? -6.440  -11.239 -10.849 1.00 35.99 ? 546 HOH B O   1 
HETATM 1671 O O   . HOH H 4 .  ? 15.012  -5.493  -7.754  1.00 46.07 ? 547 HOH B O   1 
HETATM 1672 O O   . HOH H 4 .  ? -4.484  -4.470  -13.055 1.00 42.67 ? 548 HOH B O   1 
HETATM 1673 O O   . HOH H 4 .  ? 6.858   -14.072 -16.966 1.00 32.50 ? 549 HOH B O   1 
HETATM 1674 O O   . HOH H 4 .  ? 11.571  3.800   -11.299 1.00 34.94 ? 550 HOH B O   1 
HETATM 1675 O O   . HOH H 4 .  ? -4.328  -16.641 3.653   1.00 29.66 ? 551 HOH B O   1 
HETATM 1676 O O   . HOH H 4 .  ? -8.897  -10.518 -8.092  1.00 41.21 ? 552 HOH B O   1 
HETATM 1677 O O   . HOH H 4 .  ? 7.197   -5.110  -24.977 1.00 41.98 ? 553 HOH B O   1 
HETATM 1678 O O   . HOH H 4 .  ? 11.514  -13.342 -0.108  1.00 50.09 ? 554 HOH B O   1 
HETATM 1679 O O   . HOH H 4 .  ? -1.790  -19.534 -7.089  1.00 45.54 ? 555 HOH B O   1 
HETATM 1680 O O   . HOH H 4 .  ? -2.704  13.639  -3.832  1.00 54.28 ? 556 HOH B O   1 
HETATM 1681 O O   . HOH H 4 .  ? -5.447  1.777   -9.872  1.00 49.52 ? 557 HOH B O   1 
HETATM 1682 O O   . HOH H 4 .  ? -5.240  4.419   -9.775  1.00 37.73 ? 558 HOH B O   1 
HETATM 1683 O O   . HOH H 4 .  ? 8.047   -11.669 8.866   1.00 39.63 ? 559 HOH B O   1 
HETATM 1684 O O   . HOH H 4 .  ? 12.082  -6.048  4.193   1.00 44.72 ? 560 HOH B O   1 
HETATM 1685 O O   . HOH H 4 .  ? 7.618   -16.495 -13.677 1.00 48.67 ? 561 HOH B O   1 
HETATM 1686 O O   . HOH H 4 .  ? 0.486   -7.924  -23.089 1.00 44.64 ? 562 HOH B O   1 
HETATM 1687 O O   . HOH H 4 .  ? -2.207  -4.738  -22.798 1.00 41.90 ? 563 HOH B O   1 
HETATM 1688 O O   . HOH H 4 .  ? -5.851  5.194   -18.641 1.00 40.52 ? 564 HOH B O   1 
HETATM 1689 O O   . HOH H 4 .  ? 2.875   -18.166 -12.680 1.00 50.27 ? 565 HOH B O   1 
HETATM 1690 O O   . HOH H 4 .  ? -5.207  -2.744  -15.031 1.00 46.82 ? 566 HOH B O   1 
HETATM 1691 O O   . HOH H 4 .  ? 8.679   -1.248  -26.118 1.00 57.95 ? 567 HOH B O   1 
HETATM 1692 O O   . HOH H 4 .  ? 6.380   0.437   -21.636 1.00 37.25 ? 568 HOH B O   1 
HETATM 1693 O O   . HOH H 4 .  ? 13.452  -3.838  -10.229 1.00 45.92 ? 569 HOH B O   1 
# 
